data_3SJC
#
_entry.id   3SJC
#
_cell.length_a   65.071
_cell.length_b   112.243
_cell.length_c   135.978
_cell.angle_alpha   90.00
_cell.angle_beta   103.82
_cell.angle_gamma   90.00
#
_symmetry.space_group_name_H-M   'P 1 21 1'
#
loop_
_entity.id
_entity.type
_entity.pdbx_description
1 polymer 'ATPase GET3'
2 polymer 'Golgi to ER traffic protein 1'
3 non-polymer 'ZINC ION'
#
loop_
_entity_poly.entity_id
_entity_poly.type
_entity_poly.pdbx_seq_one_letter_code
_entity_poly.pdbx_strand_id
1 'polypeptide(L)'
;MDLTVEPNLHSLITSTTHKWIFVGGKGGVGKTTSSCSIAIQMALSQPNKQFLLISTDPAHNLSDAFGEKFGKDARKVTGM
NNLSCMEIDPSAALKDMNDMAVSRANNNGSDGQGDDLGSLLQGGALADLTGSIPGIDEALSFMEVMKHIKRQEQGEGETF
DTVIFDTAPTGHTLRFLQLPNTLSKLLEKFGEITNKLGPMLNSFMGAGNVDISGKLNELKANVETIRQQFTDPDLTTFVC
VCISEFLSLYETERLIQELISYDMDVNSIIVNQLLFAENDQEHNCKRCQARWKMQKKYLDQIDELYEDFHVVKMPLCAGE
IRGLNNLTKFSQFLNKEYNPITDGKVIYELEDKELEHHHHHH
;
A,B,E,F
2 'polypeptide(L)' MNELSKKYLAKVKERHELKEFNNSISAQDNYAKWTKNNRKLDSLDKEINNLKDEIQSENHHHHHH C,D,G,H
#
loop_
_chem_comp.id
_chem_comp.type
_chem_comp.name
_chem_comp.formula
ZN non-polymer 'ZINC ION' 'Zn 2'
#
# COMPACT_ATOMS: atom_id res chain seq x y z
N THR A 4 20.95 49.53 12.68
CA THR A 4 20.22 48.27 12.65
C THR A 4 19.80 47.83 14.05
N VAL A 5 18.55 47.41 14.22
CA VAL A 5 18.02 46.99 15.52
C VAL A 5 18.47 45.60 15.97
N GLU A 6 19.23 45.58 17.07
CA GLU A 6 19.68 44.34 17.70
C GLU A 6 18.64 43.20 17.60
N PRO A 7 19.06 42.02 17.10
CA PRO A 7 18.20 40.88 16.81
C PRO A 7 18.00 40.00 18.06
N ASN A 8 17.55 40.62 19.14
CA ASN A 8 17.34 39.85 20.33
C ASN A 8 16.41 40.56 21.26
N LEU A 9 16.35 40.04 22.49
CA LEU A 9 15.47 40.56 23.51
C LEU A 9 16.24 41.08 24.70
N HIS A 10 17.51 41.43 24.49
CA HIS A 10 18.31 41.94 25.60
C HIS A 10 17.76 43.22 26.23
N SER A 11 17.44 44.21 25.40
CA SER A 11 16.78 45.43 25.88
C SER A 11 15.63 45.15 26.86
N LEU A 12 14.79 44.15 26.57
CA LEU A 12 13.60 43.87 27.37
C LEU A 12 13.95 43.04 28.59
N ILE A 13 14.71 41.97 28.37
CA ILE A 13 15.17 41.11 29.44
C ILE A 13 15.94 41.86 30.52
N THR A 14 16.33 43.10 30.21
CA THR A 14 16.99 43.96 31.21
C THR A 14 16.25 45.25 31.47
N SER A 15 14.94 45.27 31.25
CA SER A 15 14.16 46.51 31.39
C SER A 15 14.11 46.94 32.83
N THR A 16 13.87 48.22 33.05
CA THR A 16 13.65 48.74 34.39
C THR A 16 12.40 49.61 34.45
N THR A 17 11.51 49.43 33.47
CA THR A 17 10.25 50.14 33.44
C THR A 17 9.04 49.21 33.25
N HIS A 18 9.29 47.97 32.87
CA HIS A 18 8.20 47.12 32.40
C HIS A 18 7.54 46.35 33.48
N LYS A 19 6.25 46.61 33.67
CA LYS A 19 5.49 45.98 34.74
C LYS A 19 4.63 44.88 34.16
N TRP A 20 4.32 45.02 32.87
CA TRP A 20 3.52 44.03 32.15
C TRP A 20 4.13 43.61 30.81
N ILE A 21 4.24 42.32 30.56
CA ILE A 21 4.67 41.87 29.24
C ILE A 21 3.78 40.76 28.70
N PHE A 22 2.82 41.12 27.84
CA PHE A 22 2.03 40.15 27.10
C PHE A 22 2.84 39.38 26.08
N VAL A 23 2.38 38.18 25.72
CA VAL A 23 3.14 37.35 24.80
C VAL A 23 2.24 36.47 23.94
N GLY A 24 1.75 37.02 22.84
CA GLY A 24 0.76 36.36 22.00
C GLY A 24 1.25 35.66 20.77
N GLY A 25 0.31 35.05 20.06
CA GLY A 25 0.59 34.33 18.82
C GLY A 25 -0.24 33.07 18.67
N LYS A 26 -1.11 33.06 17.67
CA LYS A 26 -1.97 31.90 17.46
C LYS A 26 -1.16 30.89 16.67
N GLY A 27 -1.50 29.62 16.83
CA GLY A 27 -0.80 28.54 16.14
C GLY A 27 0.12 27.71 17.01
N GLY A 28 0.55 26.58 16.49
CA GLY A 28 1.54 25.76 17.17
C GLY A 28 2.90 26.36 16.93
N VAL A 29 3.29 27.27 17.80
CA VAL A 29 4.36 28.18 17.46
C VAL A 29 5.46 28.16 18.52
N GLY A 30 5.43 27.15 19.40
CA GLY A 30 6.42 27.00 20.43
C GLY A 30 6.35 28.20 21.37
N LYS A 31 5.20 28.86 21.35
CA LYS A 31 5.02 30.05 22.17
C LYS A 31 5.16 29.78 23.64
N THR A 32 4.58 28.69 24.13
CA THR A 32 4.61 28.42 25.56
C THR A 32 6.03 28.27 26.01
N THR A 33 6.90 27.73 25.17
CA THR A 33 8.30 27.71 25.53
C THR A 33 8.89 29.11 25.46
N SER A 34 8.30 29.96 24.64
CA SER A 34 8.81 31.31 24.54
C SER A 34 8.49 32.11 25.80
N SER A 35 7.28 31.96 26.32
CA SER A 35 6.91 32.79 27.45
C SER A 35 7.82 32.42 28.60
N CYS A 36 8.04 31.10 28.74
CA CYS A 36 8.85 30.58 29.83
C CYS A 36 10.29 31.08 29.74
N SER A 37 10.93 30.91 28.59
CA SER A 37 12.28 31.45 28.41
C SER A 37 12.37 32.90 28.87
N ILE A 38 11.56 33.78 28.28
CA ILE A 38 11.57 35.17 28.70
C ILE A 38 11.47 35.31 30.23
N ALA A 39 10.44 34.73 30.85
CA ALA A 39 10.26 34.82 32.29
C ALA A 39 11.53 34.35 32.99
N ILE A 40 12.01 33.19 32.58
CA ILE A 40 13.22 32.64 33.16
C ILE A 40 14.38 33.62 33.03
N GLN A 41 14.56 34.18 31.84
CA GLN A 41 15.71 35.06 31.61
C GLN A 41 15.68 36.36 32.39
N MET A 42 14.57 37.09 32.36
CA MET A 42 14.42 38.26 33.22
C MET A 42 14.81 37.98 34.67
N ALA A 43 14.31 36.88 35.23
CA ALA A 43 14.58 36.54 36.62
C ALA A 43 16.04 36.20 36.92
N LEU A 44 16.82 35.91 35.90
CA LEU A 44 18.25 35.70 36.12
C LEU A 44 19.02 37.00 35.99
N SER A 45 18.38 38.00 35.38
CA SER A 45 19.03 39.25 35.05
C SER A 45 18.64 40.33 36.00
N GLN A 46 17.66 40.05 36.85
CA GLN A 46 17.20 41.00 37.86
C GLN A 46 16.69 40.24 39.08
N PRO A 47 17.62 39.66 39.87
CA PRO A 47 17.18 38.77 40.95
C PRO A 47 16.46 39.58 41.99
N ASN A 48 16.92 40.81 42.16
CA ASN A 48 16.33 41.70 43.14
C ASN A 48 14.95 42.16 42.70
N LYS A 49 14.38 41.45 41.73
CA LYS A 49 13.02 41.71 41.26
C LYS A 49 12.16 40.43 41.31
N GLN A 50 10.86 40.58 41.55
CA GLN A 50 9.96 39.43 41.65
C GLN A 50 9.05 39.27 40.42
N PHE A 51 9.33 38.26 39.60
CA PHE A 51 8.53 38.04 38.39
C PHE A 51 7.40 37.00 38.50
N LEU A 52 6.25 37.36 37.93
CA LEU A 52 5.09 36.48 37.91
C LEU A 52 4.68 36.16 36.48
N LEU A 53 4.61 34.87 36.16
CA LEU A 53 4.20 34.42 34.84
C LEU A 53 2.85 33.74 34.94
N ILE A 54 1.82 34.29 34.32
CA ILE A 54 0.50 33.66 34.42
C ILE A 54 -0.06 33.13 33.10
N SER A 55 -0.95 32.14 33.20
CA SER A 55 -1.65 31.53 32.07
C SER A 55 -3.15 31.42 32.36
N THR A 56 -3.96 31.82 31.39
CA THR A 56 -5.38 31.50 31.48
C THR A 56 -5.65 30.24 30.65
N ASP A 57 -4.61 29.71 30.03
CA ASP A 57 -4.75 28.49 29.25
C ASP A 57 -5.28 27.40 30.17
N PRO A 58 -6.43 26.84 29.84
CA PRO A 58 -7.06 25.92 30.78
C PRO A 58 -6.53 24.50 30.70
N ALA A 59 -5.46 24.24 29.95
CA ALA A 59 -4.80 22.93 30.00
C ALA A 59 -3.51 23.01 30.82
N HIS A 60 -3.37 24.12 31.54
CA HIS A 60 -2.31 24.27 32.53
C HIS A 60 -0.97 23.92 31.89
N ASN A 61 -0.63 24.68 30.85
CA ASN A 61 0.57 24.47 30.05
C ASN A 61 1.81 24.81 30.83
N LEU A 62 1.73 25.94 31.51
CA LEU A 62 2.83 26.35 32.36
C LEU A 62 3.26 25.15 33.20
N SER A 63 2.32 24.31 33.61
CA SER A 63 2.69 23.10 34.33
C SER A 63 3.36 22.07 33.41
N ASP A 64 2.70 21.77 32.29
CA ASP A 64 3.28 20.82 31.37
C ASP A 64 4.74 21.19 31.07
N ALA A 65 4.97 22.47 30.79
CA ALA A 65 6.28 22.99 30.42
C ALA A 65 7.34 22.77 31.49
N PHE A 66 7.07 23.23 32.71
CA PHE A 66 8.03 23.05 33.80
C PHE A 66 8.15 21.61 34.29
N GLY A 67 7.12 20.80 34.00
CA GLY A 67 7.06 19.42 34.45
C GLY A 67 6.89 19.41 35.95
N GLU A 68 6.07 20.36 36.42
CA GLU A 68 5.81 20.57 37.83
C GLU A 68 4.40 21.19 37.89
N LYS A 69 3.65 20.97 38.97
CA LYS A 69 2.21 21.28 38.94
C LYS A 69 1.74 22.57 39.62
N PHE A 70 1.65 23.66 38.88
CA PHE A 70 1.18 24.90 39.47
C PHE A 70 -0.33 24.91 39.70
N GLY A 71 -0.85 26.10 40.03
CA GLY A 71 -2.25 26.29 40.35
C GLY A 71 -2.68 27.72 40.57
N LYS A 72 -3.83 27.90 41.22
CA LYS A 72 -4.51 29.20 41.32
C LYS A 72 -3.82 30.21 42.19
N ASP A 73 -2.94 29.74 43.08
CA ASP A 73 -2.21 30.63 43.97
C ASP A 73 -0.76 30.69 43.52
N ALA A 74 -0.33 31.88 43.16
CA ALA A 74 1.06 32.11 42.80
C ALA A 74 1.95 31.21 43.62
N ARG A 75 2.93 30.57 42.96
CA ARG A 75 3.85 29.63 43.60
C ARG A 75 5.22 29.72 42.89
N LYS A 76 6.30 29.65 43.66
CA LYS A 76 7.62 29.81 43.07
C LYS A 76 8.01 28.57 42.27
N VAL A 77 8.78 28.73 41.21
CA VAL A 77 9.23 27.56 40.44
C VAL A 77 10.30 26.79 41.19
N THR A 78 10.11 25.49 41.43
CA THR A 78 11.21 24.78 42.05
C THR A 78 12.45 24.90 41.20
N GLY A 79 13.36 25.76 41.62
CA GLY A 79 14.66 25.85 40.99
C GLY A 79 15.15 27.27 40.98
N MET A 80 14.34 28.17 41.53
CA MET A 80 14.57 29.60 41.37
C MET A 80 13.81 30.34 42.46
N ASN A 81 14.22 31.56 42.79
CA ASN A 81 13.58 32.30 43.89
C ASN A 81 12.96 33.67 43.59
N ASN A 82 12.63 33.93 42.33
CA ASN A 82 11.93 35.16 41.97
C ASN A 82 10.89 34.97 40.87
N LEU A 83 10.86 33.76 40.33
CA LEU A 83 9.92 33.41 39.25
C LEU A 83 8.72 32.60 39.77
N SER A 84 7.52 33.11 39.53
CA SER A 84 6.33 32.45 40.04
C SER A 84 5.28 32.21 38.94
N CYS A 85 5.04 30.95 38.63
CA CYS A 85 3.95 30.59 37.76
C CYS A 85 2.60 30.61 38.47
N MET A 86 1.58 31.00 37.73
CA MET A 86 0.22 30.90 38.21
C MET A 86 -0.65 30.44 37.05
N GLU A 87 -1.45 29.40 37.28
CA GLU A 87 -2.38 28.90 36.28
C GLU A 87 -3.79 29.04 36.83
N ILE A 88 -4.64 29.79 36.12
CA ILE A 88 -5.98 30.11 36.60
C ILE A 88 -6.90 30.21 35.43
N ASP A 89 -8.18 30.38 35.74
CA ASP A 89 -9.22 30.40 34.73
C ASP A 89 -10.30 31.39 35.14
N PRO A 90 -10.39 32.51 34.40
CA PRO A 90 -11.25 33.65 34.68
C PRO A 90 -12.70 33.26 34.47
N SER A 91 -12.98 32.58 33.37
CA SER A 91 -14.33 32.15 33.07
C SER A 91 -14.96 31.44 34.29
N ALA A 92 -14.33 30.37 34.75
CA ALA A 92 -14.79 29.67 35.93
C ALA A 92 -15.01 30.62 37.12
N ALA A 93 -13.99 31.41 37.43
CA ALA A 93 -14.04 32.35 38.55
C ALA A 93 -15.09 33.45 38.36
N LEU A 94 -15.43 33.73 37.11
CA LEU A 94 -16.33 34.82 36.74
C LEU A 94 -17.80 34.42 36.93
N GLY A 131 -26.74 40.87 27.29
CA GLY A 131 -25.52 41.66 27.43
C GLY A 131 -24.44 41.25 26.45
N SER A 132 -24.86 40.96 25.21
CA SER A 132 -23.94 40.48 24.19
C SER A 132 -23.15 41.61 23.54
N ILE A 133 -22.77 42.61 24.34
CA ILE A 133 -21.92 43.70 23.85
C ILE A 133 -20.50 43.20 23.58
N PRO A 134 -19.85 43.76 22.55
CA PRO A 134 -18.46 43.41 22.24
C PRO A 134 -17.46 44.04 23.21
N GLY A 135 -16.88 43.22 24.08
CA GLY A 135 -15.88 43.68 25.04
C GLY A 135 -16.21 43.27 26.47
N ILE A 136 -17.49 43.10 26.74
CA ILE A 136 -17.96 42.74 28.08
C ILE A 136 -17.17 41.59 28.68
N ASP A 137 -17.44 40.38 28.20
CA ASP A 137 -16.81 39.18 28.73
C ASP A 137 -15.33 39.44 29.00
N GLU A 138 -14.64 39.91 27.97
CA GLU A 138 -13.19 40.10 28.01
C GLU A 138 -12.75 41.00 29.16
N ALA A 139 -13.41 42.14 29.31
CA ALA A 139 -13.13 43.05 30.40
C ALA A 139 -13.31 42.36 31.75
N LEU A 140 -14.56 42.03 32.09
CA LEU A 140 -14.84 41.41 33.38
C LEU A 140 -13.83 40.31 33.66
N SER A 141 -13.56 39.49 32.63
CA SER A 141 -12.59 38.41 32.74
C SER A 141 -11.23 38.92 33.21
N PHE A 142 -10.49 39.55 32.31
CA PHE A 142 -9.18 40.11 32.64
C PHE A 142 -9.21 40.81 33.99
N MET A 143 -10.14 41.76 34.10
CA MET A 143 -10.45 42.42 35.35
C MET A 143 -10.34 41.44 36.53
N GLU A 144 -11.07 40.32 36.45
CA GLU A 144 -11.05 39.32 37.50
C GLU A 144 -9.63 38.83 37.73
N VAL A 145 -8.93 38.55 36.64
CA VAL A 145 -7.52 38.20 36.72
C VAL A 145 -6.77 39.17 37.63
N MET A 146 -6.73 40.45 37.24
CA MET A 146 -6.01 41.45 38.05
C MET A 146 -6.44 41.44 39.52
N LYS A 147 -7.73 41.64 39.76
CA LYS A 147 -8.24 41.54 41.11
C LYS A 147 -7.55 40.37 41.77
N HIS A 148 -7.53 39.24 41.08
CA HIS A 148 -7.02 38.00 41.63
C HIS A 148 -5.49 37.95 41.73
N ILE A 149 -4.81 38.81 40.98
CA ILE A 149 -3.36 38.86 41.11
C ILE A 149 -3.01 39.63 42.37
N LYS A 150 -3.74 40.73 42.61
CA LYS A 150 -3.50 41.55 43.79
C LYS A 150 -3.83 40.78 45.08
N ARG A 151 -4.85 39.95 45.02
CA ARG A 151 -5.16 39.11 46.18
C ARG A 151 -3.92 38.30 46.47
N GLN A 152 -3.36 37.74 45.43
CA GLN A 152 -2.15 36.95 45.56
C GLN A 152 -0.99 37.75 46.15
N GLU A 153 -1.07 39.08 46.11
CA GLU A 153 -0.01 39.94 46.61
C GLU A 153 -0.24 40.42 48.04
N GLN A 154 -1.46 40.86 48.34
CA GLN A 154 -1.80 41.28 49.69
C GLN A 154 -1.62 40.14 50.68
N GLY A 155 -2.59 39.21 50.66
CA GLY A 155 -2.59 38.07 51.55
C GLY A 155 -1.24 37.40 51.66
N GLU A 156 -0.39 37.62 50.65
CA GLU A 156 0.97 37.12 50.67
C GLU A 156 1.85 37.92 51.63
N GLY A 157 2.19 39.14 51.22
CA GLY A 157 3.13 39.96 51.95
C GLY A 157 4.22 40.51 51.01
N GLU A 158 4.82 39.61 50.24
CA GLU A 158 5.79 40.00 49.21
C GLU A 158 5.06 40.18 47.89
N THR A 159 5.67 40.89 46.95
CA THR A 159 4.91 41.40 45.81
C THR A 159 5.64 41.37 44.45
N PHE A 160 4.84 41.30 43.38
CA PHE A 160 5.34 41.04 42.04
C PHE A 160 5.75 42.29 41.27
N ASP A 161 7.01 42.35 40.86
CA ASP A 161 7.55 43.48 40.08
C ASP A 161 6.99 43.54 38.68
N THR A 162 7.39 42.57 37.87
CA THR A 162 7.00 42.51 36.48
C THR A 162 6.30 41.20 36.15
N VAL A 163 5.07 41.31 35.65
CA VAL A 163 4.24 40.13 35.37
C VAL A 163 4.15 39.87 33.88
N ILE A 164 4.33 38.62 33.48
CA ILE A 164 4.25 38.20 32.08
C ILE A 164 2.97 37.44 31.74
N PHE A 165 2.26 37.91 30.74
CA PHE A 165 1.04 37.26 30.29
C PHE A 165 1.27 36.34 29.08
N ASP A 166 0.99 35.06 29.28
CA ASP A 166 1.09 34.09 28.22
C ASP A 166 -0.30 33.93 27.67
N THR A 167 -0.58 34.69 26.62
CA THR A 167 -1.91 34.81 26.01
C THR A 167 -2.56 33.46 25.70
N ALA A 168 -3.89 33.44 25.78
CA ALA A 168 -4.66 32.20 25.64
C ALA A 168 -4.47 31.48 24.31
N PRO A 169 -4.67 30.16 24.31
CA PRO A 169 -4.62 29.40 23.06
C PRO A 169 -5.80 29.79 22.19
N THR A 170 -6.79 30.46 22.75
CA THR A 170 -7.90 30.99 21.97
C THR A 170 -7.75 32.49 21.75
N GLY A 171 -6.52 32.96 21.60
CA GLY A 171 -6.29 34.38 21.40
C GLY A 171 -6.19 35.22 22.65
N HIS A 172 -5.69 36.45 22.50
CA HIS A 172 -5.57 37.40 23.59
C HIS A 172 -6.91 38.10 23.84
N THR A 173 -7.22 38.40 25.10
CA THR A 173 -8.46 39.09 25.42
C THR A 173 -8.39 40.62 25.26
N LEU A 174 -7.39 41.10 24.52
CA LEU A 174 -7.02 42.51 24.53
C LEU A 174 -8.01 43.41 23.80
N ARG A 175 -9.13 42.85 23.36
CA ARG A 175 -10.13 43.65 22.65
C ARG A 175 -10.78 44.62 23.63
N PHE A 176 -10.67 44.31 24.92
CA PHE A 176 -11.35 45.12 25.92
C PHE A 176 -10.68 46.49 26.04
N LEU A 177 -9.50 46.62 25.47
CA LEU A 177 -8.77 47.87 25.50
C LEU A 177 -9.60 48.99 24.90
N GLN A 178 -10.42 48.65 23.93
CA GLN A 178 -11.20 49.66 23.23
C GLN A 178 -12.66 49.64 23.67
N LEU A 179 -12.90 49.26 24.92
CA LEU A 179 -14.26 49.17 25.43
C LEU A 179 -14.94 50.53 25.56
N PRO A 180 -14.35 51.44 26.34
CA PRO A 180 -14.99 52.74 26.63
C PRO A 180 -15.39 53.52 25.37
N ASN A 181 -14.61 53.40 24.30
CA ASN A 181 -14.95 54.06 23.04
C ASN A 181 -16.33 53.60 22.55
N THR A 182 -16.41 52.36 22.10
CA THR A 182 -17.67 51.80 21.62
C THR A 182 -18.73 51.86 22.71
N LEU A 183 -18.30 52.13 23.94
CA LEU A 183 -19.23 52.31 25.05
C LEU A 183 -20.10 53.53 24.79
N SER A 184 -19.55 54.71 25.06
CA SER A 184 -20.25 55.95 24.78
C SER A 184 -20.68 56.02 23.32
N LEU A 216 -22.64 50.51 35.84
CA LEU A 216 -22.11 50.39 34.48
C LEU A 216 -20.76 51.09 34.35
N ASN A 217 -20.70 52.32 34.84
CA ASN A 217 -19.48 53.12 34.83
C ASN A 217 -18.46 52.59 35.84
N GLU A 218 -18.95 51.90 36.86
CA GLU A 218 -18.09 51.20 37.81
C GLU A 218 -17.08 50.34 37.04
N LEU A 219 -17.45 49.93 35.83
CA LEU A 219 -16.59 49.11 34.98
C LEU A 219 -15.74 49.96 34.03
N LYS A 220 -16.40 50.72 33.18
CA LYS A 220 -15.70 51.61 32.27
C LYS A 220 -14.64 52.40 33.04
N ALA A 221 -14.83 52.53 34.35
CA ALA A 221 -13.88 53.24 35.22
C ALA A 221 -12.62 52.42 35.49
N ASN A 222 -12.81 51.13 35.73
CA ASN A 222 -11.68 50.24 35.99
C ASN A 222 -10.84 50.09 34.73
N VAL A 223 -11.50 49.80 33.61
CA VAL A 223 -10.84 49.64 32.31
C VAL A 223 -9.84 50.75 32.03
N GLU A 224 -10.33 51.99 32.06
CA GLU A 224 -9.49 53.17 31.84
C GLU A 224 -8.22 53.09 32.68
N THR A 225 -8.37 52.80 33.97
CA THR A 225 -7.24 52.77 34.90
C THR A 225 -6.13 51.88 34.37
N ILE A 226 -6.53 50.74 33.82
CA ILE A 226 -5.59 49.81 33.24
C ILE A 226 -5.14 50.29 31.87
N ARG A 227 -6.10 50.53 30.97
CA ARG A 227 -5.77 51.01 29.62
C ARG A 227 -4.65 52.05 29.66
N GLN A 228 -4.82 53.05 30.51
CA GLN A 228 -3.79 54.04 30.76
C GLN A 228 -2.43 53.36 30.90
N GLN A 229 -2.39 52.32 31.73
CA GLN A 229 -1.12 51.68 32.09
C GLN A 229 -0.56 50.70 31.03
N PHE A 230 -1.42 50.16 30.17
CA PHE A 230 -0.99 49.25 29.10
C PHE A 230 -0.54 50.00 27.86
N THR A 231 -0.86 51.29 27.86
CA THR A 231 -0.53 52.19 26.78
C THR A 231 0.90 52.73 26.90
N ASP A 232 1.35 52.94 28.12
CA ASP A 232 2.68 53.46 28.35
C ASP A 232 3.74 52.42 27.94
N PRO A 233 4.43 52.70 26.83
CA PRO A 233 5.42 51.86 26.13
C PRO A 233 6.60 51.50 26.98
N ASP A 234 6.83 52.24 28.06
CA ASP A 234 7.90 51.92 28.98
C ASP A 234 7.39 50.89 30.00
N LEU A 235 6.08 50.95 30.26
CA LEU A 235 5.42 50.07 31.21
C LEU A 235 5.11 48.71 30.65
N THR A 236 4.68 48.69 29.40
CA THR A 236 4.11 47.49 28.82
C THR A 236 4.27 47.41 27.30
N THR A 237 4.66 46.22 26.86
CA THR A 237 4.89 45.89 25.47
C THR A 237 4.32 44.48 25.25
N PHE A 238 4.18 44.07 23.99
CA PHE A 238 3.66 42.75 23.60
C PHE A 238 4.72 42.05 22.75
N VAL A 239 5.07 40.81 23.07
CA VAL A 239 6.01 40.06 22.25
C VAL A 239 5.20 39.12 21.34
N CYS A 240 5.43 39.21 20.04
CA CYS A 240 4.74 38.34 19.10
C CYS A 240 5.54 37.04 18.90
N VAL A 241 4.87 35.87 18.90
CA VAL A 241 5.56 34.61 18.52
C VAL A 241 5.06 34.08 17.17
N CYS A 242 5.92 33.39 16.42
CA CYS A 242 5.61 32.97 15.03
C CYS A 242 6.64 31.99 14.41
N ILE A 243 6.31 31.44 13.23
CA ILE A 243 7.25 30.56 12.54
C ILE A 243 7.42 31.02 11.13
N SER A 244 8.45 30.54 10.44
CA SER A 244 8.76 31.17 9.16
C SER A 244 7.91 30.60 8.02
N GLU A 245 6.65 31.05 7.96
CA GLU A 245 5.65 30.37 7.16
C GLU A 245 4.55 31.36 6.79
N PHE A 246 4.04 31.23 5.56
CA PHE A 246 3.20 32.29 5.03
C PHE A 246 2.04 32.47 5.96
N LEU A 247 1.28 31.39 6.16
CA LEU A 247 0.12 31.42 7.04
C LEU A 247 0.43 32.05 8.43
N SER A 248 1.41 31.51 9.14
CA SER A 248 1.79 32.12 10.41
C SER A 248 2.03 33.63 10.28
N LEU A 249 3.02 34.03 9.48
CA LEU A 249 3.40 35.45 9.34
C LEU A 249 2.19 36.31 9.05
N TYR A 250 1.42 35.90 8.03
CA TYR A 250 0.22 36.62 7.64
C TYR A 250 -0.53 37.03 8.91
N GLU A 251 -1.00 36.04 9.66
CA GLU A 251 -1.53 36.19 11.02
C GLU A 251 -0.70 37.11 11.95
N THR A 252 0.62 36.95 11.95
CA THR A 252 1.40 37.79 12.84
C THR A 252 1.23 39.26 12.50
N GLU A 253 1.34 39.62 11.22
CA GLU A 253 1.06 41.01 10.80
C GLU A 253 -0.33 41.45 11.18
N ARG A 254 -1.34 40.66 10.81
CA ARG A 254 -2.71 40.93 11.17
C ARG A 254 -2.79 41.24 12.66
N LEU A 255 -1.99 40.52 13.45
CA LEU A 255 -1.93 40.74 14.89
C LEU A 255 -1.37 42.13 15.21
N ILE A 256 -0.14 42.38 14.78
CA ILE A 256 0.45 43.70 14.96
C ILE A 256 -0.49 44.88 14.62
N GLN A 257 -1.25 44.74 13.54
CA GLN A 257 -2.24 45.75 13.21
C GLN A 257 -3.18 45.94 14.37
N GLU A 258 -3.88 44.89 14.77
CA GLU A 258 -4.82 44.99 15.89
C GLU A 258 -4.13 45.55 17.14
N LEU A 259 -2.99 44.99 17.51
CA LEU A 259 -2.30 45.47 18.71
C LEU A 259 -2.14 46.99 18.70
N ILE A 260 -1.72 47.53 17.55
CA ILE A 260 -1.60 48.99 17.36
C ILE A 260 -2.97 49.69 17.34
N SER A 261 -3.99 49.00 16.85
CA SER A 261 -5.33 49.55 16.90
C SER A 261 -5.63 50.02 18.33
N TYR A 262 -4.81 49.58 19.27
CA TYR A 262 -5.11 49.70 20.68
C TYR A 262 -4.21 50.71 21.39
N ASP A 263 -3.08 51.00 20.78
CA ASP A 263 -2.08 51.90 21.34
C ASP A 263 -1.20 51.13 22.30
N MET A 264 -0.88 49.92 21.88
CA MET A 264 -0.09 48.98 22.64
C MET A 264 1.32 48.87 22.04
N ASP A 265 2.36 49.14 22.80
CA ASP A 265 3.71 49.00 22.24
C ASP A 265 3.97 47.55 21.78
N VAL A 266 4.58 47.41 20.61
CA VAL A 266 5.02 46.09 20.14
C VAL A 266 6.22 46.27 19.23
N ASN A 267 7.36 45.74 19.65
CA ASN A 267 8.62 46.02 18.95
C ASN A 267 9.48 44.78 18.91
N SER A 268 8.86 43.64 19.20
CA SER A 268 9.61 42.41 19.29
C SER A 268 8.83 41.28 18.62
N ILE A 269 9.56 40.38 17.98
CA ILE A 269 8.94 39.27 17.31
C ILE A 269 9.88 38.08 17.49
N ILE A 270 9.37 36.99 18.05
CA ILE A 270 10.17 35.80 18.20
C ILE A 270 9.78 34.79 17.15
N VAL A 271 10.76 34.41 16.33
CA VAL A 271 10.53 33.45 15.27
C VAL A 271 11.14 32.09 15.65
N ASN A 272 10.27 31.10 15.88
CA ASN A 272 10.73 29.81 16.38
C ASN A 272 10.84 28.74 15.29
N GLN A 273 11.55 27.66 15.60
CA GLN A 273 11.57 26.44 14.78
C GLN A 273 12.46 26.41 13.54
N LEU A 274 13.25 27.44 13.31
CA LEU A 274 14.10 27.49 12.14
C LEU A 274 15.20 26.40 12.15
N LEU A 275 15.34 25.65 11.06
CA LEU A 275 16.30 24.54 10.97
C LEU A 275 17.78 24.91 10.78
N PHE A 276 18.05 26.05 10.16
CA PHE A 276 19.42 26.43 9.81
C PHE A 276 20.23 25.34 9.09
N ALA A 277 19.57 24.44 8.36
CA ALA A 277 20.21 23.24 7.80
C ALA A 277 21.37 23.48 6.84
N GLU A 278 22.59 23.49 7.38
CA GLU A 278 23.79 23.62 6.55
C GLU A 278 24.46 22.27 6.34
N CYS A 285 18.26 14.45 6.85
CA CYS A 285 17.60 13.87 5.69
C CYS A 285 17.31 14.93 4.63
N LYS A 286 16.25 14.73 3.86
CA LYS A 286 16.01 15.56 2.69
C LYS A 286 14.71 16.33 2.78
N ARG A 287 14.00 16.17 3.89
CA ARG A 287 12.82 16.96 4.17
C ARG A 287 13.26 18.22 4.90
N CYS A 288 14.40 18.10 5.57
CA CYS A 288 14.94 19.20 6.36
C CYS A 288 15.52 20.23 5.43
N GLN A 289 16.40 19.77 4.56
CA GLN A 289 17.09 20.65 3.63
C GLN A 289 16.15 21.06 2.50
N ALA A 290 14.86 20.89 2.73
CA ALA A 290 13.81 21.41 1.85
C ALA A 290 12.87 22.36 2.62
N ARG A 291 12.34 21.90 3.75
CA ARG A 291 11.60 22.78 4.66
C ARG A 291 12.42 24.04 5.03
N TRP A 292 13.72 23.86 5.27
CA TRP A 292 14.62 25.00 5.47
C TRP A 292 14.45 26.07 4.42
N LYS A 293 14.27 25.62 3.17
CA LYS A 293 14.21 26.53 2.05
C LYS A 293 13.15 27.60 2.27
N MET A 294 11.90 27.15 2.45
CA MET A 294 10.80 28.08 2.67
C MET A 294 11.07 28.96 3.90
N GLN A 295 11.58 28.33 4.96
CA GLN A 295 11.91 29.09 6.16
C GLN A 295 12.82 30.24 5.77
N LYS A 296 13.96 29.91 5.16
CA LYS A 296 14.94 30.90 4.72
C LYS A 296 14.30 31.88 3.76
N LYS A 297 13.44 31.38 2.87
CA LYS A 297 12.66 32.25 1.99
C LYS A 297 11.90 33.36 2.74
N TYR A 298 10.94 32.96 3.56
CA TYR A 298 10.18 33.93 4.30
C TYR A 298 11.03 34.71 5.33
N LEU A 299 12.14 34.14 5.77
CA LEU A 299 13.00 34.86 6.68
C LEU A 299 13.40 36.16 6.02
N ASP A 300 13.90 36.06 4.78
CA ASP A 300 14.32 37.19 3.94
C ASP A 300 13.28 38.30 3.88
N GLN A 301 12.02 37.88 3.89
CA GLN A 301 10.90 38.78 3.83
C GLN A 301 10.64 39.51 5.14
N ILE A 302 10.72 38.77 6.25
CA ILE A 302 10.60 39.35 7.58
C ILE A 302 11.63 40.45 7.71
N ASP A 303 12.85 40.11 7.27
CA ASP A 303 13.95 41.05 7.25
C ASP A 303 13.57 42.36 6.56
N GLU A 304 12.94 42.31 5.40
CA GLU A 304 12.62 43.53 4.66
C GLU A 304 11.46 44.33 5.26
N LEU A 305 10.85 43.82 6.31
CA LEU A 305 9.49 44.25 6.59
C LEU A 305 9.24 44.60 8.06
N TYR A 306 10.24 44.37 8.89
CA TYR A 306 10.16 44.79 10.29
C TYR A 306 11.49 45.36 10.77
N GLU A 307 12.14 46.15 9.92
CA GLU A 307 13.43 46.72 10.26
C GLU A 307 13.43 47.26 11.68
N ASP A 308 12.38 47.98 12.05
CA ASP A 308 12.32 48.68 13.33
C ASP A 308 11.97 47.81 14.56
N PHE A 309 11.82 46.50 14.33
CA PHE A 309 11.60 45.54 15.41
C PHE A 309 12.87 44.75 15.72
N HIS A 310 13.07 44.41 16.98
CA HIS A 310 14.00 43.33 17.25
C HIS A 310 13.24 42.05 16.95
N VAL A 311 13.80 41.22 16.09
CA VAL A 311 13.18 39.95 15.81
C VAL A 311 14.22 38.88 16.05
N VAL A 312 14.07 38.17 17.17
CA VAL A 312 15.03 37.14 17.56
C VAL A 312 14.76 35.89 16.78
N LYS A 313 15.80 35.30 16.20
CA LYS A 313 15.59 34.09 15.42
C LYS A 313 15.98 32.89 16.26
N MET A 314 15.04 31.95 16.42
CA MET A 314 15.24 30.81 17.30
C MET A 314 15.38 29.43 16.64
N PRO A 315 16.28 28.60 17.19
CA PRO A 315 16.61 27.27 16.66
C PRO A 315 15.47 26.33 16.96
N LEU A 316 15.45 25.17 16.29
CA LEU A 316 14.50 24.11 16.59
C LEU A 316 15.25 22.92 17.12
N CYS A 317 15.03 22.59 18.39
CA CYS A 317 15.61 21.39 18.96
C CYS A 317 14.64 20.25 18.74
N ALA A 318 15.16 19.09 18.34
CA ALA A 318 14.36 17.90 18.08
C ALA A 318 13.61 17.47 19.32
N GLY A 319 12.38 16.99 19.13
CA GLY A 319 11.56 16.55 20.23
C GLY A 319 11.16 17.66 21.18
N GLU A 320 10.34 17.31 22.16
CA GLU A 320 9.85 18.30 23.11
C GLU A 320 10.98 18.87 23.95
N ILE A 321 10.72 20.02 24.55
CA ILE A 321 11.71 20.70 25.36
C ILE A 321 11.07 21.27 26.62
N ARG A 322 11.32 20.61 27.73
CA ARG A 322 10.70 21.08 28.95
C ARG A 322 11.54 20.66 30.12
N GLY A 323 11.55 21.49 31.14
CA GLY A 323 12.39 21.29 32.30
C GLY A 323 13.25 22.49 32.63
N LEU A 324 13.10 23.02 33.84
CA LEU A 324 13.84 24.23 34.22
C LEU A 324 15.27 24.25 33.76
N ASN A 325 15.97 23.13 33.83
CA ASN A 325 17.30 23.14 33.27
C ASN A 325 17.23 23.50 31.80
N ASN A 326 16.83 22.52 30.99
CA ASN A 326 16.59 22.72 29.55
C ASN A 326 15.98 24.07 29.21
N LEU A 327 14.83 24.36 29.79
CA LEU A 327 14.22 25.66 29.60
C LEU A 327 15.28 26.74 29.78
N THR A 328 15.90 26.80 30.94
CA THR A 328 16.93 27.80 31.13
C THR A 328 17.94 27.76 29.99
N LYS A 329 18.49 26.58 29.76
CA LYS A 329 19.55 26.39 28.77
C LYS A 329 19.24 26.97 27.40
N PHE A 330 17.99 26.92 26.99
CA PHE A 330 17.61 27.31 25.64
C PHE A 330 17.17 28.78 25.62
N SER A 331 16.71 29.26 26.77
CA SER A 331 16.24 30.63 26.92
C SER A 331 17.31 31.69 26.64
N GLN A 332 18.57 31.26 26.57
CA GLN A 332 19.67 32.18 26.39
C GLN A 332 19.62 32.84 25.05
N PHE A 333 19.12 32.12 24.04
CA PHE A 333 19.16 32.60 22.68
C PHE A 333 18.14 33.70 22.40
N LEU A 334 17.36 34.06 23.41
CA LEU A 334 16.56 35.28 23.36
C LEU A 334 17.40 36.44 23.83
N ASN A 335 18.56 36.12 24.39
CA ASN A 335 19.49 37.12 24.91
C ASN A 335 20.64 37.42 23.94
N LYS A 336 21.48 36.41 23.71
CA LYS A 336 22.53 36.47 22.71
C LYS A 336 22.13 35.64 21.48
N GLU A 337 21.74 36.36 20.41
CA GLU A 337 21.25 35.79 19.15
C GLU A 337 21.85 34.44 18.76
N TYR A 338 21.03 33.41 18.81
CA TYR A 338 21.50 32.09 18.38
C TYR A 338 22.19 32.10 17.03
N ASN A 339 23.42 31.61 17.03
CA ASN A 339 24.25 31.55 15.86
C ASN A 339 24.63 30.09 15.63
N PRO A 340 24.08 29.47 14.59
CA PRO A 340 24.23 28.03 14.34
C PRO A 340 25.67 27.61 14.19
N ILE A 341 26.45 28.40 13.46
CA ILE A 341 27.87 28.09 13.29
C ILE A 341 28.49 27.73 14.64
N THR A 342 28.31 28.62 15.60
CA THR A 342 29.05 28.54 16.84
C THR A 342 28.22 28.00 18.03
N ASP A 343 27.09 28.61 18.32
CA ASP A 343 26.19 28.07 19.35
C ASP A 343 25.63 26.68 19.00
N GLY A 344 26.35 25.91 18.19
CA GLY A 344 25.79 24.66 17.70
C GLY A 344 25.73 23.53 18.71
N LYS A 345 26.86 23.36 19.41
CA LYS A 345 27.04 22.24 20.32
C LYS A 345 25.98 22.25 21.43
N VAL A 346 25.48 23.43 21.77
CA VAL A 346 24.40 23.56 22.74
C VAL A 346 23.04 23.04 22.25
N ILE A 347 22.87 22.80 20.96
CA ILE A 347 21.59 22.28 20.51
C ILE A 347 21.55 20.75 20.51
N TYR A 348 22.71 20.11 20.39
CA TYR A 348 22.77 18.66 20.58
C TYR A 348 22.49 18.30 22.04
N GLU A 349 23.01 19.11 22.96
CA GLU A 349 22.78 18.92 24.38
C GLU A 349 21.27 18.72 24.67
N LEU A 350 20.44 19.64 24.20
CA LEU A 350 19.00 19.57 24.48
C LEU A 350 18.30 18.53 23.65
N GLU A 351 19.06 17.81 22.81
CA GLU A 351 18.48 16.82 21.91
C GLU A 351 19.02 15.45 22.28
N ASP A 352 18.42 14.82 23.29
CA ASP A 352 18.93 13.56 23.84
C ASP A 352 17.81 12.74 24.49
N THR B 4 -15.37 1.12 13.32
CA THR B 4 -14.34 1.56 12.38
C THR B 4 -14.95 2.03 11.07
N VAL B 5 -15.08 3.34 10.93
CA VAL B 5 -15.53 3.98 9.69
C VAL B 5 -14.35 4.23 8.78
N GLU B 6 -14.48 3.80 7.53
CA GLU B 6 -13.46 3.97 6.50
C GLU B 6 -12.61 5.23 6.74
N PRO B 7 -11.29 5.04 6.76
CA PRO B 7 -10.31 6.10 7.02
C PRO B 7 -10.02 6.88 5.76
N ASN B 8 -11.07 7.25 5.03
CA ASN B 8 -10.92 8.02 3.80
C ASN B 8 -12.14 8.87 3.57
N LEU B 9 -12.15 9.55 2.43
CA LEU B 9 -13.28 10.40 2.06
C LEU B 9 -14.06 9.84 0.89
N HIS B 10 -13.97 8.54 0.68
CA HIS B 10 -14.60 7.95 -0.49
C HIS B 10 -16.12 8.09 -0.50
N SER B 11 -16.75 8.04 0.67
CA SER B 11 -18.19 8.26 0.73
C SER B 11 -18.51 9.61 0.09
N LEU B 12 -17.73 10.62 0.47
CA LEU B 12 -18.01 11.99 0.07
C LEU B 12 -17.56 12.26 -1.35
N ILE B 13 -16.35 11.84 -1.69
CA ILE B 13 -15.86 12.08 -3.05
C ILE B 13 -16.79 11.43 -4.08
N THR B 14 -17.69 10.56 -3.64
CA THR B 14 -18.66 9.97 -4.57
C THR B 14 -20.11 10.30 -4.25
N SER B 15 -20.33 11.04 -3.16
CA SER B 15 -21.69 11.45 -2.83
C SER B 15 -22.46 11.87 -4.07
N THR B 16 -23.78 11.75 -4.04
CA THR B 16 -24.59 12.15 -5.18
C THR B 16 -25.73 13.03 -4.69
N THR B 17 -25.48 13.72 -3.57
CA THR B 17 -26.50 14.53 -2.93
C THR B 17 -25.94 15.85 -2.40
N HIS B 18 -24.63 15.92 -2.26
CA HIS B 18 -24.02 17.08 -1.60
C HIS B 18 -23.89 18.28 -2.50
N LYS B 19 -24.38 19.43 -2.04
CA LYS B 19 -24.32 20.67 -2.81
C LYS B 19 -23.27 21.62 -2.25
N TRP B 20 -23.04 21.52 -0.95
CA TRP B 20 -22.14 22.43 -0.25
C TRP B 20 -21.17 21.69 0.65
N ILE B 21 -19.88 21.78 0.37
CA ILE B 21 -18.88 21.15 1.22
C ILE B 21 -17.89 22.15 1.79
N PHE B 22 -18.02 22.48 3.06
CA PHE B 22 -17.10 23.42 3.68
C PHE B 22 -15.82 22.73 4.11
N VAL B 23 -14.71 23.45 4.04
CA VAL B 23 -13.42 22.91 4.45
C VAL B 23 -12.70 23.97 5.26
N GLY B 24 -12.41 23.62 6.52
CA GLY B 24 -11.85 24.59 7.43
C GLY B 24 -10.87 23.99 8.41
N GLY B 25 -10.30 24.85 9.24
CA GLY B 25 -9.25 24.46 10.16
C GLY B 25 -8.20 25.56 10.14
N LYS B 26 -7.88 26.04 11.33
CA LYS B 26 -6.95 27.15 11.51
C LYS B 26 -5.52 26.62 11.61
N GLY B 27 -4.57 27.52 11.40
CA GLY B 27 -3.17 27.18 11.54
C GLY B 27 -2.59 26.87 10.19
N GLY B 28 -1.29 26.65 10.14
CA GLY B 28 -0.69 26.16 8.92
C GLY B 28 -0.87 24.67 8.80
N VAL B 29 -2.02 24.26 8.29
CA VAL B 29 -2.36 22.85 8.37
C VAL B 29 -2.52 22.21 6.99
N GLY B 30 -1.70 22.60 6.03
CA GLY B 30 -1.81 22.09 4.67
C GLY B 30 -3.25 22.00 4.19
N LYS B 31 -4.07 22.94 4.64
CA LYS B 31 -5.49 22.92 4.32
C LYS B 31 -5.81 23.29 2.88
N THR B 32 -5.12 24.28 2.35
CA THR B 32 -5.41 24.70 0.99
C THR B 32 -5.14 23.56 0.03
N THR B 33 -4.20 22.69 0.35
CA THR B 33 -3.99 21.56 -0.51
C THR B 33 -5.11 20.58 -0.28
N SER B 34 -5.74 20.67 0.88
CA SER B 34 -6.84 19.76 1.15
C SER B 34 -8.07 20.19 0.35
N SER B 35 -8.36 21.48 0.34
CA SER B 35 -9.51 21.96 -0.40
C SER B 35 -9.42 21.54 -1.87
N CYS B 36 -8.26 21.81 -2.46
CA CYS B 36 -8.00 21.45 -3.85
C CYS B 36 -8.07 19.93 -4.14
N SER B 37 -7.38 19.12 -3.35
CA SER B 37 -7.43 17.68 -3.52
C SER B 37 -8.88 17.18 -3.60
N ILE B 38 -9.68 17.43 -2.56
CA ILE B 38 -11.09 17.06 -2.57
C ILE B 38 -11.79 17.51 -3.85
N ALA B 39 -11.67 18.81 -4.18
CA ALA B 39 -12.33 19.34 -5.36
C ALA B 39 -11.90 18.56 -6.57
N ILE B 40 -10.59 18.41 -6.77
CA ILE B 40 -10.12 17.65 -7.92
C ILE B 40 -10.73 16.24 -7.91
N GLN B 41 -10.76 15.63 -6.73
CA GLN B 41 -11.16 14.23 -6.63
C GLN B 41 -12.61 13.93 -7.02
N MET B 42 -13.53 14.79 -6.58
CA MET B 42 -14.91 14.67 -7.01
C MET B 42 -15.01 14.86 -8.52
N ALA B 43 -14.33 15.88 -9.04
CA ALA B 43 -14.39 16.16 -10.48
C ALA B 43 -14.03 14.93 -11.30
N LEU B 44 -13.12 14.10 -10.79
CA LEU B 44 -12.73 12.89 -11.51
C LEU B 44 -13.66 11.70 -11.26
N SER B 45 -14.63 11.88 -10.37
CA SER B 45 -15.49 10.77 -10.00
C SER B 45 -16.96 11.12 -10.22
N GLN B 46 -17.19 12.19 -10.97
CA GLN B 46 -18.55 12.63 -11.31
C GLN B 46 -18.52 13.60 -12.49
N PRO B 47 -17.95 13.16 -13.63
CA PRO B 47 -17.69 14.08 -14.73
C PRO B 47 -18.97 14.74 -15.19
N ASN B 48 -20.06 14.00 -15.25
CA ASN B 48 -21.34 14.56 -15.68
C ASN B 48 -21.88 15.55 -14.66
N LYS B 49 -20.99 15.93 -13.74
CA LYS B 49 -21.30 16.93 -12.74
C LYS B 49 -20.26 18.07 -12.75
N GLN B 50 -20.72 19.25 -12.34
CA GLN B 50 -19.90 20.45 -12.33
C GLN B 50 -19.55 20.89 -10.92
N PHE B 51 -18.27 21.02 -10.64
CA PHE B 51 -17.79 21.42 -9.32
C PHE B 51 -17.16 22.81 -9.31
N LEU B 52 -17.44 23.54 -8.24
CA LEU B 52 -16.91 24.88 -8.05
C LEU B 52 -16.21 25.03 -6.68
N LEU B 53 -14.93 25.37 -6.73
CA LEU B 53 -14.10 25.55 -5.55
C LEU B 53 -13.88 27.03 -5.32
N ILE B 54 -14.49 27.64 -4.30
CA ILE B 54 -14.24 29.07 -4.14
C ILE B 54 -13.51 29.45 -2.85
N SER B 55 -12.85 30.61 -2.91
CA SER B 55 -11.99 31.05 -1.84
C SER B 55 -12.23 32.54 -1.61
N THR B 56 -12.27 32.95 -0.36
CA THR B 56 -12.41 34.35 -0.08
C THR B 56 -11.12 34.87 0.52
N ASP B 57 -10.11 34.01 0.51
CA ASP B 57 -8.81 34.37 1.03
C ASP B 57 -8.26 35.52 0.21
N PRO B 58 -7.98 36.65 0.85
CA PRO B 58 -7.62 37.80 0.03
C PRO B 58 -6.23 37.68 -0.52
N ALA B 59 -5.54 36.57 -0.27
CA ALA B 59 -4.19 36.40 -0.82
C ALA B 59 -4.18 35.39 -1.94
N HIS B 60 -5.38 35.12 -2.45
CA HIS B 60 -5.57 34.29 -3.64
C HIS B 60 -4.67 33.06 -3.58
N ASN B 61 -5.00 32.20 -2.62
CA ASN B 61 -4.30 30.94 -2.38
C ASN B 61 -4.64 29.90 -3.43
N LEU B 62 -5.87 29.93 -3.93
CA LEU B 62 -6.23 29.03 -5.01
C LEU B 62 -5.30 29.23 -6.18
N SER B 63 -5.06 30.47 -6.59
CA SER B 63 -4.13 30.68 -7.70
C SER B 63 -2.76 30.10 -7.35
N ASP B 64 -2.28 30.45 -6.16
CA ASP B 64 -1.01 29.96 -5.68
C ASP B 64 -0.93 28.45 -5.83
N ALA B 65 -1.85 27.74 -5.17
CA ALA B 65 -1.90 26.29 -5.21
C ALA B 65 -1.89 25.73 -6.64
N PHE B 66 -2.61 26.38 -7.55
CA PHE B 66 -2.71 25.85 -8.91
C PHE B 66 -1.61 26.33 -9.82
N GLY B 67 -0.96 27.42 -9.45
CA GLY B 67 0.09 28.02 -10.28
C GLY B 67 -0.50 28.52 -11.58
N GLU B 68 -1.68 29.15 -11.48
CA GLU B 68 -2.41 29.73 -12.61
C GLU B 68 -3.29 30.83 -11.98
N LYS B 69 -3.73 31.84 -12.74
CA LYS B 69 -4.33 32.99 -12.06
C LYS B 69 -5.85 33.17 -12.14
N PHE B 70 -6.58 32.70 -11.13
CA PHE B 70 -8.04 32.80 -11.14
C PHE B 70 -8.54 34.20 -10.77
N GLY B 71 -9.85 34.37 -10.64
CA GLY B 71 -10.43 35.68 -10.37
C GLY B 71 -11.88 35.74 -9.92
N LYS B 72 -12.45 36.94 -9.98
CA LYS B 72 -13.81 37.20 -9.51
CA LYS B 72 -13.81 37.20 -9.51
C LYS B 72 -14.88 36.42 -10.25
N ASP B 73 -14.55 35.95 -11.45
CA ASP B 73 -15.54 35.26 -12.30
C ASP B 73 -15.22 33.80 -12.52
N ALA B 74 -16.09 32.93 -12.00
CA ALA B 74 -15.99 31.51 -12.19
C ALA B 74 -15.28 31.16 -13.48
N ARG B 75 -14.25 30.33 -13.38
CA ARG B 75 -13.46 29.92 -14.53
C ARG B 75 -12.87 28.50 -14.31
N LYS B 76 -12.54 27.80 -15.39
CA LYS B 76 -12.10 26.41 -15.26
C LYS B 76 -10.62 26.27 -14.99
N VAL B 77 -10.26 25.22 -14.25
CA VAL B 77 -8.86 24.89 -14.02
C VAL B 77 -8.29 24.36 -15.32
N THR B 78 -7.19 24.96 -15.75
CA THR B 78 -6.54 24.46 -16.95
C THR B 78 -6.19 23.01 -16.72
N GLY B 79 -6.84 22.13 -17.44
CA GLY B 79 -6.46 20.73 -17.41
C GLY B 79 -7.66 19.90 -17.06
N MET B 80 -8.78 20.58 -16.86
CA MET B 80 -10.01 19.94 -16.40
C MET B 80 -11.19 20.68 -17.00
N ASN B 81 -12.36 20.03 -16.98
CA ASN B 81 -13.54 20.61 -17.60
C ASN B 81 -14.80 20.64 -16.71
N ASN B 82 -14.70 20.12 -15.50
CA ASN B 82 -15.81 20.22 -14.58
C ASN B 82 -15.45 20.90 -13.26
N LEU B 83 -14.17 21.22 -13.11
CA LEU B 83 -13.69 21.86 -11.91
C LEU B 83 -13.42 23.35 -12.13
N SER B 84 -14.19 24.20 -11.47
CA SER B 84 -14.00 25.63 -11.64
C SER B 84 -13.58 26.29 -10.33
N CYS B 85 -12.56 27.15 -10.41
CA CYS B 85 -12.07 27.85 -9.25
C CYS B 85 -12.58 29.26 -9.29
N MET B 86 -12.83 29.82 -8.11
CA MET B 86 -13.19 31.22 -8.03
C MET B 86 -12.59 31.88 -6.79
N GLU B 87 -12.06 33.09 -6.96
CA GLU B 87 -11.47 33.83 -5.85
C GLU B 87 -12.12 35.19 -5.78
N ILE B 88 -12.65 35.55 -4.63
CA ILE B 88 -13.42 36.77 -4.51
C ILE B 88 -13.26 37.29 -3.11
N ASP B 89 -13.82 38.46 -2.87
CA ASP B 89 -13.65 39.10 -1.57
C ASP B 89 -14.93 39.78 -1.12
N PRO B 90 -15.65 39.15 -0.20
CA PRO B 90 -16.96 39.64 0.28
C PRO B 90 -16.84 41.03 0.85
N SER B 91 -15.91 41.20 1.79
CA SER B 91 -15.72 42.46 2.47
C SER B 91 -15.76 43.64 1.51
N ALA B 92 -15.15 43.49 0.35
CA ALA B 92 -15.15 44.53 -0.66
C ALA B 92 -16.56 44.80 -1.17
N ALA B 93 -17.12 43.82 -1.87
CA ALA B 93 -18.46 43.94 -2.45
C ALA B 93 -19.49 44.40 -1.43
N GLY B 131 -25.19 48.82 14.85
CA GLY B 131 -25.57 47.43 14.65
C GLY B 131 -24.42 46.47 14.80
N SER B 132 -23.67 46.62 15.90
CA SER B 132 -22.52 45.76 16.18
C SER B 132 -22.96 44.42 16.76
N ILE B 133 -24.15 43.97 16.39
CA ILE B 133 -24.67 42.68 16.83
C ILE B 133 -23.81 41.53 16.33
N PRO B 134 -23.78 40.41 17.09
CA PRO B 134 -23.12 39.18 16.63
C PRO B 134 -23.95 38.38 15.62
N GLY B 135 -23.43 38.27 14.40
CA GLY B 135 -24.09 37.52 13.34
C GLY B 135 -24.21 38.31 12.05
N ILE B 136 -24.61 39.57 12.19
CA ILE B 136 -24.82 40.48 11.05
C ILE B 136 -23.71 40.40 10.01
N ASP B 137 -22.57 41.01 10.32
CA ASP B 137 -21.46 41.07 9.37
C ASP B 137 -21.34 39.76 8.60
N GLU B 138 -21.19 38.65 9.35
CA GLU B 138 -20.95 37.34 8.74
C GLU B 138 -22.07 36.97 7.80
N ALA B 139 -23.31 37.17 8.24
CA ALA B 139 -24.48 36.84 7.44
C ALA B 139 -24.50 37.54 6.08
N LEU B 140 -24.51 38.87 6.10
CA LEU B 140 -24.49 39.63 4.85
C LEU B 140 -23.33 39.20 3.97
N SER B 141 -22.15 39.10 4.57
CA SER B 141 -20.96 38.65 3.86
C SER B 141 -21.32 37.43 3.03
N PHE B 142 -21.56 36.33 3.72
CA PHE B 142 -21.91 35.10 3.05
C PHE B 142 -23.03 35.31 2.05
N MET B 143 -24.17 35.78 2.56
CA MET B 143 -25.30 36.15 1.72
C MET B 143 -24.81 36.60 0.36
N GLU B 144 -23.98 37.64 0.38
CA GLU B 144 -23.52 38.30 -0.84
C GLU B 144 -22.76 37.34 -1.75
N VAL B 145 -21.96 36.47 -1.15
CA VAL B 145 -21.30 35.43 -1.94
C VAL B 145 -22.33 34.57 -2.67
N MET B 146 -23.39 34.18 -1.98
CA MET B 146 -24.39 33.33 -2.61
C MET B 146 -24.94 34.03 -3.84
N LYS B 147 -25.49 35.22 -3.63
CA LYS B 147 -25.94 36.06 -4.74
C LYS B 147 -24.94 35.94 -5.86
N HIS B 148 -23.72 36.37 -5.57
CA HIS B 148 -22.63 36.38 -6.56
C HIS B 148 -22.33 35.02 -7.19
N ILE B 149 -22.61 33.92 -6.49
CA ILE B 149 -22.36 32.63 -7.08
C ILE B 149 -23.43 32.40 -8.14
N LYS B 150 -24.67 32.74 -7.83
CA LYS B 150 -25.74 32.55 -8.78
C LYS B 150 -25.51 33.38 -10.04
N ARG B 151 -24.96 34.57 -9.87
CA ARG B 151 -24.63 35.41 -11.00
C ARG B 151 -23.73 34.66 -11.96
N GLN B 152 -22.68 34.05 -11.44
CA GLN B 152 -21.76 33.27 -12.25
C GLN B 152 -22.47 32.11 -12.94
N GLU B 153 -23.71 31.83 -12.51
CA GLU B 153 -24.47 30.70 -13.05
C GLU B 153 -25.44 31.13 -14.14
N GLN B 154 -26.27 32.13 -13.85
CA GLN B 154 -27.25 32.60 -14.81
C GLN B 154 -26.59 33.24 -16.01
N GLY B 155 -25.91 34.36 -15.78
CA GLY B 155 -25.21 35.07 -16.84
C GLY B 155 -24.43 34.13 -17.73
N GLU B 156 -24.02 33.00 -17.16
CA GLU B 156 -23.29 31.98 -17.90
C GLU B 156 -24.22 31.17 -18.80
N GLY B 157 -25.09 30.38 -18.17
CA GLY B 157 -25.98 29.48 -18.89
C GLY B 157 -25.85 28.05 -18.37
N GLU B 158 -24.66 27.73 -17.87
CA GLU B 158 -24.42 26.44 -17.24
C GLU B 158 -24.31 26.64 -15.73
N THR B 159 -24.67 25.61 -14.97
CA THR B 159 -24.80 25.76 -13.52
C THR B 159 -23.92 24.79 -12.75
N PHE B 160 -23.66 25.11 -11.48
CA PHE B 160 -22.78 24.31 -10.63
C PHE B 160 -23.50 23.32 -9.77
N ASP B 161 -23.07 22.07 -9.81
CA ASP B 161 -23.69 21.02 -9.00
C ASP B 161 -23.36 21.13 -7.53
N THR B 162 -22.07 21.15 -7.25
CA THR B 162 -21.53 21.00 -5.90
C THR B 162 -20.36 21.96 -5.72
N VAL B 163 -20.52 22.92 -4.81
CA VAL B 163 -19.44 23.87 -4.55
C VAL B 163 -18.68 23.54 -3.27
N ILE B 164 -17.37 23.69 -3.31
CA ILE B 164 -16.52 23.47 -2.14
C ILE B 164 -15.93 24.78 -1.57
N PHE B 165 -16.28 25.08 -0.33
CA PHE B 165 -15.84 26.32 0.31
C PHE B 165 -14.51 26.16 1.03
N ASP B 166 -13.47 26.75 0.49
CA ASP B 166 -12.22 26.82 1.22
C ASP B 166 -12.37 27.98 2.17
N THR B 167 -12.56 27.67 3.45
CA THR B 167 -12.86 28.71 4.43
C THR B 167 -11.63 29.60 4.71
N ALA B 168 -11.89 30.87 5.02
CA ALA B 168 -10.86 31.90 5.14
C ALA B 168 -9.83 31.61 6.23
N PRO B 169 -8.62 32.13 6.05
CA PRO B 169 -7.56 31.93 7.04
C PRO B 169 -7.95 32.53 8.38
N THR B 170 -8.79 33.56 8.37
CA THR B 170 -9.37 34.04 9.62
C THR B 170 -10.58 33.22 10.05
N GLY B 171 -10.78 32.08 9.40
CA GLY B 171 -11.84 31.16 9.79
C GLY B 171 -13.22 31.46 9.23
N HIS B 172 -14.09 30.45 9.31
CA HIS B 172 -15.42 30.46 8.71
C HIS B 172 -16.40 31.52 9.24
N THR B 173 -17.01 32.28 8.33
CA THR B 173 -18.02 33.25 8.73
C THR B 173 -19.29 32.49 9.08
N LEU B 174 -19.13 31.29 9.59
CA LEU B 174 -20.25 30.36 9.70
C LEU B 174 -21.10 30.55 10.96
N ARG B 175 -20.67 31.45 11.84
CA ARG B 175 -21.45 31.81 13.02
C ARG B 175 -22.87 32.22 12.63
N PHE B 176 -22.99 32.80 11.43
CA PHE B 176 -24.20 33.49 11.01
C PHE B 176 -25.45 32.63 11.05
N LEU B 177 -25.30 31.31 11.06
CA LEU B 177 -26.51 30.47 11.04
C LEU B 177 -27.09 30.12 12.41
N GLN B 178 -26.73 30.90 13.42
CA GLN B 178 -27.41 30.82 14.71
C GLN B 178 -28.05 32.18 14.97
N LEU B 179 -28.16 32.97 13.91
CA LEU B 179 -28.68 34.33 14.01
C LEU B 179 -30.17 34.39 14.34
N PRO B 180 -30.99 33.63 13.60
CA PRO B 180 -32.44 33.59 13.84
C PRO B 180 -32.80 33.70 15.32
N ASN B 181 -32.19 32.84 16.13
CA ASN B 181 -32.46 32.82 17.55
C ASN B 181 -32.12 34.13 18.23
N THR B 182 -30.83 34.35 18.50
CA THR B 182 -30.38 35.55 19.19
C THR B 182 -31.00 36.80 18.56
N LEU B 183 -31.68 36.59 17.44
CA LEU B 183 -32.57 37.59 16.83
C LEU B 183 -34.03 37.19 17.05
N SER B 213 -37.60 48.15 10.83
CA SER B 213 -37.37 46.72 11.04
C SER B 213 -38.12 45.89 10.00
N GLY B 214 -38.54 46.54 8.92
CA GLY B 214 -39.15 45.86 7.81
C GLY B 214 -38.11 45.17 6.95
N LYS B 215 -36.90 45.72 6.94
CA LYS B 215 -35.80 45.12 6.21
C LYS B 215 -35.18 44.00 7.05
N LEU B 216 -35.56 43.94 8.32
CA LEU B 216 -35.04 42.95 9.26
C LEU B 216 -35.39 41.52 8.83
N ASN B 217 -36.67 41.21 8.78
CA ASN B 217 -37.14 39.90 8.33
C ASN B 217 -36.62 39.56 6.95
N GLU B 218 -36.56 40.57 6.08
CA GLU B 218 -36.00 40.42 4.75
C GLU B 218 -34.70 39.62 4.80
N LEU B 219 -33.97 39.77 5.90
CA LEU B 219 -32.72 39.05 6.10
C LEU B 219 -32.97 37.71 6.77
N LYS B 220 -33.47 37.75 8.00
CA LYS B 220 -33.72 36.55 8.77
C LYS B 220 -34.40 35.46 7.94
N ALA B 221 -35.37 35.86 7.13
CA ALA B 221 -36.03 34.94 6.20
C ALA B 221 -35.02 34.25 5.29
N ASN B 222 -34.17 35.05 4.64
CA ASN B 222 -33.13 34.53 3.77
C ASN B 222 -32.25 33.55 4.52
N VAL B 223 -31.74 34.00 5.66
CA VAL B 223 -30.89 33.21 6.52
C VAL B 223 -31.49 31.83 6.80
N GLU B 224 -32.76 31.82 7.16
CA GLU B 224 -33.47 30.58 7.42
C GLU B 224 -33.43 29.68 6.19
N THR B 225 -33.54 30.27 5.00
CA THR B 225 -33.52 29.49 3.76
C THR B 225 -32.16 28.86 3.49
N ILE B 226 -31.09 29.54 3.90
CA ILE B 226 -29.76 28.99 3.77
C ILE B 226 -29.62 27.89 4.82
N ARG B 227 -29.90 28.26 6.06
CA ARG B 227 -29.78 27.36 7.20
C ARG B 227 -30.52 26.07 6.93
N GLN B 228 -31.78 26.20 6.57
CA GLN B 228 -32.60 25.07 6.16
C GLN B 228 -31.78 24.09 5.33
N GLN B 229 -30.89 24.63 4.50
CA GLN B 229 -30.15 23.79 3.57
C GLN B 229 -28.82 23.26 4.09
N PHE B 230 -28.14 24.06 4.91
CA PHE B 230 -26.84 23.66 5.48
C PHE B 230 -27.03 22.72 6.66
N THR B 231 -28.25 22.71 7.17
CA THR B 231 -28.66 21.84 8.26
C THR B 231 -28.80 20.38 7.81
N ASP B 232 -29.25 20.18 6.58
CA ASP B 232 -29.45 18.85 6.02
C ASP B 232 -28.16 18.06 5.74
N PRO B 233 -27.87 17.05 6.58
CA PRO B 233 -26.69 16.17 6.56
C PRO B 233 -26.41 15.56 5.22
N ASP B 234 -27.43 15.46 4.38
CA ASP B 234 -27.26 14.87 3.06
C ASP B 234 -26.72 15.87 2.08
N LEU B 235 -27.00 17.14 2.34
CA LEU B 235 -26.71 18.21 1.39
C LEU B 235 -25.38 18.89 1.62
N THR B 236 -25.00 19.00 2.89
CA THR B 236 -23.82 19.77 3.25
C THR B 236 -23.18 19.28 4.54
N THR B 237 -21.87 19.03 4.43
CA THR B 237 -21.05 18.63 5.55
C THR B 237 -19.82 19.54 5.62
N PHE B 238 -19.10 19.49 6.75
CA PHE B 238 -17.90 20.28 6.93
C PHE B 238 -16.72 19.33 7.13
N VAL B 239 -15.66 19.51 6.37
CA VAL B 239 -14.44 18.73 6.58
C VAL B 239 -13.47 19.52 7.46
N CYS B 240 -12.94 18.89 8.51
CA CYS B 240 -11.92 19.51 9.33
C CYS B 240 -10.50 19.15 8.91
N VAL B 241 -9.65 20.16 8.76
CA VAL B 241 -8.25 19.87 8.49
C VAL B 241 -7.43 20.17 9.75
N CYS B 242 -6.43 19.33 10.01
CA CYS B 242 -5.63 19.47 11.22
C CYS B 242 -4.31 18.68 11.13
N ILE B 243 -3.39 18.94 12.06
CA ILE B 243 -2.17 18.14 12.12
C ILE B 243 -2.03 17.46 13.46
N SER B 244 -1.16 16.45 13.54
CA SER B 244 -1.10 15.57 14.72
C SER B 244 -0.31 16.21 15.85
N GLU B 245 -0.86 17.29 16.36
CA GLU B 245 -0.17 18.10 17.33
C GLU B 245 -1.18 18.61 18.34
N PHE B 246 -0.79 18.68 19.60
CA PHE B 246 -1.73 19.05 20.65
C PHE B 246 -2.46 20.35 20.37
N LEU B 247 -1.72 21.41 20.12
CA LEU B 247 -2.35 22.70 19.88
C LEU B 247 -3.43 22.60 18.80
N SER B 248 -3.09 22.03 17.64
CA SER B 248 -4.03 21.91 16.51
C SER B 248 -5.21 21.03 16.88
N LEU B 249 -4.88 19.85 17.38
CA LEU B 249 -5.91 18.90 17.75
C LEU B 249 -6.90 19.52 18.72
N TYR B 250 -6.38 20.20 19.74
CA TYR B 250 -7.21 20.89 20.73
C TYR B 250 -8.16 21.77 19.99
N GLU B 251 -7.59 22.66 19.18
CA GLU B 251 -8.34 23.62 18.38
C GLU B 251 -9.37 22.91 17.47
N THR B 252 -9.02 21.75 16.94
CA THR B 252 -9.95 21.09 16.07
C THR B 252 -11.23 20.76 16.82
N GLU B 253 -11.10 20.09 17.97
CA GLU B 253 -12.28 19.67 18.71
C GLU B 253 -13.10 20.87 19.12
N ARG B 254 -12.41 21.94 19.53
CA ARG B 254 -13.11 23.19 19.78
C ARG B 254 -14.00 23.49 18.59
N LEU B 255 -13.46 23.29 17.39
CA LEU B 255 -14.19 23.57 16.17
C LEU B 255 -15.40 22.65 15.98
N ILE B 256 -15.16 21.36 16.09
CA ILE B 256 -16.23 20.38 15.91
C ILE B 256 -17.44 20.68 16.80
N GLN B 257 -17.18 21.01 18.06
CA GLN B 257 -18.24 21.47 18.97
C GLN B 257 -19.03 22.63 18.39
N GLU B 258 -18.33 23.70 17.99
CA GLU B 258 -18.95 24.85 17.37
C GLU B 258 -19.82 24.37 16.22
N LEU B 259 -19.23 23.63 15.30
CA LEU B 259 -19.98 23.16 14.14
C LEU B 259 -21.28 22.46 14.54
N ILE B 260 -21.23 21.69 15.61
CA ILE B 260 -22.40 20.93 16.09
C ILE B 260 -23.39 21.83 16.82
N SER B 261 -22.86 22.82 17.52
CA SER B 261 -23.69 23.82 18.15
C SER B 261 -24.62 24.42 17.10
N TYR B 262 -24.20 24.35 15.84
CA TYR B 262 -24.95 24.97 14.74
C TYR B 262 -25.90 24.01 14.00
N ASP B 263 -25.95 22.75 14.41
CA ASP B 263 -26.66 21.72 13.67
C ASP B 263 -26.09 21.57 12.27
N MET B 264 -24.77 21.70 12.19
CA MET B 264 -24.03 21.48 10.96
C MET B 264 -23.34 20.12 10.97
N ASP B 265 -23.53 19.34 9.92
CA ASP B 265 -22.93 18.01 9.87
C ASP B 265 -21.42 18.06 9.71
N VAL B 266 -20.73 17.24 10.49
CA VAL B 266 -19.30 17.11 10.36
C VAL B 266 -18.90 15.72 10.82
N ASN B 267 -18.33 14.92 9.91
CA ASN B 267 -18.04 13.52 10.18
C ASN B 267 -16.79 13.16 9.42
N SER B 268 -15.91 14.13 9.27
CA SER B 268 -14.70 13.94 8.48
C SER B 268 -13.57 14.81 8.99
N ILE B 269 -12.43 14.17 9.23
CA ILE B 269 -11.24 14.88 9.69
C ILE B 269 -10.03 14.48 8.86
N ILE B 270 -9.34 15.47 8.29
CA ILE B 270 -8.11 15.19 7.57
C ILE B 270 -6.91 15.61 8.41
N VAL B 271 -5.93 14.70 8.55
CA VAL B 271 -4.76 14.96 9.39
C VAL B 271 -3.55 14.98 8.50
N ASN B 272 -2.98 16.16 8.26
CA ASN B 272 -1.94 16.27 7.24
C ASN B 272 -0.56 16.18 7.88
N GLN B 273 0.47 16.32 7.04
CA GLN B 273 1.88 16.38 7.49
C GLN B 273 2.45 15.22 8.32
N LEU B 274 1.86 14.03 8.23
CA LEU B 274 2.41 12.90 8.97
C LEU B 274 3.66 12.32 8.32
N LEU B 275 4.67 12.01 9.15
CA LEU B 275 5.93 11.46 8.66
C LEU B 275 5.96 9.94 8.42
N PHE B 276 5.21 9.18 9.22
CA PHE B 276 5.23 7.72 9.12
C PHE B 276 6.64 7.13 9.20
N ALA B 277 7.60 7.96 9.59
CA ALA B 277 9.02 7.57 9.56
C ALA B 277 9.26 6.12 9.97
N GLU B 278 9.87 5.35 9.09
CA GLU B 278 10.21 3.96 9.37
C GLU B 278 11.58 3.60 8.81
N CYS B 285 17.47 11.61 8.63
CA CYS B 285 18.22 12.27 9.68
C CYS B 285 17.85 11.72 11.05
N LYS B 286 17.74 12.63 12.02
CA LYS B 286 17.43 12.24 13.39
C LYS B 286 16.46 13.21 14.06
N ARG B 287 15.98 14.19 13.31
CA ARG B 287 15.01 15.13 13.83
C ARG B 287 13.61 14.73 13.40
N CYS B 288 13.53 13.92 12.35
CA CYS B 288 12.27 13.39 11.86
C CYS B 288 11.81 12.27 12.77
N GLN B 289 12.70 11.32 12.99
CA GLN B 289 12.40 10.14 13.78
C GLN B 289 12.12 10.52 15.22
N ALA B 290 12.15 11.82 15.51
CA ALA B 290 11.84 12.34 16.83
C ALA B 290 10.52 13.12 16.83
N ARG B 291 10.34 13.99 15.84
CA ARG B 291 9.06 14.66 15.66
C ARG B 291 7.94 13.63 15.39
N TRP B 292 8.27 12.57 14.65
CA TRP B 292 7.31 11.51 14.42
C TRP B 292 6.71 10.93 15.70
N LYS B 293 7.54 10.68 16.70
CA LYS B 293 7.05 10.04 17.93
C LYS B 293 5.83 10.79 18.46
N MET B 294 5.95 12.11 18.58
CA MET B 294 4.82 12.94 18.98
C MET B 294 3.63 12.72 18.05
N GLN B 295 3.83 12.91 16.75
CA GLN B 295 2.75 12.67 15.78
C GLN B 295 2.03 11.37 16.09
N LYS B 296 2.79 10.27 16.09
CA LYS B 296 2.25 8.97 16.42
C LYS B 296 1.54 9.00 17.78
N LYS B 297 2.23 9.54 18.78
CA LYS B 297 1.62 9.75 20.08
C LYS B 297 0.16 10.25 20.01
N TYR B 298 -0.03 11.43 19.41
CA TYR B 298 -1.37 12.00 19.32
C TYR B 298 -2.28 11.25 18.33
N LEU B 299 -1.67 10.53 17.41
CA LEU B 299 -2.48 9.71 16.53
C LEU B 299 -3.25 8.73 17.38
N ASP B 300 -2.55 8.07 18.29
CA ASP B 300 -3.14 7.08 19.17
C ASP B 300 -4.34 7.66 19.91
N GLN B 301 -4.27 8.95 20.22
CA GLN B 301 -5.35 9.65 20.90
C GLN B 301 -6.58 9.94 20.03
N ILE B 302 -6.35 10.50 18.85
CA ILE B 302 -7.42 10.71 17.87
C ILE B 302 -8.19 9.42 17.69
N ASP B 303 -7.44 8.33 17.49
CA ASP B 303 -8.05 7.05 17.18
C ASP B 303 -9.15 6.64 18.15
N GLU B 304 -8.99 6.95 19.43
CA GLU B 304 -10.01 6.55 20.40
C GLU B 304 -10.88 7.70 20.85
N LEU B 305 -10.98 8.73 20.02
CA LEU B 305 -11.69 9.92 20.42
C LEU B 305 -12.65 10.38 19.33
N TYR B 306 -12.51 9.79 18.14
CA TYR B 306 -13.40 10.07 17.01
C TYR B 306 -13.77 8.79 16.27
N GLU B 307 -14.03 7.72 17.01
CA GLU B 307 -14.38 6.44 16.40
C GLU B 307 -15.32 6.63 15.22
N ASP B 308 -16.34 7.45 15.42
CA ASP B 308 -17.45 7.58 14.46
C ASP B 308 -17.18 8.55 13.30
N PHE B 309 -15.95 9.07 13.23
CA PHE B 309 -15.53 9.90 12.10
C PHE B 309 -14.68 9.13 11.08
N HIS B 310 -14.82 9.47 9.80
CA HIS B 310 -13.81 9.08 8.83
C HIS B 310 -12.66 10.05 9.10
N VAL B 311 -11.50 9.55 9.50
CA VAL B 311 -10.36 10.43 9.67
C VAL B 311 -9.21 9.96 8.81
N VAL B 312 -9.01 10.66 7.69
CA VAL B 312 -8.02 10.29 6.68
C VAL B 312 -6.66 10.78 7.10
N LYS B 313 -5.68 9.90 7.11
CA LYS B 313 -4.35 10.29 7.58
C LYS B 313 -3.49 10.51 6.36
N MET B 314 -2.80 11.64 6.28
CA MET B 314 -2.04 11.98 5.06
C MET B 314 -0.55 12.26 5.26
N PRO B 315 0.25 11.92 4.24
CA PRO B 315 1.71 11.95 4.23
C PRO B 315 2.25 13.33 4.01
N LEU B 316 3.46 13.59 4.49
CA LEU B 316 4.12 14.87 4.31
C LEU B 316 5.05 14.84 3.12
N CYS B 317 4.58 15.25 1.95
CA CYS B 317 5.48 15.35 0.82
C CYS B 317 6.52 16.42 1.16
N ALA B 318 7.77 16.18 0.76
CA ALA B 318 8.85 17.12 1.07
C ALA B 318 8.69 18.36 0.22
N GLY B 319 8.56 19.51 0.88
CA GLY B 319 8.46 20.79 0.19
C GLY B 319 7.06 21.13 -0.27
N GLU B 320 6.92 22.32 -0.83
CA GLU B 320 5.62 22.76 -1.34
C GLU B 320 5.12 21.78 -2.39
N ILE B 321 3.84 21.89 -2.71
CA ILE B 321 3.16 20.92 -3.56
C ILE B 321 2.04 21.59 -4.34
N ARG B 322 2.37 22.07 -5.53
CA ARG B 322 1.38 22.73 -6.35
C ARG B 322 1.45 22.32 -7.80
N GLY B 323 0.37 22.58 -8.53
CA GLY B 323 0.27 22.24 -9.94
C GLY B 323 -0.69 21.08 -10.13
N LEU B 324 -1.72 21.29 -10.93
CA LEU B 324 -2.76 20.27 -11.15
C LEU B 324 -2.22 18.85 -11.13
N ASN B 325 -1.26 18.55 -11.98
CA ASN B 325 -0.63 17.26 -11.98
C ASN B 325 -0.40 16.82 -10.54
N ASN B 326 0.66 17.35 -9.92
CA ASN B 326 0.93 17.07 -8.51
C ASN B 326 -0.30 17.05 -7.60
N LEU B 327 -1.04 18.15 -7.54
CA LEU B 327 -2.26 18.18 -6.74
C LEU B 327 -3.10 16.93 -6.97
N THR B 328 -3.31 16.57 -8.23
CA THR B 328 -4.04 15.36 -8.51
C THR B 328 -3.33 14.14 -7.91
N LYS B 329 -2.05 13.98 -8.25
CA LYS B 329 -1.30 12.80 -7.83
C LYS B 329 -1.36 12.56 -6.34
N PHE B 330 -1.47 13.64 -5.58
CA PHE B 330 -1.49 13.57 -4.13
C PHE B 330 -2.91 13.35 -3.64
N SER B 331 -3.85 13.97 -4.33
CA SER B 331 -5.25 13.96 -3.92
C SER B 331 -5.77 12.55 -3.73
N GLN B 332 -5.10 11.57 -4.35
CA GLN B 332 -5.60 10.20 -4.34
C GLN B 332 -5.73 9.63 -2.94
N PHE B 333 -4.83 10.03 -2.06
CA PHE B 333 -4.77 9.44 -0.74
C PHE B 333 -5.91 9.87 0.17
N LEU B 334 -6.83 10.67 -0.36
CA LEU B 334 -8.08 10.95 0.32
C LEU B 334 -9.10 9.92 -0.12
N ASN B 335 -8.80 9.28 -1.25
CA ASN B 335 -9.71 8.33 -1.80
C ASN B 335 -9.31 6.91 -1.40
N LYS B 336 -8.16 6.46 -1.86
CA LYS B 336 -7.63 5.18 -1.44
C LYS B 336 -6.61 5.48 -0.36
N GLU B 337 -6.99 5.27 0.90
CA GLU B 337 -6.18 5.71 2.04
C GLU B 337 -4.71 5.41 1.85
N TYR B 338 -3.88 6.40 2.18
CA TYR B 338 -2.43 6.24 2.06
C TYR B 338 -1.92 5.00 2.80
N ASN B 339 -0.69 4.60 2.50
CA ASN B 339 -0.09 3.44 3.15
C ASN B 339 1.38 3.36 2.81
N PRO B 340 2.24 3.75 3.77
CA PRO B 340 3.67 3.99 3.60
C PRO B 340 4.41 2.74 3.17
N ILE B 341 4.11 1.63 3.82
CA ILE B 341 4.76 0.36 3.50
C ILE B 341 4.72 0.16 1.99
N THR B 342 3.51 0.21 1.45
CA THR B 342 3.32 0.08 0.01
C THR B 342 3.54 1.42 -0.73
N ASP B 343 2.57 2.33 -0.64
CA ASP B 343 2.55 3.57 -1.40
C ASP B 343 3.74 4.54 -1.19
N GLY B 344 4.83 4.07 -0.60
CA GLY B 344 5.97 4.93 -0.38
C GLY B 344 6.58 5.41 -1.68
N LYS B 345 6.44 4.61 -2.73
CA LYS B 345 7.04 4.91 -4.03
C LYS B 345 6.54 6.21 -4.63
N VAL B 346 5.24 6.47 -4.50
CA VAL B 346 4.63 7.65 -5.09
C VAL B 346 5.13 8.96 -4.48
N ILE B 347 5.34 8.97 -3.17
CA ILE B 347 5.65 10.22 -2.52
C ILE B 347 6.99 10.81 -2.96
N TYR B 348 7.91 9.93 -3.34
CA TYR B 348 9.18 10.39 -3.86
C TYR B 348 8.98 11.07 -5.22
N GLU B 349 7.93 10.68 -5.91
CA GLU B 349 7.59 11.26 -7.20
C GLU B 349 7.32 12.76 -7.09
N LEU B 350 6.65 13.18 -6.02
CA LEU B 350 6.32 14.59 -5.82
C LEU B 350 7.49 15.35 -5.20
N GLU B 351 8.43 14.60 -4.65
CA GLU B 351 9.58 15.20 -3.99
C GLU B 351 10.70 15.40 -5.00
N ASP B 352 10.52 16.36 -5.90
CA ASP B 352 11.54 16.71 -6.89
C ASP B 352 11.71 18.23 -6.99
N LEU C 4 -37.01 17.82 43.63
CA LEU C 4 -36.34 18.06 42.36
C LEU C 4 -34.98 18.74 42.56
N SER C 5 -34.98 19.85 43.30
CA SER C 5 -33.74 20.52 43.65
C SER C 5 -32.74 19.51 44.22
N LYS C 6 -33.25 18.37 44.65
CA LYS C 6 -32.41 17.32 45.20
C LYS C 6 -31.66 16.58 44.09
N LYS C 7 -32.19 16.63 42.87
CA LYS C 7 -31.46 16.12 41.71
C LYS C 7 -30.44 17.16 41.25
N TYR C 8 -30.89 18.39 41.14
CA TYR C 8 -30.02 19.52 40.82
C TYR C 8 -28.72 19.47 41.63
N LEU C 9 -28.83 19.54 42.96
CA LEU C 9 -27.64 19.45 43.81
C LEU C 9 -26.82 18.21 43.48
N ALA C 10 -27.48 17.07 43.29
CA ALA C 10 -26.78 15.85 42.95
C ALA C 10 -25.85 16.06 41.75
N LYS C 11 -26.32 16.82 40.77
CA LYS C 11 -25.53 17.08 39.57
C LYS C 11 -24.30 17.92 39.85
N VAL C 12 -24.49 19.10 40.43
CA VAL C 12 -23.37 20.01 40.66
C VAL C 12 -22.17 19.34 41.32
N LYS C 13 -22.41 18.51 42.32
CA LYS C 13 -21.31 17.73 42.87
C LYS C 13 -20.57 17.08 41.71
N GLU C 14 -21.31 16.40 40.83
CA GLU C 14 -20.70 15.68 39.72
C GLU C 14 -19.82 16.64 38.92
N ARG C 15 -20.44 17.72 38.45
CA ARG C 15 -19.74 18.73 37.66
C ARG C 15 -18.49 19.24 38.40
N HIS C 16 -18.70 19.78 39.59
CA HIS C 16 -17.61 20.28 40.39
C HIS C 16 -16.51 19.23 40.58
N GLU C 17 -16.88 18.02 40.95
CA GLU C 17 -15.92 16.95 41.21
C GLU C 17 -15.16 16.54 39.95
N LEU C 18 -15.88 16.39 38.84
CA LEU C 18 -15.25 16.08 37.56
C LEU C 18 -14.30 17.17 37.04
N LYS C 19 -14.67 18.44 37.21
CA LYS C 19 -13.79 19.56 36.91
C LYS C 19 -12.46 19.44 37.66
N GLU C 20 -12.53 19.39 38.99
CA GLU C 20 -11.32 19.25 39.80
C GLU C 20 -10.45 18.08 39.34
N PHE C 21 -11.09 16.97 38.98
CA PHE C 21 -10.34 15.82 38.49
C PHE C 21 -9.65 16.18 37.20
N ASN C 22 -10.41 16.66 36.23
CA ASN C 22 -9.80 17.01 34.97
C ASN C 22 -8.68 18.02 35.19
N ASN C 23 -8.93 18.98 36.08
CA ASN C 23 -7.92 19.98 36.44
C ASN C 23 -6.56 19.39 36.87
N SER C 24 -6.56 18.13 37.29
CA SER C 24 -5.41 17.58 37.95
C SER C 24 -4.70 16.56 37.10
N ILE C 25 -5.07 16.50 35.83
CA ILE C 25 -4.53 15.52 34.90
C ILE C 25 -3.70 16.20 33.84
N SER C 26 -2.73 15.50 33.28
CA SER C 26 -2.01 16.06 32.15
C SER C 26 -2.87 15.97 30.91
N ALA C 27 -3.53 17.07 30.57
CA ALA C 27 -4.32 17.15 29.34
C ALA C 27 -3.42 16.82 28.15
N GLN C 28 -2.14 17.13 28.26
CA GLN C 28 -1.18 16.86 27.19
C GLN C 28 -0.69 15.41 27.13
N ASP C 29 -0.69 14.72 28.26
CA ASP C 29 -0.20 13.35 28.29
C ASP C 29 -1.34 12.34 28.37
N ASN C 30 -2.56 12.86 28.52
CA ASN C 30 -3.76 12.02 28.55
C ASN C 30 -4.87 12.68 27.75
N TYR C 31 -4.52 13.10 26.53
CA TYR C 31 -5.43 13.88 25.71
C TYR C 31 -6.84 13.30 25.54
N ALA C 32 -6.92 12.00 25.25
CA ALA C 32 -8.19 11.35 24.98
C ALA C 32 -9.08 11.55 26.18
N LYS C 33 -8.54 11.18 27.35
CA LYS C 33 -9.25 11.22 28.62
C LYS C 33 -9.63 12.64 28.97
N TRP C 34 -8.65 13.52 28.93
CA TRP C 34 -8.95 14.91 29.20
C TRP C 34 -10.16 15.42 28.40
N THR C 35 -10.24 15.08 27.12
CA THR C 35 -11.31 15.62 26.30
C THR C 35 -12.67 15.03 26.64
N LYS C 36 -12.77 13.71 26.65
CA LYS C 36 -14.04 13.09 26.95
C LYS C 36 -14.53 13.72 28.24
N ASN C 37 -13.62 13.91 29.20
CA ASN C 37 -14.02 14.49 30.46
C ASN C 37 -14.56 15.90 30.27
N ASN C 38 -13.97 16.62 29.32
CA ASN C 38 -14.39 17.99 29.06
C ASN C 38 -15.72 17.97 28.39
N ARG C 39 -15.90 17.03 27.46
CA ARG C 39 -17.18 16.90 26.79
C ARG C 39 -18.20 16.70 27.89
N LYS C 40 -18.04 15.62 28.64
CA LYS C 40 -18.94 15.32 29.76
C LYS C 40 -19.15 16.56 30.60
N LEU C 41 -18.06 17.24 30.96
CA LEU C 41 -18.18 18.48 31.72
C LEU C 41 -19.18 19.43 31.07
N ASP C 42 -19.00 19.68 29.78
CA ASP C 42 -19.91 20.57 29.05
C ASP C 42 -21.32 20.02 29.10
N SER C 43 -21.45 18.71 28.96
CA SER C 43 -22.76 18.06 29.02
C SER C 43 -23.52 18.46 30.29
N LEU C 44 -22.88 18.32 31.44
CA LEU C 44 -23.52 18.64 32.70
C LEU C 44 -23.92 20.10 32.82
N ASP C 45 -23.16 21.00 32.19
CA ASP C 45 -23.49 22.42 32.28
C ASP C 45 -24.87 22.70 31.72
N LYS C 46 -25.22 21.98 30.67
CA LYS C 46 -26.48 22.20 29.98
C LYS C 46 -27.65 21.48 30.65
N GLU C 47 -27.39 20.31 31.23
CA GLU C 47 -28.44 19.59 31.97
C GLU C 47 -28.86 20.40 33.17
N ILE C 48 -27.92 21.17 33.71
CA ILE C 48 -28.20 21.98 34.88
C ILE C 48 -29.19 23.09 34.57
N ASN C 49 -28.86 23.96 33.63
CA ASN C 49 -29.72 25.09 33.31
C ASN C 49 -31.15 24.68 32.97
N ASN C 50 -31.31 23.56 32.28
CA ASN C 50 -32.64 23.00 32.07
C ASN C 50 -33.33 22.84 33.42
N LEU C 51 -32.58 22.36 34.40
CA LEU C 51 -33.07 22.26 35.78
C LEU C 51 -33.33 23.64 36.35
N LYS C 52 -32.25 24.38 36.58
CA LYS C 52 -32.34 25.73 37.13
C LYS C 52 -33.61 26.45 36.69
N ASP C 53 -33.84 26.50 35.38
CA ASP C 53 -34.97 27.24 34.82
C ASP C 53 -36.34 26.70 35.27
N GLU C 54 -36.44 25.38 35.44
CA GLU C 54 -37.65 24.80 36.00
C GLU C 54 -37.86 25.42 37.37
N ILE C 55 -36.88 25.20 38.23
CA ILE C 55 -36.86 25.75 39.58
C ILE C 55 -37.16 27.26 39.60
N GLN C 56 -36.91 27.92 38.49
CA GLN C 56 -37.14 29.36 38.40
C GLN C 56 -38.62 29.72 38.59
N SER C 57 -39.48 28.71 38.49
CA SER C 57 -40.91 28.93 38.60
C SER C 57 -41.42 28.79 40.04
N LEU D 4 -11.77 70.69 -2.91
CA LEU D 4 -11.39 69.67 -1.95
C LEU D 4 -11.77 68.28 -2.45
N SER D 5 -13.02 68.11 -2.85
CA SER D 5 -13.49 66.86 -3.44
C SER D 5 -12.54 66.44 -4.57
N LYS D 6 -11.76 67.40 -5.06
CA LYS D 6 -10.80 67.13 -6.11
C LYS D 6 -9.57 66.41 -5.58
N LYS D 7 -9.31 66.55 -4.29
CA LYS D 7 -8.27 65.74 -3.65
C LYS D 7 -8.82 64.36 -3.33
N TYR D 8 -10.01 64.32 -2.75
CA TYR D 8 -10.71 63.06 -2.49
C TYR D 8 -10.67 62.14 -3.70
N LEU D 9 -11.21 62.58 -4.83
CA LEU D 9 -11.17 61.76 -6.05
C LEU D 9 -9.75 61.32 -6.35
N ALA D 10 -8.80 62.24 -6.25
CA ALA D 10 -7.41 61.93 -6.51
C ALA D 10 -6.96 60.69 -5.72
N LYS D 11 -7.42 60.60 -4.48
CA LYS D 11 -7.05 59.48 -3.61
C LYS D 11 -7.62 58.15 -4.09
N VAL D 12 -8.95 58.11 -4.25
CA VAL D 12 -9.59 56.85 -4.62
C VAL D 12 -8.95 56.15 -5.82
N LYS D 13 -8.58 56.91 -6.85
CA LYS D 13 -7.81 56.33 -7.94
C LYS D 13 -6.63 55.56 -7.36
N GLU D 14 -5.86 56.21 -6.48
CA GLU D 14 -4.69 55.58 -5.86
C GLU D 14 -5.08 54.26 -5.20
N ARG D 15 -6.03 54.35 -4.26
CA ARG D 15 -6.53 53.16 -3.56
C ARG D 15 -6.97 52.09 -4.56
N HIS D 16 -7.91 52.44 -5.43
CA HIS D 16 -8.41 51.49 -6.41
C HIS D 16 -7.30 50.89 -7.25
N GLU D 17 -6.40 51.73 -7.75
CA GLU D 17 -5.30 51.28 -8.59
C GLU D 17 -4.33 50.38 -7.83
N LEU D 18 -3.97 50.78 -6.61
CA LEU D 18 -3.07 49.99 -5.79
C LEU D 18 -3.66 48.63 -5.37
N LYS D 19 -4.96 48.60 -5.09
CA LYS D 19 -5.68 47.34 -4.86
C LYS D 19 -5.55 46.36 -6.04
N GLU D 20 -5.97 46.80 -7.22
CA GLU D 20 -5.83 45.98 -8.43
C GLU D 20 -4.39 45.49 -8.65
N PHE D 21 -3.42 46.35 -8.40
CA PHE D 21 -2.04 45.91 -8.50
C PHE D 21 -1.76 44.80 -7.48
N ASN D 22 -2.06 45.04 -6.22
CA ASN D 22 -1.76 44.04 -5.22
C ASN D 22 -2.54 42.77 -5.56
N ASN D 23 -3.76 42.94 -6.04
CA ASN D 23 -4.55 41.78 -6.47
C ASN D 23 -3.85 40.88 -7.47
N SER D 24 -2.88 41.41 -8.19
CA SER D 24 -2.34 40.71 -9.33
C SER D 24 -0.96 40.18 -9.07
N ILE D 25 -0.53 40.25 -7.80
CA ILE D 25 0.80 39.80 -7.40
C ILE D 25 0.78 38.51 -6.58
N SER D 26 1.81 37.68 -6.67
CA SER D 26 1.87 36.55 -5.76
C SER D 26 2.18 37.03 -4.36
N ALA D 27 1.14 37.19 -3.54
CA ALA D 27 1.34 37.54 -2.15
C ALA D 27 2.27 36.52 -1.47
N GLN D 28 2.29 35.29 -1.99
CA GLN D 28 3.11 34.24 -1.41
C GLN D 28 4.55 34.23 -1.88
N ASP D 29 4.78 34.75 -3.08
CA ASP D 29 6.13 34.77 -3.63
C ASP D 29 6.74 36.16 -3.53
N ASN D 30 5.94 37.13 -3.11
CA ASN D 30 6.40 38.48 -2.92
C ASN D 30 5.86 39.05 -1.62
N TYR D 31 6.02 38.29 -0.54
CA TYR D 31 5.39 38.64 0.74
C TYR D 31 5.64 40.06 1.21
N ALA D 32 6.91 40.48 1.16
CA ALA D 32 7.29 41.76 1.72
C ALA D 32 6.46 42.81 1.02
N LYS D 33 6.56 42.81 -0.31
CA LYS D 33 5.87 43.76 -1.20
C LYS D 33 4.36 43.76 -1.02
N TRP D 34 3.76 42.58 -1.13
CA TRP D 34 2.34 42.45 -0.89
C TRP D 34 1.90 43.14 0.39
N THR D 35 2.69 43.01 1.47
CA THR D 35 2.22 43.54 2.74
C THR D 35 2.32 45.05 2.80
N LYS D 36 3.51 45.57 2.52
CA LYS D 36 3.66 47.01 2.49
C LYS D 36 2.51 47.58 1.70
N ASN D 37 2.22 46.99 0.54
CA ASN D 37 1.12 47.50 -0.28
C ASN D 37 -0.20 47.42 0.46
N ASN D 38 -0.37 46.39 1.28
CA ASN D 38 -1.61 46.23 2.02
C ASN D 38 -1.67 47.29 3.09
N ARG D 39 -0.54 47.50 3.76
CA ARG D 39 -0.48 48.53 4.78
C ARG D 39 -0.92 49.82 4.12
N LYS D 40 -0.16 50.24 3.10
CA LYS D 40 -0.49 51.46 2.36
C LYS D 40 -1.97 51.47 1.99
N LEU D 41 -2.44 50.35 1.44
CA LEU D 41 -3.86 50.25 1.12
C LEU D 41 -4.73 50.64 2.31
N ASP D 42 -4.48 50.05 3.46
CA ASP D 42 -5.23 50.39 4.66
C ASP D 42 -5.07 51.87 4.97
N SER D 43 -3.85 52.38 4.81
CA SER D 43 -3.60 53.79 5.08
C SER D 43 -4.59 54.68 4.34
N LEU D 44 -4.71 54.48 3.03
CA LEU D 44 -5.60 55.30 2.22
C LEU D 44 -7.06 55.21 2.62
N ASP D 45 -7.47 54.05 3.11
CA ASP D 45 -8.87 53.89 3.53
C ASP D 45 -9.24 54.90 4.60
N LYS D 46 -8.29 55.17 5.49
CA LYS D 46 -8.54 56.05 6.63
C LYS D 46 -8.38 57.52 6.27
N GLU D 47 -7.47 57.82 5.36
CA GLU D 47 -7.32 59.20 4.89
C GLU D 47 -8.57 59.63 4.17
N ILE D 48 -9.24 58.68 3.56
CA ILE D 48 -10.45 58.98 2.81
C ILE D 48 -11.57 59.44 3.72
N ASN D 49 -11.96 58.60 4.68
CA ASN D 49 -13.08 58.92 5.56
C ASN D 49 -12.91 60.24 6.27
N ASN D 50 -11.69 60.58 6.66
CA ASN D 50 -11.42 61.90 7.19
C ASN D 50 -11.92 62.94 6.19
N LEU D 51 -11.64 62.69 4.91
CA LEU D 51 -12.15 63.54 3.84
C LEU D 51 -13.66 63.47 3.77
N LYS D 52 -14.16 62.31 3.36
CA LYS D 52 -15.60 62.10 3.24
C LYS D 52 -16.40 62.87 4.28
N ASP D 53 -16.03 62.72 5.55
CA ASP D 53 -16.77 63.34 6.65
C ASP D 53 -16.75 64.87 6.61
N GLU D 54 -15.64 65.44 6.16
CA GLU D 54 -15.58 66.89 5.94
C GLU D 54 -16.68 67.24 4.94
N ILE D 55 -16.56 66.65 3.76
CA ILE D 55 -17.53 66.82 2.69
C ILE D 55 -18.96 66.60 3.15
N GLN D 56 -19.13 65.85 4.24
CA GLN D 56 -20.45 65.55 4.77
C GLN D 56 -21.17 66.82 5.22
N SER D 57 -20.43 67.91 5.36
CA SER D 57 -20.99 69.16 5.84
C SER D 57 -21.49 70.06 4.69
N THR E 4 30.16 -11.45 -17.05
CA THR E 4 30.42 -12.86 -16.73
C THR E 4 30.07 -13.17 -15.28
N VAL E 5 28.79 -13.39 -14.96
CA VAL E 5 28.46 -13.64 -13.57
C VAL E 5 28.85 -15.05 -13.14
N GLU E 6 29.69 -15.10 -12.11
CA GLU E 6 30.14 -16.35 -11.52
C GLU E 6 29.11 -17.47 -11.69
N PRO E 7 29.55 -18.61 -12.24
CA PRO E 7 28.72 -19.77 -12.54
C PRO E 7 28.56 -20.63 -11.28
N ASN E 8 28.26 -19.99 -10.16
CA ASN E 8 28.06 -20.71 -8.93
C ASN E 8 27.10 -19.95 -8.04
N LEU E 9 26.91 -20.47 -6.82
CA LEU E 9 26.03 -19.85 -5.86
C LEU E 9 26.79 -19.30 -4.69
N HIS E 10 28.07 -18.98 -4.90
CA HIS E 10 28.90 -18.54 -3.79
C HIS E 10 28.43 -17.21 -3.18
N SER E 11 27.93 -16.30 -3.99
CA SER E 11 27.35 -15.07 -3.46
C SER E 11 26.28 -15.40 -2.42
N LEU E 12 25.39 -16.32 -2.76
CA LEU E 12 24.26 -16.64 -1.91
C LEU E 12 24.66 -17.53 -0.75
N ILE E 13 25.46 -18.56 -1.01
CA ILE E 13 25.83 -19.46 0.08
C ILE E 13 26.59 -18.71 1.16
N THR E 14 27.02 -17.48 0.88
CA THR E 14 27.67 -16.66 1.90
C THR E 14 26.94 -15.36 2.23
N SER E 15 25.82 -15.10 1.56
CA SER E 15 25.02 -13.92 1.87
C SER E 15 24.89 -13.74 3.38
N THR E 16 24.73 -12.48 3.80
CA THR E 16 24.60 -12.16 5.22
C THR E 16 23.37 -11.28 5.43
N THR E 17 22.41 -11.43 4.53
CA THR E 17 21.21 -10.62 4.56
C THR E 17 19.95 -11.42 4.24
N HIS E 18 20.12 -12.60 3.63
CA HIS E 18 18.97 -13.35 3.15
C HIS E 18 18.24 -14.12 4.24
N LYS E 19 16.92 -13.94 4.33
CA LYS E 19 16.12 -14.60 5.35
C LYS E 19 15.30 -15.72 4.73
N TRP E 20 14.96 -15.55 3.46
CA TRP E 20 14.08 -16.48 2.76
C TRP E 20 14.64 -16.87 1.39
N ILE E 21 14.89 -18.15 1.19
CA ILE E 21 15.38 -18.61 -0.10
C ILE E 21 14.48 -19.67 -0.68
N PHE E 22 13.67 -19.32 -1.66
CA PHE E 22 12.82 -20.31 -2.30
C PHE E 22 13.56 -21.11 -3.35
N VAL E 23 13.22 -22.38 -3.48
CA VAL E 23 13.84 -23.23 -4.46
C VAL E 23 12.74 -24.02 -5.17
N GLY E 24 12.61 -23.81 -6.47
CA GLY E 24 11.51 -24.38 -7.22
C GLY E 24 11.90 -24.82 -8.60
N GLY E 25 10.96 -25.45 -9.29
CA GLY E 25 11.20 -26.04 -10.59
C GLY E 25 10.43 -27.32 -10.69
N LYS E 26 9.64 -27.46 -11.75
CA LYS E 26 8.80 -28.62 -11.94
C LYS E 26 9.56 -29.70 -12.69
N GLY E 27 9.06 -30.93 -12.63
CA GLY E 27 9.64 -32.02 -13.37
C GLY E 27 10.52 -32.84 -12.47
N GLY E 28 11.05 -33.93 -12.96
CA GLY E 28 12.06 -34.67 -12.24
C GLY E 28 13.40 -34.03 -12.52
N VAL E 29 13.76 -33.04 -11.71
CA VAL E 29 14.90 -32.21 -12.02
C VAL E 29 15.94 -32.20 -10.92
N GLY E 30 16.08 -33.32 -10.23
CA GLY E 30 17.06 -33.42 -9.16
C GLY E 30 17.00 -32.22 -8.21
N LYS E 31 15.81 -31.68 -8.02
CA LYS E 31 15.64 -30.47 -7.26
C LYS E 31 15.77 -30.69 -5.78
N THR E 32 15.23 -31.80 -5.29
CA THR E 32 15.28 -32.05 -3.84
C THR E 32 16.71 -32.16 -3.37
N THR E 33 17.60 -32.63 -4.25
CA THR E 33 19.01 -32.66 -3.91
C THR E 33 19.56 -31.25 -3.99
N SER E 34 18.88 -30.40 -4.74
CA SER E 34 19.37 -29.04 -4.80
C SER E 34 18.99 -28.30 -3.53
N SER E 35 17.74 -28.41 -3.10
CA SER E 35 17.35 -27.75 -1.87
C SER E 35 18.32 -28.10 -0.76
N CYS E 36 18.57 -29.40 -0.58
CA CYS E 36 19.45 -29.90 0.49
C CYS E 36 20.89 -29.42 0.38
N SER E 37 21.47 -29.55 -0.80
CA SER E 37 22.82 -29.05 -1.06
C SER E 37 22.97 -27.60 -0.60
N ILE E 38 22.16 -26.71 -1.15
CA ILE E 38 22.19 -25.32 -0.72
C ILE E 38 22.10 -25.16 0.82
N ALA E 39 21.11 -25.80 1.43
CA ALA E 39 20.92 -25.70 2.88
C ALA E 39 22.18 -26.17 3.58
N ILE E 40 22.66 -27.34 3.22
CA ILE E 40 23.90 -27.81 3.82
C ILE E 40 25.01 -26.80 3.67
N GLN E 41 25.13 -26.22 2.49
CA GLN E 41 26.27 -25.39 2.16
C GLN E 41 26.35 -24.09 2.97
N MET E 42 25.22 -23.43 3.15
CA MET E 42 25.17 -22.24 3.99
C MET E 42 25.55 -22.63 5.41
N ALA E 43 24.97 -23.71 5.93
CA ALA E 43 25.24 -24.13 7.29
C ALA E 43 26.73 -24.27 7.53
N LEU E 44 27.48 -24.71 6.52
CA LEU E 44 28.93 -24.83 6.69
C LEU E 44 29.70 -23.53 6.49
N SER E 45 29.01 -22.46 6.10
CA SER E 45 29.68 -21.21 5.77
C SER E 45 29.13 -20.07 6.61
N GLN E 46 28.40 -20.42 7.67
CA GLN E 46 27.82 -19.43 8.57
C GLN E 46 27.40 -20.10 9.86
N PRO E 47 28.34 -20.78 10.54
CA PRO E 47 27.96 -21.62 11.69
C PRO E 47 27.26 -20.83 12.76
N ASN E 48 27.72 -19.60 13.03
CA ASN E 48 27.07 -18.74 14.01
C ASN E 48 25.69 -18.31 13.58
N LYS E 49 25.19 -18.98 12.53
CA LYS E 49 23.85 -18.77 12.02
C LYS E 49 23.07 -20.07 11.95
N GLN E 50 21.75 -19.96 12.09
CA GLN E 50 20.86 -21.10 12.13
C GLN E 50 20.01 -21.18 10.87
N PHE E 51 20.08 -22.33 10.19
CA PHE E 51 19.31 -22.54 8.97
C PHE E 51 18.19 -23.55 9.12
N LEU E 52 17.06 -23.27 8.46
CA LEU E 52 15.91 -24.15 8.45
C LEU E 52 15.45 -24.44 7.02
N LEU E 53 15.40 -25.73 6.68
CA LEU E 53 14.97 -26.20 5.37
C LEU E 53 13.61 -26.84 5.50
N ILE E 54 12.56 -26.23 4.98
CA ILE E 54 11.27 -26.90 5.14
C ILE E 54 10.63 -27.33 3.85
N SER E 55 9.78 -28.36 3.96
CA SER E 55 9.14 -28.97 2.80
C SER E 55 7.68 -29.19 3.10
N THR E 56 6.83 -28.93 2.13
CA THR E 56 5.43 -29.23 2.33
C THR E 56 5.01 -30.40 1.46
N ASP E 57 6.00 -31.05 0.88
CA ASP E 57 5.78 -32.17 0.02
C ASP E 57 5.19 -33.27 0.86
N PRO E 58 3.99 -33.73 0.53
CA PRO E 58 3.33 -34.66 1.46
C PRO E 58 3.95 -36.04 1.42
N ALA E 59 4.98 -36.26 0.60
CA ALA E 59 5.66 -37.55 0.57
C ALA E 59 6.99 -37.49 1.28
N HIS E 60 7.16 -36.47 2.11
CA HIS E 60 8.32 -36.35 2.99
C HIS E 60 9.62 -36.72 2.29
N ASN E 61 9.97 -35.86 1.32
CA ASN E 61 11.16 -36.02 0.50
C ASN E 61 12.41 -35.65 1.25
N LEU E 62 12.28 -34.71 2.17
CA LEU E 62 13.42 -34.36 2.98
C LEU E 62 13.87 -35.57 3.75
N SER E 63 12.96 -36.34 4.32
CA SER E 63 13.40 -37.54 5.04
C SER E 63 14.09 -38.49 4.08
N ASP E 64 13.44 -38.73 2.94
CA ASP E 64 14.00 -39.58 1.92
C ASP E 64 15.43 -39.17 1.60
N ALA E 65 15.62 -37.92 1.15
CA ALA E 65 16.94 -37.40 0.83
C ALA E 65 17.98 -37.61 1.93
N PHE E 66 17.59 -37.41 3.19
CA PHE E 66 18.53 -37.52 4.30
C PHE E 66 18.68 -38.93 4.82
N GLY E 67 17.68 -39.77 4.58
CA GLY E 67 17.70 -41.13 5.09
C GLY E 67 17.57 -41.12 6.60
N GLU E 68 16.72 -40.24 7.10
CA GLU E 68 16.44 -40.06 8.52
C GLU E 68 15.04 -39.47 8.58
N LYS E 69 14.29 -39.63 9.67
CA LYS E 69 12.86 -39.28 9.58
C LYS E 69 12.40 -38.01 10.30
N PHE E 70 12.32 -36.89 9.57
CA PHE E 70 11.92 -35.61 10.16
C PHE E 70 10.41 -35.54 10.39
N GLY E 71 9.91 -34.38 10.82
CA GLY E 71 8.50 -34.24 11.13
C GLY E 71 7.96 -32.82 11.26
N LYS E 72 6.78 -32.69 11.85
CA LYS E 72 6.10 -31.40 11.96
C LYS E 72 6.81 -30.37 12.83
N ASP E 73 7.75 -30.85 13.65
CA ASP E 73 8.45 -29.95 14.58
C ASP E 73 9.93 -29.83 14.25
N ALA E 74 10.32 -28.63 13.85
CA ALA E 74 11.71 -28.28 13.62
C ALA E 74 12.66 -29.17 14.41
N ARG E 75 13.60 -29.79 13.71
CA ARG E 75 14.57 -30.67 14.34
C ARG E 75 15.88 -30.67 13.52
N LYS E 76 17.00 -31.00 14.17
CA LYS E 76 18.29 -30.90 13.50
C LYS E 76 18.65 -32.12 12.67
N VAL E 77 19.39 -31.91 11.60
CA VAL E 77 19.91 -33.00 10.80
C VAL E 77 20.98 -33.69 11.59
N THR E 78 20.88 -35.01 11.72
CA THR E 78 21.91 -35.74 12.42
C THR E 78 23.22 -35.53 11.70
N GLY E 79 24.14 -34.84 12.33
CA GLY E 79 25.48 -34.72 11.79
C GLY E 79 25.81 -33.25 11.70
N MET E 80 24.87 -32.42 12.14
CA MET E 80 25.00 -30.98 11.99
C MET E 80 24.31 -30.30 13.17
N ASN E 81 24.63 -29.03 13.41
CA ASN E 81 24.07 -28.29 14.54
C ASN E 81 23.46 -26.93 14.22
N ASN E 82 23.49 -26.53 12.96
CA ASN E 82 22.80 -25.31 12.57
C ASN E 82 21.79 -25.52 11.45
N LEU E 83 21.71 -26.74 10.93
CA LEU E 83 20.79 -27.08 9.86
C LEU E 83 19.61 -27.87 10.39
N SER E 84 18.41 -27.30 10.30
CA SER E 84 17.23 -27.99 10.76
C SER E 84 16.24 -28.24 9.62
N CYS E 85 15.73 -29.46 9.55
CA CYS E 85 14.77 -29.81 8.53
C CYS E 85 13.41 -29.82 9.16
N MET E 86 12.40 -29.47 8.38
CA MET E 86 11.03 -29.62 8.84
C MET E 86 10.10 -30.04 7.70
N GLU E 87 9.21 -30.98 7.99
CA GLU E 87 8.27 -31.45 6.97
C GLU E 87 6.87 -31.30 7.52
N ILE E 88 6.02 -30.60 6.79
CA ILE E 88 4.69 -30.28 7.29
C ILE E 88 3.72 -30.25 6.15
N ASP E 89 2.45 -30.08 6.46
CA ASP E 89 1.42 -30.09 5.44
C ASP E 89 0.35 -29.04 5.70
N PRO E 90 0.42 -27.93 4.97
CA PRO E 90 -0.48 -26.79 5.16
C PRO E 90 -1.91 -27.22 4.99
N SER E 91 -2.21 -27.87 3.87
CA SER E 91 -3.56 -28.27 3.53
C SER E 91 -4.28 -28.89 4.72
N ALA E 92 -3.56 -29.70 5.49
CA ALA E 92 -4.13 -30.31 6.68
C ALA E 92 -4.51 -29.26 7.72
N ALA E 93 -3.49 -28.63 8.29
CA ALA E 93 -3.69 -27.62 9.34
C ALA E 93 -4.70 -26.57 8.94
N LEU E 94 -4.85 -26.37 7.63
CA LEU E 94 -5.77 -25.39 7.11
C LEU E 94 -7.19 -25.93 7.17
N GLY E 131 -16.01 -18.52 -2.27
CA GLY E 131 -14.78 -17.76 -2.31
C GLY E 131 -13.71 -18.44 -3.14
N SER E 132 -14.09 -18.86 -4.34
CA SER E 132 -13.16 -19.53 -5.24
C SER E 132 -12.26 -18.54 -5.97
N ILE E 133 -11.98 -17.41 -5.33
CA ILE E 133 -11.11 -16.38 -5.86
C ILE E 133 -9.68 -16.90 -6.07
N PRO E 134 -8.96 -16.35 -7.05
CA PRO E 134 -7.53 -16.67 -7.24
C PRO E 134 -6.62 -15.94 -6.26
N GLY E 135 -5.95 -16.70 -5.40
CA GLY E 135 -5.03 -16.15 -4.43
C GLY E 135 -5.29 -16.65 -3.01
N ILE E 136 -6.57 -16.68 -2.65
CA ILE E 136 -7.00 -17.07 -1.31
C ILE E 136 -6.30 -18.32 -0.81
N ASP E 137 -6.70 -19.47 -1.34
CA ASP E 137 -6.16 -20.75 -0.88
C ASP E 137 -4.67 -20.64 -0.61
N GLU E 138 -3.92 -20.23 -1.63
CA GLU E 138 -2.46 -20.15 -1.53
C GLU E 138 -2.03 -19.26 -0.38
N ALA E 139 -2.65 -18.09 -0.26
CA ALA E 139 -2.32 -17.13 0.78
C ALA E 139 -2.44 -17.72 2.18
N LEU E 140 -3.65 -18.15 2.55
CA LEU E 140 -3.87 -18.76 3.87
C LEU E 140 -2.91 -19.91 4.12
N SER E 141 -2.76 -20.78 3.13
CA SER E 141 -1.83 -21.89 3.19
C SER E 141 -0.51 -21.38 3.70
N PHE E 142 0.18 -20.59 2.88
CA PHE E 142 1.47 -20.05 3.26
C PHE E 142 1.39 -19.39 4.61
N MET E 143 0.54 -18.37 4.71
CA MET E 143 0.27 -17.70 5.97
C MET E 143 0.47 -18.67 7.14
N GLU E 144 -0.28 -19.77 7.08
CA GLU E 144 -0.31 -20.73 8.19
C GLU E 144 1.05 -21.33 8.46
N VAL E 145 1.80 -21.62 7.39
CA VAL E 145 3.16 -22.06 7.56
C VAL E 145 3.98 -21.05 8.35
N MET E 146 3.83 -19.77 8.01
CA MET E 146 4.61 -18.74 8.69
C MET E 146 4.33 -18.79 10.18
N LYS E 147 3.05 -18.63 10.52
CA LYS E 147 2.61 -18.81 11.90
C LYS E 147 3.36 -19.99 12.51
N HIS E 148 3.15 -21.17 11.92
CA HIS E 148 3.74 -22.41 12.40
C HIS E 148 5.27 -22.42 12.45
N ILE E 149 5.92 -21.62 11.64
CA ILE E 149 7.36 -21.54 11.73
C ILE E 149 7.74 -20.78 13.00
N LYS E 150 7.03 -19.69 13.27
CA LYS E 150 7.31 -18.91 14.47
C LYS E 150 7.08 -19.74 15.73
N ARG E 151 6.07 -20.60 15.70
CA ARG E 151 5.80 -21.46 16.83
C ARG E 151 7.05 -22.27 17.15
N GLN E 152 7.63 -22.89 16.12
CA GLN E 152 8.84 -23.67 16.30
C GLN E 152 9.98 -22.83 16.85
N GLU E 153 9.80 -21.50 16.84
CA GLU E 153 10.84 -20.59 17.28
C GLU E 153 10.65 -20.16 18.73
N GLN E 154 9.45 -19.66 19.04
CA GLN E 154 9.17 -19.19 20.39
C GLN E 154 9.18 -20.32 21.39
N GLY E 155 8.25 -21.25 21.24
CA GLY E 155 8.16 -22.40 22.13
C GLY E 155 9.52 -23.03 22.36
N GLU E 156 10.41 -22.86 21.40
CA GLU E 156 11.77 -23.39 21.51
C GLU E 156 12.63 -22.52 22.41
N GLY E 157 12.92 -21.31 21.97
CA GLY E 157 13.79 -20.40 22.69
C GLY E 157 14.91 -19.90 21.79
N GLU E 158 15.28 -20.73 20.81
CA GLU E 158 16.26 -20.36 19.81
C GLU E 158 15.55 -20.10 18.48
N THR E 159 16.11 -19.23 17.65
CA THR E 159 15.42 -18.78 16.46
C THR E 159 16.21 -19.03 15.18
N PHE E 160 15.50 -19.03 14.05
CA PHE E 160 16.09 -19.34 12.74
C PHE E 160 16.49 -18.10 11.98
N ASP E 161 17.73 -18.09 11.50
CA ASP E 161 18.24 -16.96 10.72
C ASP E 161 17.68 -16.92 9.31
N THR E 162 17.88 -18.02 8.60
CA THR E 162 17.61 -18.09 7.18
C THR E 162 16.93 -19.41 6.82
N VAL E 163 15.69 -19.36 6.33
CA VAL E 163 14.98 -20.57 5.98
C VAL E 163 14.96 -20.77 4.48
N ILE E 164 15.11 -22.03 4.07
CA ILE E 164 15.08 -22.40 2.65
C ILE E 164 13.83 -23.22 2.30
N PHE E 165 13.02 -22.68 1.41
CA PHE E 165 11.76 -23.32 1.03
C PHE E 165 11.89 -24.29 -0.14
N ASP E 166 11.79 -25.58 0.12
CA ASP E 166 11.77 -26.51 -0.97
C ASP E 166 10.33 -26.53 -1.44
N THR E 167 10.08 -25.89 -2.58
CA THR E 167 8.70 -25.71 -3.03
C THR E 167 8.10 -27.02 -3.48
N ALA E 168 6.78 -27.14 -3.31
CA ALA E 168 6.04 -28.38 -3.55
C ALA E 168 6.14 -28.92 -4.98
N PRO E 169 6.00 -30.23 -5.11
CA PRO E 169 6.04 -30.87 -6.43
C PRO E 169 4.91 -30.36 -7.31
N THR E 170 3.79 -29.95 -6.73
CA THR E 170 2.76 -29.23 -7.47
C THR E 170 3.08 -27.77 -7.64
N GLY E 171 4.32 -27.38 -7.31
CA GLY E 171 4.77 -26.02 -7.52
C GLY E 171 4.39 -25.01 -6.44
N HIS E 172 5.07 -23.86 -6.47
CA HIS E 172 4.99 -22.83 -5.43
C HIS E 172 3.63 -22.16 -5.25
N THR E 173 3.14 -22.12 -4.02
CA THR E 173 1.89 -21.42 -3.74
C THR E 173 2.15 -19.92 -3.80
N LEU E 174 3.06 -19.51 -4.66
CA LEU E 174 3.62 -18.16 -4.60
C LEU E 174 2.78 -17.11 -5.33
N ARG E 175 1.75 -17.56 -6.02
CA ARG E 175 0.82 -16.67 -6.68
C ARG E 175 0.27 -15.66 -5.69
N PHE E 176 0.17 -16.08 -4.45
CA PHE E 176 -0.55 -15.31 -3.45
C PHE E 176 -0.05 -13.89 -3.27
N LEU E 177 1.16 -13.57 -3.73
CA LEU E 177 1.65 -12.22 -3.47
C LEU E 177 1.33 -11.21 -4.55
N GLN E 178 0.34 -11.53 -5.38
CA GLN E 178 -0.24 -10.55 -6.28
C GLN E 178 -1.69 -10.35 -5.90
N LEU E 179 -2.04 -10.77 -4.68
CA LEU E 179 -3.41 -10.73 -4.21
C LEU E 179 -3.93 -9.32 -3.93
N PRO E 180 -3.17 -8.52 -3.16
CA PRO E 180 -3.55 -7.15 -2.86
C PRO E 180 -4.27 -6.46 -4.03
N ASN E 181 -3.66 -6.50 -5.21
CA ASN E 181 -4.23 -5.86 -6.40
C ASN E 181 -5.59 -6.43 -6.76
N THR E 182 -5.59 -7.59 -7.41
CA THR E 182 -6.85 -8.21 -7.85
C THR E 182 -7.87 -8.30 -6.72
N LEU E 183 -7.42 -8.12 -5.48
CA LEU E 183 -8.31 -8.16 -4.33
C LEU E 183 -9.05 -6.83 -4.15
N SER E 184 -8.54 -5.79 -4.79
CA SER E 184 -9.09 -4.44 -4.69
C SER E 184 -10.61 -4.39 -4.68
N LYS E 185 -11.19 -4.33 -3.48
CA LYS E 185 -12.64 -4.17 -3.28
C LYS E 185 -13.11 -4.88 -2.01
N GLY E 214 -14.73 -7.26 7.27
CA GLY E 214 -13.84 -6.81 8.32
C GLY E 214 -12.67 -7.74 8.50
N LYS E 215 -12.89 -9.02 8.22
CA LYS E 215 -11.81 -10.01 8.30
C LYS E 215 -10.98 -9.97 7.02
N LEU E 216 -11.50 -9.27 6.02
CA LEU E 216 -10.83 -9.16 4.72
C LEU E 216 -9.47 -8.49 4.83
N ASN E 217 -9.46 -7.23 5.27
CA ASN E 217 -8.22 -6.48 5.47
C ASN E 217 -7.29 -7.22 6.41
N GLU E 218 -7.86 -7.83 7.44
CA GLU E 218 -7.10 -8.65 8.38
C GLU E 218 -6.12 -9.54 7.63
N LEU E 219 -6.49 -9.96 6.44
CA LEU E 219 -5.63 -10.79 5.60
C LEU E 219 -4.73 -9.93 4.73
N LYS E 220 -5.34 -9.17 3.84
CA LYS E 220 -4.60 -8.33 2.91
C LYS E 220 -3.46 -7.58 3.60
N ALA E 221 -3.73 -7.07 4.80
CA ALA E 221 -2.70 -6.41 5.59
C ALA E 221 -1.52 -7.33 5.85
N ASN E 222 -1.81 -8.54 6.33
CA ASN E 222 -0.77 -9.54 6.57
C ASN E 222 0.03 -9.80 5.31
N VAL E 223 -0.69 -10.11 4.24
CA VAL E 223 -0.09 -10.39 2.95
C VAL E 223 0.91 -9.31 2.55
N GLU E 224 0.50 -8.05 2.68
CA GLU E 224 1.35 -6.93 2.36
C GLU E 224 2.63 -7.00 3.18
N THR E 225 2.52 -7.44 4.43
CA THR E 225 3.68 -7.49 5.32
C THR E 225 4.66 -8.59 4.89
N ILE E 226 4.12 -9.67 4.35
CA ILE E 226 4.98 -10.71 3.81
C ILE E 226 5.59 -10.20 2.51
N ARG E 227 4.72 -9.77 1.60
CA ARG E 227 5.15 -9.27 0.31
C ARG E 227 6.25 -8.23 0.50
N GLN E 228 5.98 -7.23 1.32
CA GLN E 228 6.97 -6.22 1.64
C GLN E 228 8.34 -6.84 1.83
N GLN E 229 8.37 -8.06 2.36
CA GLN E 229 9.64 -8.68 2.69
C GLN E 229 10.23 -9.57 1.60
N PHE E 230 9.36 -10.25 0.84
CA PHE E 230 9.80 -11.12 -0.26
C PHE E 230 10.18 -10.31 -1.51
N THR E 231 9.71 -9.07 -1.52
CA THR E 231 10.00 -8.11 -2.57
C THR E 231 11.44 -7.62 -2.53
N ASP E 232 11.98 -7.50 -1.32
CA ASP E 232 13.34 -7.02 -1.11
C ASP E 232 14.43 -7.99 -1.56
N PRO E 233 15.08 -7.69 -2.70
CA PRO E 233 16.15 -8.45 -3.36
C PRO E 233 17.28 -8.86 -2.44
N ASP E 234 17.45 -8.15 -1.33
CA ASP E 234 18.50 -8.47 -0.38
C ASP E 234 18.06 -9.54 0.61
N LEU E 235 16.77 -9.66 0.80
CA LEU E 235 16.24 -10.53 1.83
C LEU E 235 15.82 -11.89 1.33
N THR E 236 15.36 -11.93 0.08
CA THR E 236 14.77 -13.15 -0.46
C THR E 236 14.88 -13.25 -1.98
N THR E 237 15.42 -14.38 -2.43
CA THR E 237 15.57 -14.65 -3.85
C THR E 237 15.03 -16.05 -4.10
N PHE E 238 14.79 -16.39 -5.36
CA PHE E 238 14.25 -17.69 -5.76
C PHE E 238 15.28 -18.38 -6.62
N VAL E 239 15.65 -19.62 -6.30
CA VAL E 239 16.57 -20.37 -7.16
C VAL E 239 15.76 -21.26 -8.08
N CYS E 240 16.07 -21.26 -9.36
CA CYS E 240 15.39 -22.15 -10.29
C CYS E 240 16.18 -23.44 -10.55
N VAL E 241 15.53 -24.60 -10.46
CA VAL E 241 16.19 -25.85 -10.81
C VAL E 241 15.66 -26.34 -12.14
N CYS E 242 16.53 -26.88 -12.99
CA CYS E 242 16.11 -27.33 -14.31
C CYS E 242 17.14 -28.31 -14.90
N ILE E 243 16.81 -28.94 -16.02
CA ILE E 243 17.79 -29.78 -16.73
C ILE E 243 17.93 -29.34 -18.16
N SER E 244 19.02 -29.75 -18.82
CA SER E 244 19.36 -29.18 -20.13
C SER E 244 18.55 -29.79 -21.26
N GLU E 245 17.26 -29.52 -21.24
CA GLU E 245 16.32 -30.17 -22.13
C GLU E 245 15.25 -29.16 -22.50
N PHE E 246 14.78 -29.22 -23.75
CA PHE E 246 13.88 -28.19 -24.23
C PHE E 246 12.67 -28.02 -23.35
N LEU E 247 11.94 -29.10 -23.12
CA LEU E 247 10.75 -29.03 -22.29
C LEU E 247 11.00 -28.33 -20.95
N SER E 248 12.00 -28.79 -20.20
CA SER E 248 12.34 -28.18 -18.90
C SER E 248 12.73 -26.72 -19.04
N LEU E 249 13.69 -26.46 -19.92
CA LEU E 249 14.17 -25.10 -20.14
C LEU E 249 13.04 -24.16 -20.50
N TYR E 250 12.15 -24.60 -21.40
CA TYR E 250 10.97 -23.82 -21.77
C TYR E 250 10.22 -23.45 -20.53
N GLU E 251 9.85 -24.47 -19.76
CA GLU E 251 9.14 -24.34 -18.49
C GLU E 251 9.86 -23.43 -17.50
N THR E 252 11.20 -23.49 -17.49
CA THR E 252 11.93 -22.66 -16.56
C THR E 252 11.68 -21.19 -16.84
N GLU E 253 11.90 -20.78 -18.09
CA GLU E 253 11.69 -19.38 -18.46
C GLU E 253 10.27 -18.92 -18.20
N ARG E 254 9.30 -19.77 -18.51
CA ARG E 254 7.92 -19.52 -18.11
C ARG E 254 7.90 -19.12 -16.65
N LEU E 255 8.65 -19.86 -15.84
CA LEU E 255 8.70 -19.62 -14.40
C LEU E 255 9.37 -18.29 -14.05
N ILE E 256 10.53 -18.04 -14.63
CA ILE E 256 11.23 -16.81 -14.35
C ILE E 256 10.33 -15.58 -14.59
N GLN E 257 9.62 -15.57 -15.71
CA GLN E 257 8.63 -14.52 -16.00
C GLN E 257 7.63 -14.34 -14.88
N GLU E 258 6.95 -15.43 -14.52
CA GLU E 258 6.02 -15.43 -13.38
C GLU E 258 6.69 -14.80 -12.19
N LEU E 259 7.85 -15.31 -11.81
CA LEU E 259 8.55 -14.80 -10.64
C LEU E 259 8.76 -13.29 -10.68
N ILE E 260 9.02 -12.78 -11.88
CA ILE E 260 9.27 -11.35 -12.09
C ILE E 260 7.97 -10.56 -12.10
N SER E 261 6.94 -11.19 -12.65
CA SER E 261 5.62 -10.60 -12.61
C SER E 261 5.27 -10.25 -11.18
N TYR E 262 5.90 -10.94 -10.23
CA TYR E 262 5.57 -10.77 -8.82
C TYR E 262 6.49 -9.80 -8.08
N ASP E 263 7.45 -9.22 -8.78
CA ASP E 263 8.51 -8.42 -8.13
C ASP E 263 9.31 -9.28 -7.14
N MET E 264 9.51 -10.54 -7.51
CA MET E 264 10.33 -11.47 -6.74
C MET E 264 11.70 -11.65 -7.39
N ASP E 265 12.76 -11.46 -6.62
CA ASP E 265 14.10 -11.55 -7.17
C ASP E 265 14.47 -12.98 -7.56
N VAL E 266 15.04 -13.13 -8.75
CA VAL E 266 15.55 -14.42 -9.19
C VAL E 266 16.71 -14.17 -10.13
N ASN E 267 17.89 -14.65 -9.72
CA ASN E 267 19.14 -14.41 -10.45
C ASN E 267 20.03 -15.63 -10.34
N SER E 268 19.41 -16.80 -10.29
CA SER E 268 20.15 -18.03 -10.08
C SER E 268 19.42 -19.20 -10.72
N ILE E 269 20.16 -19.98 -11.50
CA ILE E 269 19.61 -21.15 -12.15
C ILE E 269 20.55 -22.32 -11.97
N ILE E 270 20.03 -23.42 -11.44
CA ILE E 270 20.81 -24.65 -11.32
C ILE E 270 20.41 -25.65 -12.39
N VAL E 271 21.37 -26.13 -13.15
CA VAL E 271 21.11 -27.08 -14.23
C VAL E 271 21.67 -28.46 -13.82
N ASN E 272 20.81 -29.40 -13.48
CA ASN E 272 21.32 -30.67 -13.00
C ASN E 272 21.46 -31.72 -14.09
N GLN E 273 21.87 -32.93 -13.69
CA GLN E 273 21.99 -34.08 -14.58
C GLN E 273 22.86 -33.98 -15.84
N LEU E 274 23.83 -33.09 -15.88
CA LEU E 274 24.69 -33.01 -17.06
C LEU E 274 25.72 -34.13 -17.09
N LEU E 275 25.94 -34.68 -18.27
CA LEU E 275 26.89 -35.79 -18.45
C LEU E 275 28.36 -35.36 -18.65
N PHE E 276 28.58 -34.25 -19.33
CA PHE E 276 29.93 -33.79 -19.63
C PHE E 276 30.75 -34.86 -20.38
N ALA E 277 30.07 -35.89 -20.87
CA ALA E 277 30.75 -37.04 -21.46
C ALA E 277 31.96 -36.67 -22.33
N GLU E 278 33.12 -37.20 -21.97
CA GLU E 278 34.33 -36.96 -22.73
C GLU E 278 35.17 -38.23 -22.84
N CYS E 285 29.34 -46.27 -22.64
CA CYS E 285 28.51 -46.90 -23.66
C CYS E 285 28.41 -46.01 -24.88
N LYS E 286 27.21 -45.94 -25.45
CA LYS E 286 26.99 -45.16 -26.66
C LYS E 286 25.66 -44.43 -26.64
N ARG E 287 24.95 -44.53 -25.53
CA ARG E 287 23.68 -43.83 -25.36
C ARG E 287 23.90 -42.55 -24.59
N CYS E 288 24.98 -42.49 -23.84
CA CYS E 288 25.36 -41.30 -23.11
C CYS E 288 25.94 -40.27 -24.04
N GLN E 289 26.91 -40.70 -24.84
CA GLN E 289 27.62 -39.81 -25.75
C GLN E 289 26.67 -39.30 -26.83
N ALA E 290 25.40 -39.69 -26.74
CA ALA E 290 24.37 -39.23 -27.65
C ALA E 290 23.39 -38.28 -26.96
N ARG E 291 22.91 -38.69 -25.78
CA ARG E 291 22.10 -37.81 -24.94
C ARG E 291 22.87 -36.53 -24.59
N TRP E 292 24.17 -36.66 -24.35
CA TRP E 292 25.03 -35.50 -24.10
C TRP E 292 24.94 -34.42 -25.17
N LYS E 293 24.96 -34.81 -26.44
CA LYS E 293 24.98 -33.83 -27.51
C LYS E 293 23.83 -32.83 -27.33
N MET E 294 22.63 -33.36 -27.12
CA MET E 294 21.47 -32.51 -26.83
C MET E 294 21.76 -31.59 -25.63
N GLN E 295 22.13 -32.18 -24.49
CA GLN E 295 22.46 -31.42 -23.28
C GLN E 295 23.36 -30.26 -23.65
N LYS E 296 24.50 -30.57 -24.25
CA LYS E 296 25.44 -29.54 -24.71
C LYS E 296 24.75 -28.58 -25.66
N LYS E 297 24.03 -29.11 -26.64
CA LYS E 297 23.22 -28.26 -27.49
C LYS E 297 22.47 -27.14 -26.74
N TYR E 298 21.63 -27.53 -25.79
CA TYR E 298 20.82 -26.56 -25.06
C TYR E 298 21.63 -25.75 -24.05
N LEU E 299 22.77 -26.28 -23.64
CA LEU E 299 23.68 -25.49 -22.83
C LEU E 299 24.09 -24.23 -23.57
N ASP E 300 24.52 -24.40 -24.81
CA ASP E 300 24.93 -23.29 -25.66
C ASP E 300 23.87 -22.21 -25.71
N GLN E 301 22.60 -22.63 -25.64
CA GLN E 301 21.47 -21.71 -25.68
C GLN E 301 21.26 -20.92 -24.41
N ILE E 302 21.24 -21.63 -23.27
CA ILE E 302 21.17 -21.00 -21.96
C ILE E 302 22.24 -19.93 -21.86
N ASP E 303 23.44 -20.27 -22.27
CA ASP E 303 24.58 -19.38 -22.12
C ASP E 303 24.35 -18.01 -22.71
N GLU E 304 23.61 -17.92 -23.80
CA GLU E 304 23.40 -16.60 -24.39
C GLU E 304 22.00 -16.07 -24.15
N LEU E 305 21.37 -16.56 -23.09
CA LEU E 305 19.99 -16.20 -22.87
C LEU E 305 19.76 -15.77 -21.43
N TYR E 306 20.75 -16.03 -20.59
CA TYR E 306 20.73 -15.61 -19.20
C TYR E 306 22.09 -15.06 -18.75
N GLU E 307 22.69 -14.24 -19.59
CA GLU E 307 24.00 -13.68 -19.28
C GLU E 307 24.06 -13.23 -17.82
N ASP E 308 23.02 -12.53 -17.39
CA ASP E 308 23.02 -11.82 -16.11
C ASP E 308 22.64 -12.69 -14.92
N PHE E 309 22.50 -14.00 -15.18
CA PHE E 309 22.25 -14.96 -14.12
C PHE E 309 23.52 -15.73 -13.71
N HIS E 310 23.66 -16.06 -12.43
CA HIS E 310 24.58 -17.13 -12.04
C HIS E 310 23.86 -18.40 -12.40
N VAL E 311 24.41 -19.17 -13.35
CA VAL E 311 23.83 -20.46 -13.68
C VAL E 311 24.84 -21.56 -13.45
N VAL E 312 24.68 -22.25 -12.33
CA VAL E 312 25.58 -23.32 -11.91
C VAL E 312 25.28 -24.62 -12.65
N LYS E 313 26.29 -25.22 -13.27
CA LYS E 313 26.05 -26.41 -14.07
C LYS E 313 26.50 -27.58 -13.24
N MET E 314 25.66 -28.61 -13.11
CA MET E 314 25.97 -29.74 -12.20
C MET E 314 25.98 -31.12 -12.85
N PRO E 315 26.82 -32.02 -12.32
CA PRO E 315 27.15 -33.34 -12.86
C PRO E 315 26.11 -34.34 -12.48
N LEU E 316 25.96 -35.39 -13.29
CA LEU E 316 25.04 -36.48 -12.99
C LEU E 316 25.73 -37.62 -12.28
N CYS E 317 25.67 -37.64 -10.95
CA CYS E 317 26.19 -38.80 -10.25
C CYS E 317 25.33 -39.99 -10.66
N ALA E 318 25.96 -41.14 -10.83
CA ALA E 318 25.26 -42.35 -11.23
C ALA E 318 24.41 -42.85 -10.08
N GLY E 319 23.10 -42.93 -10.30
CA GLY E 319 22.19 -43.47 -9.31
C GLY E 319 21.75 -42.44 -8.28
N GLU E 320 20.85 -42.86 -7.39
CA GLU E 320 20.37 -41.99 -6.34
C GLU E 320 21.51 -41.49 -5.49
N ILE E 321 21.25 -40.45 -4.69
CA ILE E 321 22.29 -39.74 -3.97
C ILE E 321 21.75 -39.15 -2.69
N ARG E 322 21.83 -39.93 -1.61
CA ARG E 322 21.31 -39.48 -0.34
C ARG E 322 22.23 -39.83 0.80
N GLY E 323 22.01 -39.14 1.92
CA GLY E 323 22.83 -39.29 3.11
C GLY E 323 23.73 -38.08 3.31
N LEU E 324 23.62 -37.45 4.49
CA LEU E 324 24.39 -36.23 4.78
C LEU E 324 25.77 -36.21 4.16
N ASN E 325 26.57 -37.21 4.50
CA ASN E 325 27.88 -37.35 3.88
C ASN E 325 27.82 -37.02 2.39
N ASN E 326 27.31 -37.97 1.60
CA ASN E 326 27.12 -37.76 0.17
C ASN E 326 26.54 -36.41 -0.20
N LEU E 327 25.37 -36.08 0.34
CA LEU E 327 24.74 -34.79 0.08
C LEU E 327 25.76 -33.68 0.23
N THR E 328 26.49 -33.71 1.35
CA THR E 328 27.53 -32.72 1.53
C THR E 328 28.56 -32.78 0.39
N LYS E 329 29.12 -33.95 0.15
CA LYS E 329 30.22 -34.13 -0.80
C LYS E 329 29.85 -33.61 -2.16
N PHE E 330 28.55 -33.67 -2.47
CA PHE E 330 28.06 -33.24 -3.79
C PHE E 330 27.75 -31.75 -3.78
N SER E 331 27.22 -31.28 -2.67
CA SER E 331 26.82 -29.89 -2.50
C SER E 331 27.93 -28.91 -2.85
N GLN E 332 29.17 -29.36 -2.83
CA GLN E 332 30.29 -28.44 -3.03
C GLN E 332 30.24 -27.75 -4.40
N PHE E 333 29.72 -28.46 -5.39
CA PHE E 333 29.81 -27.97 -6.75
C PHE E 333 28.84 -26.85 -7.00
N LEU E 334 28.09 -26.47 -5.97
CA LEU E 334 27.32 -25.23 -6.04
C LEU E 334 28.18 -24.06 -5.57
N ASN E 335 29.23 -24.39 -4.85
CA ASN E 335 30.11 -23.39 -4.29
C ASN E 335 31.32 -23.16 -5.21
N LYS E 336 32.16 -24.19 -5.35
CA LYS E 336 33.27 -24.15 -6.27
C LYS E 336 32.81 -24.89 -7.51
N GLU E 337 32.48 -24.14 -8.55
CA GLU E 337 31.86 -24.71 -9.76
C GLU E 337 32.52 -25.99 -10.21
N TYR E 338 31.70 -26.97 -10.53
CA TYR E 338 32.20 -28.26 -10.97
C TYR E 338 33.11 -28.12 -12.16
N ASN E 339 33.89 -29.16 -12.44
CA ASN E 339 34.82 -29.17 -13.56
C ASN E 339 35.35 -30.56 -13.82
N PRO E 340 34.83 -31.20 -14.86
CA PRO E 340 34.99 -32.63 -15.17
C PRO E 340 36.44 -32.98 -15.41
N ILE E 341 37.14 -32.17 -16.20
CA ILE E 341 38.55 -32.41 -16.51
C ILE E 341 39.28 -32.70 -15.21
N THR E 342 39.14 -31.79 -14.26
CA THR E 342 39.76 -31.96 -12.95
C THR E 342 38.89 -32.79 -12.00
N ASP E 343 37.81 -32.20 -11.50
CA ASP E 343 36.97 -32.81 -10.44
C ASP E 343 36.31 -34.16 -10.77
N GLY E 344 36.74 -34.80 -11.85
CA GLY E 344 36.15 -36.07 -12.24
C GLY E 344 36.33 -37.13 -11.17
N LYS E 345 37.41 -37.02 -10.41
CA LYS E 345 37.75 -38.02 -9.42
C LYS E 345 36.68 -38.15 -8.33
N VAL E 346 36.11 -37.03 -7.91
CA VAL E 346 35.14 -37.06 -6.83
C VAL E 346 33.85 -37.77 -7.19
N ILE E 347 33.40 -37.61 -8.42
CA ILE E 347 32.09 -38.13 -8.78
C ILE E 347 32.03 -39.65 -8.72
N TYR E 348 33.17 -40.30 -8.96
CA TYR E 348 33.23 -41.75 -8.83
C TYR E 348 33.07 -42.16 -7.37
N GLU E 349 33.44 -41.25 -6.47
CA GLU E 349 33.33 -41.49 -5.04
C GLU E 349 31.87 -41.73 -4.62
N LEU E 350 30.95 -40.97 -5.20
CA LEU E 350 29.53 -41.09 -4.87
C LEU E 350 28.89 -42.23 -5.65
N GLU E 351 29.56 -42.70 -6.69
CA GLU E 351 29.02 -43.75 -7.52
C GLU E 351 29.47 -45.10 -7.00
N ASP E 352 28.89 -45.50 -5.86
CA ASP E 352 29.17 -46.80 -5.25
C ASP E 352 27.90 -47.48 -4.80
N VAL F 5 -4.76 -57.02 -18.47
CA VAL F 5 -5.13 -56.31 -19.68
C VAL F 5 -3.93 -56.07 -20.58
N GLU F 6 -4.09 -56.49 -21.83
CA GLU F 6 -3.07 -56.34 -22.86
C GLU F 6 -2.22 -55.10 -22.64
N PRO F 7 -0.88 -55.28 -22.64
CA PRO F 7 0.10 -54.24 -22.36
C PRO F 7 0.40 -53.44 -23.63
N ASN F 8 -0.66 -53.07 -24.35
CA ASN F 8 -0.51 -52.29 -25.57
C ASN F 8 -1.73 -51.43 -25.79
N LEU F 9 -1.73 -50.75 -26.94
CA LEU F 9 -2.84 -49.89 -27.32
C LEU F 9 -3.63 -50.44 -28.49
N HIS F 10 -3.57 -51.74 -28.70
CA HIS F 10 -4.21 -52.33 -29.85
C HIS F 10 -5.75 -52.19 -29.86
N SER F 11 -6.38 -52.24 -28.68
CA SER F 11 -7.81 -52.00 -28.62
C SER F 11 -8.12 -50.64 -29.25
N LEU F 12 -7.34 -49.64 -28.86
CA LEU F 12 -7.60 -48.27 -29.26
C LEU F 12 -7.16 -48.00 -30.69
N ILE F 13 -5.96 -48.45 -31.04
CA ILE F 13 -5.47 -48.18 -32.39
C ILE F 13 -6.39 -48.81 -33.42
N THR F 14 -7.28 -49.69 -32.97
CA THR F 14 -8.27 -50.27 -33.88
C THR F 14 -9.72 -49.93 -33.56
N SER F 15 -9.95 -49.21 -32.47
CA SER F 15 -11.31 -48.78 -32.13
C SER F 15 -12.06 -48.34 -33.37
N THR F 16 -13.38 -48.45 -33.34
CA THR F 16 -14.22 -48.05 -34.46
C THR F 16 -15.35 -47.16 -33.98
N THR F 17 -15.09 -46.48 -32.87
CA THR F 17 -16.09 -45.66 -32.22
C THR F 17 -15.51 -44.35 -31.69
N HIS F 18 -14.20 -44.28 -31.56
CA HIS F 18 -13.58 -43.14 -30.90
C HIS F 18 -13.46 -41.93 -31.81
N LYS F 19 -13.93 -40.78 -31.32
CA LYS F 19 -13.88 -39.54 -32.09
C LYS F 19 -12.81 -38.59 -31.53
N TRP F 20 -12.57 -38.70 -30.24
CA TRP F 20 -11.67 -37.81 -29.54
C TRP F 20 -10.70 -38.57 -28.64
N ILE F 21 -9.40 -38.46 -28.92
CA ILE F 21 -8.41 -39.11 -28.08
C ILE F 21 -7.43 -38.10 -27.51
N PHE F 22 -7.53 -37.80 -26.23
CA PHE F 22 -6.59 -36.86 -25.63
C PHE F 22 -5.32 -37.58 -25.21
N VAL F 23 -4.20 -36.87 -25.26
CA VAL F 23 -2.91 -37.41 -24.87
C VAL F 23 -2.17 -36.37 -24.07
N GLY F 24 -1.87 -36.70 -22.83
CA GLY F 24 -1.33 -35.73 -21.90
C GLY F 24 -0.36 -36.33 -20.93
N GLY F 25 0.23 -35.48 -20.11
CA GLY F 25 1.31 -35.87 -19.24
C GLY F 25 2.35 -34.77 -19.25
N LYS F 26 2.69 -34.30 -18.04
CA LYS F 26 3.62 -33.20 -17.86
C LYS F 26 5.04 -33.74 -17.76
N GLY F 27 6.02 -32.86 -17.94
CA GLY F 27 7.41 -33.24 -17.82
C GLY F 27 7.97 -33.50 -19.18
N GLY F 28 9.27 -33.76 -19.25
CA GLY F 28 9.89 -34.22 -20.47
C GLY F 28 9.67 -35.72 -20.56
N VAL F 29 8.54 -36.11 -21.11
CA VAL F 29 8.16 -37.51 -21.04
C VAL F 29 7.99 -38.17 -22.41
N GLY F 30 8.76 -37.71 -23.38
CA GLY F 30 8.68 -38.27 -24.71
C GLY F 30 7.24 -38.36 -25.21
N LYS F 31 6.43 -37.42 -24.74
CA LYS F 31 5.00 -37.43 -25.05
C LYS F 31 4.67 -37.06 -26.48
N THR F 32 5.38 -36.08 -27.03
CA THR F 32 5.08 -35.65 -28.39
C THR F 32 5.33 -36.77 -29.33
N THR F 33 6.27 -37.65 -29.02
CA THR F 33 6.49 -38.80 -29.89
C THR F 33 5.35 -39.76 -29.68
N SER F 34 4.75 -39.71 -28.50
CA SER F 34 3.62 -40.60 -28.25
C SER F 34 2.39 -40.15 -29.03
N SER F 35 2.08 -38.86 -28.98
CA SER F 35 0.93 -38.36 -29.73
C SER F 35 1.04 -38.81 -31.19
N CYS F 36 2.20 -38.54 -31.80
CA CYS F 36 2.45 -38.89 -33.20
C CYS F 36 2.36 -40.40 -33.49
N SER F 37 3.05 -41.21 -32.69
CA SER F 37 2.99 -42.65 -32.86
C SER F 37 1.55 -43.12 -32.94
N ILE F 38 0.76 -42.83 -31.91
CA ILE F 38 -0.65 -43.20 -31.90
C ILE F 38 -1.36 -42.74 -33.18
N ALA F 39 -1.22 -41.47 -33.51
CA ALA F 39 -1.88 -40.94 -34.70
C ALA F 39 -1.45 -41.73 -35.91
N ILE F 40 -0.16 -41.86 -36.15
CA ILE F 40 0.30 -42.65 -37.26
C ILE F 40 -0.32 -44.05 -37.27
N GLN F 41 -0.37 -44.68 -36.10
CA GLN F 41 -0.77 -46.08 -36.00
C GLN F 41 -2.24 -46.37 -36.38
N MET F 42 -3.14 -45.50 -35.95
CA MET F 42 -4.53 -45.59 -36.36
C MET F 42 -4.61 -45.40 -37.87
N ALA F 43 -3.92 -44.40 -38.39
CA ALA F 43 -3.98 -44.11 -39.81
C ALA F 43 -3.63 -45.33 -40.63
N LEU F 44 -2.73 -46.18 -40.13
CA LEU F 44 -2.38 -47.38 -40.86
C LEU F 44 -3.31 -48.56 -40.61
N SER F 45 -4.28 -48.39 -39.73
CA SER F 45 -5.15 -49.50 -39.35
C SER F 45 -6.61 -49.13 -39.55
N GLN F 46 -6.84 -48.05 -40.30
CA GLN F 46 -8.19 -47.60 -40.63
C GLN F 46 -8.16 -46.64 -41.82
N PRO F 47 -7.59 -47.08 -42.95
CA PRO F 47 -7.33 -46.16 -44.06
C PRO F 47 -8.61 -45.48 -44.53
N ASN F 48 -9.71 -46.22 -44.56
CA ASN F 48 -11.00 -45.66 -44.98
C ASN F 48 -11.52 -44.66 -43.94
N LYS F 49 -10.64 -44.27 -43.03
CA LYS F 49 -10.93 -43.29 -42.02
C LYS F 49 -9.88 -42.17 -42.02
N GLN F 50 -10.32 -40.97 -41.64
CA GLN F 50 -9.49 -39.78 -41.63
C GLN F 50 -9.14 -39.35 -40.22
N PHE F 51 -7.85 -39.21 -39.95
CA PHE F 51 -7.37 -38.81 -38.64
C PHE F 51 -6.75 -37.41 -38.64
N LEU F 52 -7.01 -36.68 -37.56
CA LEU F 52 -6.46 -35.35 -37.36
C LEU F 52 -5.76 -35.25 -36.01
N LEU F 53 -4.47 -34.89 -36.04
CA LEU F 53 -3.64 -34.72 -34.86
C LEU F 53 -3.42 -33.24 -34.64
N ILE F 54 -4.03 -32.64 -33.63
CA ILE F 54 -3.74 -31.21 -33.45
C ILE F 54 -2.96 -30.85 -32.20
N SER F 55 -2.30 -29.70 -32.26
CA SER F 55 -1.45 -29.26 -31.17
C SER F 55 -1.68 -27.78 -30.92
N THR F 56 -1.73 -27.39 -29.67
CA THR F 56 -1.84 -25.97 -29.39
C THR F 56 -0.54 -25.46 -28.79
N ASP F 57 0.45 -26.31 -28.79
CA ASP F 57 1.77 -25.97 -28.28
C ASP F 57 2.33 -24.83 -29.12
N PRO F 58 2.62 -23.68 -28.48
CA PRO F 58 2.95 -22.52 -29.31
C PRO F 58 4.35 -22.63 -29.90
N ALA F 59 5.07 -23.74 -29.65
CA ALA F 59 6.40 -23.92 -30.21
C ALA F 59 6.36 -24.95 -31.30
N HIS F 60 5.17 -25.22 -31.78
CA HIS F 60 4.98 -26.04 -32.97
C HIS F 60 5.84 -27.28 -32.95
N ASN F 61 5.52 -28.15 -31.99
CA ASN F 61 6.22 -29.40 -31.75
C ASN F 61 5.87 -30.43 -32.77
N LEU F 62 4.65 -30.36 -33.30
CA LEU F 62 4.27 -31.27 -34.34
C LEU F 62 5.20 -31.09 -35.52
N SER F 63 5.47 -29.86 -35.92
CA SER F 63 6.36 -29.68 -37.05
C SER F 63 7.73 -30.25 -36.72
N ASP F 64 8.22 -29.89 -35.55
CA ASP F 64 9.50 -30.41 -35.08
C ASP F 64 9.57 -31.94 -35.23
N ALA F 65 8.64 -32.65 -34.59
CA ALA F 65 8.59 -34.10 -34.59
C ALA F 65 8.57 -34.66 -36.01
N PHE F 66 7.87 -34.01 -36.91
CA PHE F 66 7.77 -34.52 -38.28
C PHE F 66 8.87 -34.00 -39.21
N GLY F 67 9.51 -32.89 -38.84
CA GLY F 67 10.55 -32.33 -39.67
C GLY F 67 9.93 -31.86 -40.97
N GLU F 68 8.78 -31.20 -40.84
CA GLU F 68 8.06 -30.61 -41.96
C GLU F 68 7.21 -29.51 -41.31
N LYS F 69 6.77 -28.49 -42.05
CA LYS F 69 6.17 -27.32 -41.37
C LYS F 69 4.65 -27.14 -41.47
N PHE F 70 3.92 -27.62 -40.47
CA PHE F 70 2.45 -27.51 -40.48
C PHE F 70 1.98 -26.12 -40.08
N GLY F 71 0.66 -25.93 -40.00
CA GLY F 71 0.09 -24.61 -39.70
C GLY F 71 -1.35 -24.55 -39.24
N LYS F 72 -1.91 -23.34 -39.28
CA LYS F 72 -3.26 -23.06 -38.81
C LYS F 72 -4.35 -23.81 -39.57
N ASP F 73 -4.04 -24.31 -40.76
CA ASP F 73 -5.04 -24.99 -41.58
C ASP F 73 -4.72 -26.46 -41.79
N ALA F 74 -5.59 -27.31 -41.26
CA ALA F 74 -5.51 -28.75 -41.48
C ALA F 74 -4.78 -29.08 -42.79
N ARG F 75 -3.76 -29.92 -42.68
CA ARG F 75 -2.99 -30.33 -43.84
C ARG F 75 -2.41 -31.75 -43.63
N LYS F 76 -2.12 -32.46 -44.71
CA LYS F 76 -1.69 -33.85 -44.59
C LYS F 76 -0.19 -34.00 -44.33
N VAL F 77 0.16 -35.04 -43.57
CA VAL F 77 1.56 -35.38 -43.37
C VAL F 77 2.12 -35.89 -44.68
N THR F 78 3.23 -35.33 -45.11
CA THR F 78 3.89 -35.84 -46.29
C THR F 78 4.24 -37.30 -46.09
N GLY F 79 3.56 -38.18 -46.80
CA GLY F 79 3.94 -39.57 -46.79
C GLY F 79 2.72 -40.39 -46.39
N MET F 80 1.61 -39.69 -46.21
CA MET F 80 0.39 -40.34 -45.74
C MET F 80 -0.80 -39.60 -46.32
N ASN F 81 -1.97 -40.24 -46.31
CA ASN F 81 -3.16 -39.64 -46.94
C ASN F 81 -4.40 -39.62 -46.06
N ASN F 82 -4.30 -40.12 -44.84
CA ASN F 82 -5.41 -40.01 -43.90
C ASN F 82 -5.03 -39.34 -42.59
N LEU F 83 -3.74 -39.01 -42.46
CA LEU F 83 -3.24 -38.38 -41.24
C LEU F 83 -2.96 -36.91 -41.48
N SER F 84 -3.72 -36.06 -40.82
CA SER F 84 -3.54 -34.62 -40.96
C SER F 84 -3.12 -33.98 -39.64
N CYS F 85 -2.11 -33.13 -39.72
CA CYS F 85 -1.61 -32.43 -38.57
C CYS F 85 -2.10 -31.03 -38.60
N MET F 86 -2.34 -30.45 -37.44
CA MET F 86 -2.67 -29.05 -37.36
C MET F 86 -2.07 -28.40 -36.11
N GLU F 87 -1.52 -27.21 -36.26
CA GLU F 87 -0.94 -26.49 -35.14
C GLU F 87 -1.56 -25.12 -35.07
N ILE F 88 -2.08 -24.76 -33.91
CA ILE F 88 -2.85 -23.53 -33.78
C ILE F 88 -2.68 -23.01 -32.39
N ASP F 89 -3.22 -21.82 -32.16
CA ASP F 89 -3.06 -21.18 -30.87
C ASP F 89 -4.33 -20.50 -30.43
N PRO F 90 -5.06 -21.13 -29.49
CA PRO F 90 -6.35 -20.63 -29.02
C PRO F 90 -6.22 -19.25 -28.44
N SER F 91 -5.28 -19.08 -27.50
CA SER F 91 -5.09 -17.81 -26.82
C SER F 91 -5.12 -16.63 -27.77
N ALA F 92 -4.51 -16.79 -28.95
CA ALA F 92 -4.50 -15.75 -29.95
C ALA F 92 -5.92 -15.47 -30.46
N ALA F 93 -6.50 -16.43 -31.16
CA ALA F 93 -7.83 -16.30 -31.74
C ALA F 93 -8.84 -15.83 -30.69
N LEU F 94 -8.50 -16.05 -29.42
CA LEU F 94 -9.33 -15.63 -28.30
C LEU F 94 -8.94 -14.25 -27.80
N GLY F 131 -14.44 -11.43 -14.37
CA GLY F 131 -14.85 -12.80 -14.58
C GLY F 131 -13.69 -13.77 -14.43
N SER F 132 -12.95 -13.64 -13.34
CA SER F 132 -11.81 -14.50 -13.07
C SER F 132 -12.24 -15.85 -12.48
N ILE F 133 -13.45 -16.28 -12.84
CA ILE F 133 -13.98 -17.57 -12.41
C ILE F 133 -13.12 -18.73 -12.92
N PRO F 134 -13.10 -19.84 -12.17
CA PRO F 134 -12.44 -21.07 -12.63
C PRO F 134 -13.28 -21.86 -13.64
N GLY F 135 -12.77 -21.97 -14.86
CA GLY F 135 -13.45 -22.71 -15.92
C GLY F 135 -13.56 -21.91 -17.20
N ILE F 136 -13.96 -20.65 -17.06
CA ILE F 136 -14.16 -19.75 -18.19
C ILE F 136 -13.05 -19.84 -19.23
N ASP F 137 -11.91 -19.24 -18.93
CA ASP F 137 -10.81 -19.19 -19.89
C ASP F 137 -10.68 -20.50 -20.66
N GLU F 138 -10.53 -21.59 -19.92
CA GLU F 138 -10.31 -22.90 -20.53
C GLU F 138 -11.44 -23.25 -21.47
N ALA F 139 -12.68 -23.04 -21.02
CA ALA F 139 -13.87 -23.38 -21.81
C ALA F 139 -13.88 -22.68 -23.17
N LEU F 140 -13.89 -21.35 -23.16
CA LEU F 140 -13.87 -20.58 -24.38
C LEU F 140 -12.72 -21.03 -25.27
N SER F 141 -11.53 -21.14 -24.67
CA SER F 141 -10.35 -21.59 -25.39
C SER F 141 -10.70 -22.81 -26.23
N PHE F 142 -10.96 -23.92 -25.54
CA PHE F 142 -11.32 -25.14 -26.23
C PHE F 142 -12.44 -24.91 -27.22
N MET F 143 -13.57 -24.42 -26.71
CA MET F 143 -14.71 -24.05 -27.53
C MET F 143 -14.21 -23.58 -28.90
N GLU F 144 -13.37 -22.55 -28.87
CA GLU F 144 -12.92 -21.91 -30.10
C GLU F 144 -12.18 -22.88 -31.01
N VAL F 145 -11.38 -23.76 -30.41
CA VAL F 145 -10.73 -24.80 -31.20
C VAL F 145 -11.77 -25.65 -31.93
N MET F 146 -12.82 -26.05 -31.23
CA MET F 146 -13.83 -26.89 -31.86
C MET F 146 -14.39 -26.18 -33.08
N LYS F 147 -14.94 -24.99 -32.87
CA LYS F 147 -15.38 -24.15 -33.98
C LYS F 147 -14.37 -24.25 -35.12
N HIS F 148 -13.14 -23.87 -34.82
CA HIS F 148 -12.08 -23.84 -35.81
C HIS F 148 -11.80 -25.19 -36.46
N ILE F 149 -12.07 -26.27 -35.74
CA ILE F 149 -11.85 -27.58 -36.33
C ILE F 149 -12.90 -27.80 -37.42
N LYS F 150 -14.14 -27.45 -37.10
CA LYS F 150 -15.23 -27.63 -38.06
C LYS F 150 -14.99 -26.80 -39.30
N ARG F 151 -14.43 -25.62 -39.12
CA ARG F 151 -14.10 -24.77 -40.25
C ARG F 151 -13.21 -25.52 -41.23
N GLN F 152 -12.17 -26.14 -40.70
CA GLN F 152 -11.27 -26.93 -41.51
C GLN F 152 -11.99 -28.10 -42.19
N GLU F 153 -13.23 -28.38 -41.76
CA GLU F 153 -13.99 -29.49 -42.31
C GLU F 153 -14.97 -29.06 -43.39
N GLN F 154 -15.78 -28.05 -43.10
CA GLN F 154 -16.76 -27.57 -44.06
C GLN F 154 -16.10 -26.92 -45.27
N GLY F 155 -15.41 -25.80 -45.03
CA GLY F 155 -14.72 -25.10 -46.09
C GLY F 155 -13.95 -26.06 -46.98
N GLU F 156 -13.55 -27.19 -46.42
CA GLU F 156 -12.83 -28.20 -47.17
C GLU F 156 -13.77 -29.01 -48.06
N GLY F 157 -14.63 -29.79 -47.43
CA GLY F 157 -15.53 -30.69 -48.15
C GLY F 157 -15.40 -32.11 -47.64
N GLU F 158 -14.22 -32.44 -47.13
CA GLU F 158 -13.98 -33.74 -46.52
C GLU F 158 -13.88 -33.55 -45.00
N THR F 159 -14.24 -34.57 -44.25
CA THR F 159 -14.36 -34.42 -42.80
C THR F 159 -13.48 -35.41 -42.03
N PHE F 160 -13.22 -35.10 -40.76
CA PHE F 160 -12.32 -35.89 -39.91
C PHE F 160 -13.05 -36.89 -39.05
N ASP F 161 -12.63 -38.15 -39.10
CA ASP F 161 -13.26 -39.19 -38.29
C ASP F 161 -12.94 -39.08 -36.81
N THR F 162 -11.64 -39.08 -36.53
CA THR F 162 -11.11 -39.22 -35.19
C THR F 162 -9.94 -38.28 -35.00
N VAL F 163 -10.07 -37.32 -34.09
CA VAL F 163 -8.99 -36.39 -33.83
C VAL F 163 -8.22 -36.72 -32.55
N ILE F 164 -6.90 -36.59 -32.61
CA ILE F 164 -6.05 -36.81 -31.45
C ILE F 164 -5.49 -35.50 -30.91
N PHE F 165 -5.79 -35.21 -29.65
CA PHE F 165 -5.33 -33.98 -29.01
C PHE F 165 -3.99 -34.14 -28.29
N ASP F 166 -2.95 -33.53 -28.83
CA ASP F 166 -1.70 -33.48 -28.11
C ASP F 166 -1.83 -32.29 -27.17
N THR F 167 -2.01 -32.58 -25.88
CA THR F 167 -2.33 -31.55 -24.92
C THR F 167 -1.11 -30.70 -24.65
N ALA F 168 -1.35 -29.43 -24.31
CA ALA F 168 -0.30 -28.41 -24.19
C ALA F 168 0.73 -28.72 -23.12
N PRO F 169 1.95 -28.19 -23.29
CA PRO F 169 3.01 -28.39 -22.30
C PRO F 169 2.64 -27.79 -20.96
N THR F 170 1.80 -26.75 -20.95
CA THR F 170 1.22 -26.28 -19.70
C THR F 170 0.01 -27.10 -19.28
N GLY F 171 -0.20 -28.25 -19.93
CA GLY F 171 -1.25 -29.16 -19.52
C GLY F 171 -2.64 -28.86 -20.06
N HIS F 172 -3.51 -29.85 -19.98
CA HIS F 172 -4.85 -29.82 -20.60
C HIS F 172 -5.81 -28.77 -20.07
N THR F 173 -6.42 -28.01 -20.97
CA THR F 173 -7.43 -27.03 -20.57
C THR F 173 -8.70 -27.77 -20.20
N LEU F 174 -8.54 -28.97 -19.67
CA LEU F 174 -9.66 -29.90 -19.58
C LEU F 174 -10.51 -29.71 -18.32
N ARG F 175 -10.09 -28.80 -17.46
CA ARG F 175 -10.85 -28.45 -16.26
C ARG F 175 -12.27 -28.03 -16.65
N PHE F 176 -12.39 -27.48 -17.86
CA PHE F 176 -13.59 -26.77 -18.26
C PHE F 176 -14.85 -27.61 -18.23
N LEU F 177 -14.71 -28.94 -18.18
CA LEU F 177 -15.93 -29.76 -18.22
C LEU F 177 -16.50 -30.12 -16.84
N GLN F 178 -16.11 -29.34 -15.83
CA GLN F 178 -16.79 -29.39 -14.55
C GLN F 178 -17.43 -28.03 -14.28
N LEU F 179 -17.55 -27.24 -15.33
CA LEU F 179 -18.05 -25.88 -15.23
C LEU F 179 -19.54 -25.80 -14.89
N PRO F 180 -20.37 -26.56 -15.63
CA PRO F 180 -21.81 -26.58 -15.39
C PRO F 180 -22.17 -26.49 -13.91
N ASN F 181 -21.57 -27.35 -13.10
CA ASN F 181 -21.82 -27.36 -11.67
C ASN F 181 -21.46 -26.04 -11.00
N THR F 182 -20.18 -25.84 -10.72
CA THR F 182 -19.72 -24.65 -10.03
C THR F 182 -20.29 -23.39 -10.69
N SER F 213 -27.20 -12.06 -18.14
CA SER F 213 -26.93 -13.49 -18.00
C SER F 213 -27.57 -14.29 -19.13
N GLY F 214 -27.87 -13.60 -20.23
CA GLY F 214 -28.47 -14.26 -21.38
C GLY F 214 -27.44 -14.96 -22.23
N LYS F 215 -26.23 -14.42 -22.24
CA LYS F 215 -25.12 -15.03 -22.98
C LYS F 215 -24.52 -16.16 -22.14
N LEU F 216 -24.89 -16.21 -20.86
CA LEU F 216 -24.38 -17.21 -19.94
C LEU F 216 -24.72 -18.63 -20.37
N ASN F 217 -26.02 -18.93 -20.41
CA ASN F 217 -26.49 -20.24 -20.85
C ASN F 217 -25.98 -20.58 -22.25
N GLU F 218 -25.92 -19.57 -23.11
CA GLU F 218 -25.37 -19.73 -24.45
C GLU F 218 -24.07 -20.53 -24.40
N LEU F 219 -23.33 -20.38 -23.31
CA LEU F 219 -22.10 -21.12 -23.12
C LEU F 219 -22.36 -22.47 -22.45
N LYS F 220 -22.84 -22.41 -21.21
CA LYS F 220 -23.10 -23.62 -20.44
C LYS F 220 -23.79 -24.69 -21.27
N ALA F 221 -24.75 -24.28 -22.09
CA ALA F 221 -25.43 -25.20 -22.99
C ALA F 221 -24.43 -25.90 -23.92
N ASN F 222 -23.58 -25.11 -24.57
CA ASN F 222 -22.54 -25.64 -25.45
C ASN F 222 -21.67 -26.62 -24.70
N VAL F 223 -21.14 -26.18 -23.56
CA VAL F 223 -20.29 -26.99 -22.71
C VAL F 223 -20.90 -28.35 -22.44
N GLU F 224 -22.18 -28.36 -22.06
CA GLU F 224 -22.89 -29.59 -21.81
C GLU F 224 -22.86 -30.49 -23.03
N THR F 225 -22.98 -29.89 -24.22
CA THR F 225 -22.97 -30.67 -25.47
C THR F 225 -21.61 -31.31 -25.75
N ILE F 226 -20.55 -30.64 -25.34
CA ILE F 226 -19.21 -31.20 -25.48
C ILE F 226 -19.06 -32.29 -24.43
N ARG F 227 -19.33 -31.92 -23.18
CA ARG F 227 -19.21 -32.83 -22.05
C ARG F 227 -19.97 -34.11 -22.34
N GLN F 228 -21.25 -33.97 -22.70
CA GLN F 228 -22.07 -35.09 -23.08
C GLN F 228 -21.27 -36.08 -23.90
N GLN F 229 -20.37 -35.56 -24.75
CA GLN F 229 -19.65 -36.40 -25.68
C GLN F 229 -18.31 -36.94 -25.17
N PHE F 230 -17.61 -36.15 -24.35
CA PHE F 230 -16.32 -36.55 -23.80
C PHE F 230 -16.52 -37.50 -22.61
N THR F 231 -17.74 -37.50 -22.12
CA THR F 231 -18.13 -38.35 -21.01
C THR F 231 -18.26 -39.81 -21.45
N ASP F 232 -18.70 -39.99 -22.70
CA ASP F 232 -18.94 -41.34 -23.25
C ASP F 232 -17.66 -42.15 -23.56
N PRO F 233 -17.36 -43.14 -22.69
CA PRO F 233 -16.20 -44.03 -22.71
C PRO F 233 -15.95 -44.67 -24.07
N ASP F 234 -16.98 -44.74 -24.91
CA ASP F 234 -16.81 -45.32 -26.23
C ASP F 234 -16.28 -44.31 -27.21
N LEU F 235 -16.50 -43.03 -26.91
CA LEU F 235 -16.25 -41.96 -27.89
C LEU F 235 -14.93 -41.29 -27.66
N THR F 236 -14.52 -41.21 -26.40
CA THR F 236 -13.34 -40.45 -26.02
C THR F 236 -12.68 -40.93 -24.73
N THR F 237 -11.39 -41.21 -24.86
CA THR F 237 -10.58 -41.63 -23.73
C THR F 237 -9.35 -40.73 -23.69
N PHE F 238 -8.61 -40.79 -22.57
CA PHE F 238 -7.40 -40.01 -22.37
C PHE F 238 -6.23 -40.96 -22.19
N VAL F 239 -5.16 -40.78 -22.95
CA VAL F 239 -3.94 -41.56 -22.75
C VAL F 239 -2.94 -40.78 -21.88
N CYS F 240 -2.43 -41.42 -20.85
CA CYS F 240 -1.42 -40.78 -20.00
C CYS F 240 -0.01 -41.15 -20.43
N VAL F 241 0.87 -40.17 -20.58
CA VAL F 241 2.26 -40.46 -20.86
C VAL F 241 3.08 -40.19 -19.63
N CYS F 242 4.08 -41.01 -19.37
CA CYS F 242 4.89 -40.88 -18.16
C CYS F 242 6.20 -41.66 -18.27
N ILE F 243 7.12 -41.46 -17.31
CA ILE F 243 8.34 -42.26 -17.28
C ILE F 243 8.50 -42.92 -15.95
N SER F 244 9.35 -43.95 -15.88
CA SER F 244 9.39 -44.82 -14.68
C SER F 244 10.19 -44.20 -13.54
N GLU F 245 9.67 -43.11 -13.02
CA GLU F 245 10.38 -42.31 -12.06
C GLU F 245 9.39 -41.78 -11.05
N PHE F 246 9.79 -41.66 -9.80
CA PHE F 246 8.85 -41.35 -8.74
C PHE F 246 8.13 -40.04 -9.02
N LEU F 247 8.87 -38.99 -9.25
CA LEU F 247 8.22 -37.71 -9.51
C LEU F 247 7.14 -37.80 -10.61
N SER F 248 7.48 -38.31 -11.80
CA SER F 248 6.52 -38.47 -12.88
C SER F 248 5.35 -39.35 -12.51
N LEU F 249 5.65 -40.53 -12.00
CA LEU F 249 4.61 -41.49 -11.59
C LEU F 249 3.65 -40.86 -10.63
N TYR F 250 4.18 -40.18 -9.62
CA TYR F 250 3.36 -39.48 -8.64
C TYR F 250 2.40 -38.59 -9.36
N GLU F 251 2.97 -37.71 -10.19
CA GLU F 251 2.23 -36.74 -10.99
C GLU F 251 1.21 -37.41 -11.90
N THR F 252 1.54 -38.57 -12.44
CA THR F 252 0.59 -39.26 -13.29
C THR F 252 -0.71 -39.59 -12.55
N GLU F 253 -0.59 -40.28 -11.42
CA GLU F 253 -1.75 -40.68 -10.65
C GLU F 253 -2.55 -39.47 -10.22
N ARG F 254 -1.88 -38.40 -9.81
CA ARG F 254 -2.55 -37.12 -9.56
C ARG F 254 -3.46 -36.81 -10.74
N LEU F 255 -2.93 -37.00 -11.94
CA LEU F 255 -3.65 -36.74 -13.18
C LEU F 255 -4.85 -37.67 -13.36
N ILE F 256 -4.61 -38.96 -13.22
CA ILE F 256 -5.68 -39.92 -13.39
C ILE F 256 -6.89 -39.62 -12.51
N GLN F 257 -6.63 -39.29 -11.25
CA GLN F 257 -7.68 -38.82 -10.35
C GLN F 257 -8.47 -37.67 -10.93
N GLU F 258 -7.77 -36.60 -11.29
CA GLU F 258 -8.39 -35.44 -11.93
C GLU F 258 -9.26 -35.90 -13.08
N LEU F 259 -8.67 -36.63 -14.02
CA LEU F 259 -9.42 -37.11 -15.16
C LEU F 259 -10.72 -37.81 -14.78
N ILE F 260 -10.69 -38.57 -13.68
CA ILE F 260 -11.85 -39.33 -13.19
C ILE F 260 -12.84 -38.44 -12.45
N SER F 261 -12.30 -37.45 -11.76
CA SER F 261 -13.13 -36.43 -11.14
C SER F 261 -14.05 -35.82 -12.18
N TYR F 262 -13.63 -35.87 -13.44
CA TYR F 262 -14.38 -35.26 -14.54
C TYR F 262 -15.31 -36.22 -15.28
N ASP F 263 -15.39 -37.47 -14.84
CA ASP F 263 -16.12 -38.49 -15.59
C ASP F 263 -15.55 -38.65 -17.00
N MET F 264 -14.23 -38.53 -17.09
CA MET F 264 -13.50 -38.76 -18.33
C MET F 264 -12.81 -40.10 -18.33
N ASP F 265 -13.04 -40.90 -19.35
CA ASP F 265 -12.45 -42.24 -19.40
C ASP F 265 -10.93 -42.19 -19.57
N VAL F 266 -10.25 -43.01 -18.78
CA VAL F 266 -8.81 -43.18 -18.92
C VAL F 266 -8.44 -44.59 -18.49
N ASN F 267 -7.88 -45.36 -19.41
CA ASN F 267 -7.58 -46.75 -19.16
C ASN F 267 -6.33 -47.15 -19.92
N SER F 268 -5.42 -46.19 -20.03
CA SER F 268 -4.23 -46.39 -20.83
C SER F 268 -3.10 -45.52 -20.30
N ILE F 269 -1.97 -46.16 -20.05
CA ILE F 269 -0.78 -45.45 -19.63
C ILE F 269 0.42 -45.85 -20.48
N ILE F 270 1.11 -44.88 -21.06
CA ILE F 270 2.34 -45.15 -21.79
C ILE F 270 3.55 -44.77 -20.96
N VAL F 271 4.51 -45.68 -20.82
CA VAL F 271 5.70 -45.44 -20.01
C VAL F 271 6.92 -45.38 -20.93
N ASN F 272 7.47 -44.21 -21.19
CA ASN F 272 8.53 -44.14 -22.18
C ASN F 272 9.90 -44.21 -21.52
N GLN F 273 10.94 -44.11 -22.34
CA GLN F 273 12.34 -44.03 -21.90
C GLN F 273 12.93 -45.21 -21.09
N LEU F 274 12.34 -46.39 -21.19
CA LEU F 274 12.89 -47.51 -20.44
C LEU F 274 14.13 -48.07 -21.09
N LEU F 275 15.13 -48.41 -20.27
CA LEU F 275 16.39 -48.98 -20.74
C LEU F 275 16.38 -50.50 -21.02
N PHE F 276 15.62 -51.26 -20.24
CA PHE F 276 15.64 -52.72 -20.35
C PHE F 276 17.06 -53.31 -20.27
N ALA F 277 18.03 -52.49 -19.88
CA ALA F 277 19.44 -52.90 -19.91
C ALA F 277 19.67 -54.35 -19.49
N GLU F 278 20.28 -55.11 -20.39
CA GLU F 278 20.60 -56.51 -20.12
C GLU F 278 21.97 -56.87 -20.68
N CYS F 285 27.92 -48.92 -20.86
CA CYS F 285 28.68 -48.25 -19.82
C CYS F 285 28.31 -48.79 -18.45
N LYS F 286 28.22 -47.90 -17.47
CA LYS F 286 27.91 -48.28 -16.11
C LYS F 286 26.94 -47.31 -15.44
N ARG F 287 26.48 -46.33 -16.19
CA ARG F 287 25.51 -45.38 -15.66
C ARG F 287 24.10 -45.77 -16.07
N CYS F 288 24.02 -46.56 -17.14
CA CYS F 288 22.74 -47.09 -17.60
C CYS F 288 22.28 -48.21 -16.70
N GLN F 289 23.16 -49.17 -16.48
CA GLN F 289 22.85 -50.35 -15.70
C GLN F 289 22.58 -49.98 -14.25
N ALA F 290 22.62 -48.68 -13.97
CA ALA F 290 22.33 -48.16 -12.64
C ALA F 290 21.00 -47.39 -12.63
N ARG F 291 20.83 -46.48 -13.58
CA ARG F 291 19.56 -45.81 -13.77
C ARG F 291 18.43 -46.83 -14.06
N TRP F 292 18.77 -47.90 -14.77
CA TRP F 292 17.81 -48.97 -15.01
C TRP F 292 17.20 -49.53 -13.73
N LYS F 293 18.04 -49.79 -12.73
CA LYS F 293 17.53 -50.43 -11.52
C LYS F 293 16.31 -49.68 -11.00
N MET F 294 16.44 -48.36 -10.86
CA MET F 294 15.32 -47.52 -10.44
C MET F 294 14.12 -47.71 -11.37
N GLN F 295 14.31 -47.53 -12.68
CA GLN F 295 13.25 -47.76 -13.65
C GLN F 295 12.52 -49.05 -13.32
N LYS F 296 13.27 -50.15 -13.30
CA LYS F 296 12.72 -51.46 -13.00
C LYS F 296 12.03 -51.45 -11.64
N LYS F 297 12.72 -50.94 -10.63
CA LYS F 297 12.11 -50.70 -9.33
C LYS F 297 10.66 -50.17 -9.40
N TYR F 298 10.47 -49.00 -10.01
CA TYR F 298 9.14 -48.39 -10.14
C TYR F 298 8.20 -49.10 -11.12
N LEU F 299 8.79 -49.85 -12.06
CA LEU F 299 7.98 -50.68 -12.91
C LEU F 299 7.22 -51.67 -12.05
N ASP F 300 7.92 -52.30 -11.11
CA ASP F 300 7.32 -53.30 -10.25
C ASP F 300 6.11 -52.73 -9.52
N GLN F 301 6.21 -51.45 -9.21
CA GLN F 301 5.15 -50.74 -8.51
C GLN F 301 3.91 -50.45 -9.35
N ILE F 302 4.13 -49.89 -10.55
CA ILE F 302 3.06 -49.65 -11.51
C ILE F 302 2.27 -50.94 -11.69
N ASP F 303 3.00 -52.04 -11.84
CA ASP F 303 2.40 -53.30 -12.20
C ASP F 303 1.31 -53.71 -11.22
N GLU F 304 1.48 -53.38 -9.95
CA GLU F 304 0.47 -53.80 -9.00
C GLU F 304 -0.40 -52.65 -8.56
N LEU F 305 -0.51 -51.64 -9.39
CA LEU F 305 -1.20 -50.45 -8.96
C LEU F 305 -2.18 -49.97 -10.03
N TYR F 306 -2.03 -50.52 -11.23
CA TYR F 306 -2.93 -50.24 -12.33
C TYR F 306 -3.30 -51.53 -13.09
N GLU F 307 -3.60 -52.59 -12.35
CA GLU F 307 -3.94 -53.87 -12.96
C GLU F 307 -4.88 -53.68 -14.15
N ASP F 308 -5.90 -52.85 -13.94
CA ASP F 308 -7.00 -52.72 -14.89
C ASP F 308 -6.73 -51.74 -16.05
N PHE F 309 -5.50 -51.25 -16.14
CA PHE F 309 -5.09 -50.40 -17.23
C PHE F 309 -4.25 -51.16 -18.27
N HIS F 310 -4.39 -50.81 -19.55
CA HIS F 310 -3.37 -51.19 -20.52
C HIS F 310 -2.22 -50.25 -20.28
N VAL F 311 -1.08 -50.75 -19.86
CA VAL F 311 0.08 -49.90 -19.69
C VAL F 311 1.23 -50.37 -20.57
N VAL F 312 1.43 -49.66 -21.68
CA VAL F 312 2.40 -50.03 -22.68
C VAL F 312 3.77 -49.57 -22.27
N LYS F 313 4.75 -50.46 -22.28
CA LYS F 313 6.08 -50.10 -21.83
C LYS F 313 6.94 -49.88 -23.05
N MET F 314 7.66 -48.77 -23.13
CA MET F 314 8.40 -48.42 -24.35
C MET F 314 9.90 -48.16 -24.13
N PRO F 315 10.70 -48.49 -25.16
CA PRO F 315 12.15 -48.47 -25.17
C PRO F 315 12.68 -47.08 -25.39
N LEU F 316 13.89 -46.82 -24.92
CA LEU F 316 14.57 -45.54 -25.12
C LEU F 316 15.49 -45.58 -26.32
N CYS F 317 15.01 -45.18 -27.49
CA CYS F 317 15.92 -45.07 -28.62
C CYS F 317 16.96 -44.00 -28.28
N ALA F 318 18.21 -44.25 -28.68
CA ALA F 318 19.29 -43.33 -28.38
C ALA F 318 19.14 -42.08 -29.23
N GLY F 319 19.02 -40.94 -28.56
CA GLY F 319 18.92 -39.66 -29.25
C GLY F 319 17.53 -39.30 -29.70
N GLU F 320 17.39 -38.10 -30.26
CA GLU F 320 16.10 -37.66 -30.77
C GLU F 320 15.58 -38.61 -31.82
N ILE F 321 14.30 -38.49 -32.14
CA ILE F 321 13.62 -39.47 -32.98
C ILE F 321 12.49 -38.81 -33.77
N ARG F 322 12.83 -38.34 -34.97
CA ARG F 322 11.83 -37.65 -35.76
C ARG F 322 11.92 -38.06 -37.19
N GLY F 323 10.83 -37.77 -37.92
CA GLY F 323 10.70 -38.13 -39.33
C GLY F 323 9.74 -39.29 -39.53
N LEU F 324 8.71 -39.08 -40.33
CA LEU F 324 7.65 -40.08 -40.53
C LEU F 324 8.17 -41.51 -40.51
N ASN F 325 9.13 -41.80 -41.37
CA ASN F 325 9.75 -43.11 -41.38
C ASN F 325 9.98 -43.55 -39.95
N ASN F 326 11.02 -43.00 -39.33
CA ASN F 326 11.33 -43.30 -37.92
C ASN F 326 10.12 -43.32 -36.99
N LEU F 327 9.36 -42.23 -36.96
CA LEU F 327 8.16 -42.18 -36.15
C LEU F 327 7.32 -43.41 -36.37
N THR F 328 7.08 -43.75 -37.63
CA THR F 328 6.36 -44.98 -37.90
C THR F 328 7.06 -46.19 -37.29
N LYS F 329 8.33 -46.38 -37.64
CA LYS F 329 9.07 -47.56 -37.25
C LYS F 329 9.02 -47.79 -35.76
N PHE F 330 8.91 -46.70 -35.00
CA PHE F 330 8.92 -46.76 -33.54
C PHE F 330 7.50 -46.98 -33.00
N SER F 331 6.54 -46.38 -33.69
CA SER F 331 5.15 -46.39 -33.27
C SER F 331 4.63 -47.80 -33.09
N GLN F 332 5.28 -48.78 -33.72
CA GLN F 332 4.77 -50.13 -33.74
C GLN F 332 4.65 -50.71 -32.35
N PHE F 333 5.54 -50.28 -31.46
CA PHE F 333 5.61 -50.89 -30.14
C PHE F 333 4.49 -50.45 -29.21
N LEU F 334 3.58 -49.65 -29.75
CA LEU F 334 2.33 -49.37 -29.06
C LEU F 334 1.29 -50.41 -29.48
N ASN F 335 1.57 -51.05 -30.61
CA ASN F 335 0.66 -51.99 -31.19
C ASN F 335 1.04 -53.41 -30.79
N LYS F 336 2.21 -53.84 -31.24
CA LYS F 336 2.72 -55.14 -30.83
C LYS F 336 3.77 -54.85 -29.76
N GLU F 337 3.40 -55.11 -28.50
CA GLU F 337 4.20 -54.66 -27.37
C GLU F 337 5.66 -54.97 -27.55
N TYR F 338 6.50 -53.98 -27.26
CA TYR F 338 7.94 -54.14 -27.38
C TYR F 338 8.45 -55.40 -26.65
N ASN F 339 9.67 -55.80 -26.94
CA ASN F 339 10.28 -56.95 -26.28
C ASN F 339 11.75 -57.03 -26.63
N PRO F 340 12.61 -56.66 -25.68
CA PRO F 340 14.04 -56.42 -25.86
C PRO F 340 14.78 -57.67 -26.29
N ILE F 341 14.48 -58.79 -25.63
CA ILE F 341 15.11 -60.05 -25.96
C ILE F 341 15.06 -60.27 -27.47
N THR F 342 13.85 -60.20 -28.02
CA THR F 342 13.66 -60.29 -29.45
C THR F 342 13.89 -58.96 -30.17
N ASP F 343 12.93 -58.06 -30.05
CA ASP F 343 12.90 -56.82 -30.84
C ASP F 343 14.08 -55.87 -30.65
N GLY F 344 15.16 -56.33 -30.02
CA GLY F 344 16.31 -55.47 -29.81
C GLY F 344 16.94 -55.00 -31.12
N LYS F 345 16.78 -55.79 -32.18
CA LYS F 345 17.39 -55.50 -33.48
C LYS F 345 16.88 -54.20 -34.09
N VAL F 346 15.59 -53.93 -33.95
CA VAL F 346 14.99 -52.74 -34.55
C VAL F 346 15.50 -51.45 -33.93
N ILE F 347 15.70 -51.44 -32.63
CA ILE F 347 16.04 -50.19 -31.96
C ILE F 347 17.37 -49.63 -32.41
N TYR F 348 18.29 -50.49 -32.80
CA TYR F 348 19.57 -50.04 -33.33
C TYR F 348 19.36 -49.36 -34.68
N GLU F 349 18.30 -49.76 -35.37
CA GLU F 349 17.97 -49.17 -36.65
C GLU F 349 17.71 -47.67 -36.54
N LEU F 350 17.04 -47.25 -35.47
CA LEU F 350 16.72 -45.83 -35.26
C LEU F 350 17.90 -45.08 -34.64
N GLU F 351 18.85 -45.84 -34.10
CA GLU F 351 20.00 -45.24 -33.45
C GLU F 351 21.12 -45.04 -34.46
N ASP F 352 20.93 -44.08 -35.35
CA ASP F 352 21.95 -43.73 -36.36
C ASP F 352 22.12 -42.22 -36.45
N LEU G 4 -26.43 -42.47 14.32
CA LEU G 4 -25.77 -42.21 13.04
C LEU G 4 -24.41 -41.54 13.23
N SER G 5 -24.41 -40.44 13.98
CA SER G 5 -23.16 -39.76 14.33
C SER G 5 -22.17 -40.78 14.89
N LYS G 6 -22.67 -41.92 15.33
CA LYS G 6 -21.84 -42.98 15.86
C LYS G 6 -21.10 -43.71 14.75
N LYS G 7 -21.63 -43.66 13.54
CA LYS G 7 -20.89 -44.17 12.39
C LYS G 7 -19.87 -43.14 11.91
N TYR G 8 -20.33 -41.90 11.80
CA TYR G 8 -19.44 -40.78 11.48
C TYR G 8 -18.15 -40.84 12.30
N LEU G 9 -18.26 -40.77 13.61
CA LEU G 9 -17.08 -40.86 14.46
C LEU G 9 -16.24 -42.09 14.11
N ALA G 10 -16.91 -43.23 13.93
CA ALA G 10 -16.21 -44.46 13.59
C ALA G 10 -15.28 -44.25 12.40
N LYS G 11 -15.75 -43.49 11.41
CA LYS G 11 -14.96 -43.22 10.20
C LYS G 11 -13.73 -42.38 10.48
N VAL G 12 -13.92 -41.20 11.08
CA VAL G 12 -12.79 -40.30 11.30
C VAL G 12 -11.58 -40.98 11.95
N LYS G 13 -11.83 -41.80 12.96
CA LYS G 13 -10.73 -42.59 13.50
C LYS G 13 -9.98 -43.25 12.33
N GLU G 14 -10.72 -43.92 11.47
CA GLU G 14 -10.13 -44.64 10.34
C GLU G 14 -9.27 -43.69 9.55
N ARG G 15 -9.87 -42.60 9.09
CA ARG G 15 -9.17 -41.60 8.28
C ARG G 15 -7.93 -41.08 9.02
N HIS G 16 -8.13 -40.58 10.23
CA HIS G 16 -7.04 -40.06 11.03
C HIS G 16 -5.95 -41.10 11.23
N GLU G 17 -6.33 -42.32 11.58
CA GLU G 17 -5.36 -43.39 11.82
C GLU G 17 -4.62 -43.80 10.55
N LEU G 18 -5.33 -43.93 9.44
CA LEU G 18 -4.70 -44.27 8.17
C LEU G 18 -3.76 -43.17 7.64
N LYS G 19 -4.13 -41.90 7.85
CA LYS G 19 -3.24 -40.77 7.55
C LYS G 19 -1.91 -40.89 8.30
N GLU G 20 -1.97 -40.98 9.62
CA GLU G 20 -0.77 -41.13 10.42
C GLU G 20 0.08 -42.30 10.00
N PHE G 21 -0.54 -43.42 9.65
CA PHE G 21 0.21 -44.55 9.13
C PHE G 21 0.92 -44.17 7.83
N ASN G 22 0.16 -43.70 6.85
CA ASN G 22 0.76 -43.36 5.58
C ASN G 22 1.85 -42.34 5.82
N ASN G 23 1.60 -41.38 6.69
CA ASN G 23 2.63 -40.41 7.05
C ASN G 23 3.98 -41.01 7.44
N SER G 24 3.98 -42.25 7.90
CA SER G 24 5.15 -42.77 8.54
C SER G 24 5.85 -43.80 7.69
N ILE G 25 5.47 -43.87 6.42
CA ILE G 25 6.01 -44.85 5.49
C ILE G 25 6.84 -44.18 4.42
N SER G 26 7.83 -44.88 3.87
CA SER G 26 8.54 -44.31 2.74
C SER G 26 7.68 -44.37 1.49
N ALA G 27 7.04 -43.26 1.16
CA ALA G 27 6.24 -43.19 -0.03
C ALA G 27 7.13 -43.52 -1.22
N GLN G 28 8.41 -43.24 -1.11
CA GLN G 28 9.34 -43.50 -2.20
C GLN G 28 9.83 -44.95 -2.27
N ASP G 29 9.84 -45.65 -1.14
CA ASP G 29 10.32 -47.02 -1.11
C ASP G 29 9.17 -48.03 -1.04
N ASN G 30 7.96 -47.51 -0.90
CA ASN G 30 6.76 -48.34 -0.85
C ASN G 30 5.65 -47.68 -1.67
N TYR G 31 6.00 -47.25 -2.89
CA TYR G 31 5.08 -46.47 -3.73
C TYR G 31 3.68 -47.07 -3.88
N ALA G 32 3.61 -48.36 -4.18
CA ALA G 32 2.33 -48.98 -4.43
C ALA G 32 1.45 -48.75 -3.23
N LYS G 33 1.97 -49.18 -2.07
CA LYS G 33 1.26 -49.14 -0.79
C LYS G 33 0.88 -47.70 -0.45
N TRP G 34 1.85 -46.82 -0.48
CA TRP G 34 1.56 -45.44 -0.19
C TRP G 34 0.35 -44.93 -0.99
N THR G 35 0.28 -45.28 -2.26
CA THR G 35 -0.79 -44.71 -3.08
C THR G 35 -2.16 -45.29 -2.75
N LYS G 36 -2.27 -46.62 -2.75
CA LYS G 36 -3.53 -47.25 -2.40
C LYS G 36 -4.00 -46.65 -1.11
N ASN G 37 -3.10 -46.43 -0.18
CA ASN G 37 -3.53 -45.84 1.07
C ASN G 37 -4.05 -44.42 0.85
N ASN G 38 -3.45 -43.72 -0.09
CA ASN G 38 -3.84 -42.34 -0.35
C ASN G 38 -5.18 -42.35 -1.00
N ARG G 39 -5.37 -43.28 -1.93
CA ARG G 39 -6.66 -43.42 -2.59
C ARG G 39 -7.70 -43.61 -1.49
N LYS G 40 -7.53 -44.69 -0.73
CA LYS G 40 -8.43 -44.99 0.38
C LYS G 40 -8.64 -43.74 1.22
N LEU G 41 -7.53 -43.08 1.58
CA LEU G 41 -7.62 -41.83 2.34
C LEU G 41 -8.62 -40.86 1.70
N ASP G 42 -8.46 -40.62 0.41
CA ASP G 42 -9.37 -39.73 -0.30
C ASP G 42 -10.78 -40.29 -0.23
N SER G 43 -10.91 -41.60 -0.38
CA SER G 43 -12.22 -42.23 -0.32
C SER G 43 -12.96 -41.81 0.93
N LEU G 44 -12.32 -41.97 2.08
CA LEU G 44 -12.96 -41.65 3.35
C LEU G 44 -13.36 -40.19 3.49
N ASP G 45 -12.62 -39.30 2.86
CA ASP G 45 -12.93 -37.88 2.96
C ASP G 45 -14.32 -37.60 2.41
N LYS G 46 -14.67 -38.31 1.33
CA LYS G 46 -15.93 -38.09 0.64
C LYS G 46 -17.11 -38.81 1.30
N GLU G 47 -16.85 -39.97 1.88
CA GLU G 47 -17.88 -40.68 2.63
C GLU G 47 -18.30 -39.88 3.83
N ILE G 48 -17.35 -39.12 4.37
CA ILE G 48 -17.62 -38.30 5.54
C ILE G 48 -18.63 -37.19 5.25
N ASN G 49 -18.29 -36.32 4.29
CA ASN G 49 -19.16 -35.19 3.99
C ASN G 49 -20.59 -35.60 3.65
N ASN G 50 -20.75 -36.71 2.96
CA ASN G 50 -22.08 -37.26 2.75
C ASN G 50 -22.76 -37.41 4.10
N LEU G 51 -22.02 -37.91 5.08
CA LEU G 51 -22.49 -38.01 6.45
C LEU G 51 -22.76 -36.63 7.02
N LYS G 52 -21.68 -35.90 7.25
CA LYS G 52 -21.76 -34.56 7.81
C LYS G 52 -23.02 -33.82 7.38
N ASP G 53 -23.26 -33.77 6.08
CA ASP G 53 -24.39 -33.03 5.52
C ASP G 53 -25.75 -33.56 5.96
N GLU G 54 -25.86 -34.88 6.13
CA GLU G 54 -27.07 -35.45 6.70
C GLU G 54 -27.28 -34.83 8.07
N ILE G 55 -26.29 -35.05 8.93
CA ILE G 55 -26.28 -34.51 10.28
C ILE G 55 -26.57 -33.01 10.31
N GLN G 56 -26.32 -32.34 9.19
CA GLN G 56 -26.53 -30.90 9.11
C GLN G 56 -28.01 -30.55 9.30
N SER G 57 -28.88 -31.54 9.20
CA SER G 57 -30.32 -31.32 9.32
C SER G 57 -30.81 -31.46 10.76
N LEU H 4 -0.91 10.45 -32.26
CA LEU H 4 -0.55 9.41 -31.29
C LEU H 4 -0.94 8.03 -31.79
N SER H 5 -2.20 7.88 -32.18
CA SER H 5 -2.67 6.62 -32.78
C SER H 5 -1.73 6.20 -33.91
N LYS H 6 -0.95 7.16 -34.39
CA LYS H 6 0.01 6.89 -35.46
C LYS H 6 1.24 6.15 -34.93
N LYS H 7 1.51 6.28 -33.63
CA LYS H 7 2.54 5.47 -32.99
C LYS H 7 1.99 4.08 -32.66
N TYR H 8 0.79 4.05 -32.08
CA TYR H 8 0.07 2.80 -31.82
C TYR H 8 0.10 1.87 -33.04
N LEU H 9 -0.43 2.33 -34.17
CA LEU H 9 -0.40 1.51 -35.38
C LEU H 9 1.03 1.06 -35.71
N ALA H 10 1.98 1.98 -35.59
CA ALA H 10 3.37 1.65 -35.86
C ALA H 10 3.80 0.41 -35.07
N LYS H 11 3.36 0.32 -33.82
CA LYS H 11 3.71 -0.80 -32.95
C LYS H 11 3.12 -2.12 -33.44
N VAL H 12 1.80 -2.16 -33.61
CA VAL H 12 1.14 -3.41 -33.98
C VAL H 12 1.77 -4.12 -35.19
N LYS H 13 2.16 -3.35 -36.20
CA LYS H 13 2.91 -3.94 -37.29
C LYS H 13 4.08 -4.72 -36.70
N GLU H 14 4.86 -4.07 -35.85
CA GLU H 14 6.03 -4.69 -35.22
C GLU H 14 5.63 -6.01 -34.57
N ARG H 15 4.66 -5.93 -33.65
CA ARG H 15 4.17 -7.11 -32.95
C ARG H 15 3.73 -8.19 -33.93
N HIS H 16 2.78 -7.83 -34.80
CA HIS H 16 2.26 -8.79 -35.77
C HIS H 16 3.37 -9.40 -36.62
N GLU H 17 4.28 -8.56 -37.12
CA GLU H 17 5.38 -9.03 -37.96
C GLU H 17 6.36 -9.93 -37.20
N LEU H 18 6.72 -9.53 -35.99
CA LEU H 18 7.60 -10.34 -35.16
C LEU H 18 6.99 -11.69 -34.76
N LYS H 19 5.69 -11.69 -34.46
CA LYS H 19 4.96 -12.95 -34.23
C LYS H 19 5.07 -13.93 -35.41
N GLU H 20 4.68 -13.48 -36.60
CA GLU H 20 4.80 -14.31 -37.80
C GLU H 20 6.22 -14.83 -38.04
N PHE H 21 7.22 -13.99 -37.79
CA PHE H 21 8.60 -14.44 -37.89
C PHE H 21 8.88 -15.54 -36.87
N ASN H 22 8.61 -15.28 -35.61
CA ASN H 22 8.85 -16.28 -34.59
C ASN H 22 8.07 -17.56 -34.90
N ASN H 23 6.85 -17.41 -35.38
CA ASN H 23 6.05 -18.55 -35.82
C ASN H 23 6.74 -19.46 -36.85
N SER H 24 7.71 -18.93 -37.57
CA SER H 24 8.22 -19.65 -38.69
C SER H 24 9.62 -20.17 -38.44
N ILE H 25 10.03 -20.20 -37.19
CA ILE H 25 11.39 -20.58 -36.82
C ILE H 25 11.35 -21.84 -36.02
N SER H 26 12.40 -22.65 -36.05
CA SER H 26 12.42 -23.80 -35.14
C SER H 26 12.72 -23.32 -33.74
N ALA H 27 11.70 -23.20 -32.91
CA ALA H 27 11.91 -22.84 -31.52
C ALA H 27 12.81 -23.87 -30.84
N GLN H 28 12.82 -25.10 -31.34
CA GLN H 28 13.64 -26.15 -30.77
C GLN H 28 15.07 -26.16 -31.27
N ASP H 29 15.31 -25.64 -32.47
CA ASP H 29 16.65 -25.62 -33.02
C ASP H 29 17.30 -24.24 -32.95
N ASN H 30 16.51 -23.26 -32.52
CA ASN H 30 16.99 -21.91 -32.31
C ASN H 30 16.46 -21.33 -31.01
N TYR H 31 16.58 -22.10 -29.92
CA TYR H 31 15.94 -21.75 -28.67
C TYR H 31 16.20 -20.35 -28.17
N ALA H 32 17.47 -19.94 -28.21
CA ALA H 32 17.87 -18.66 -27.67
C ALA H 32 17.05 -17.60 -28.34
N LYS H 33 17.11 -17.63 -29.69
CA LYS H 33 16.48 -16.64 -30.58
C LYS H 33 14.96 -16.63 -30.41
N TRP H 34 14.38 -17.81 -30.49
CA TRP H 34 12.95 -17.93 -30.26
C TRP H 34 12.52 -17.24 -28.98
N THR H 35 13.28 -17.39 -27.90
CA THR H 35 12.84 -16.84 -26.64
C THR H 35 12.96 -15.33 -26.56
N LYS H 36 14.15 -14.81 -26.86
CA LYS H 36 14.31 -13.37 -26.87
C LYS H 36 13.17 -12.77 -27.69
N ASN H 37 12.88 -13.37 -28.84
CA ASN H 37 11.78 -12.87 -29.65
C ASN H 37 10.46 -12.93 -28.90
N ASN H 38 10.28 -13.96 -28.08
CA ASN H 38 9.02 -14.10 -27.36
C ASN H 38 8.97 -13.06 -26.30
N ARG H 39 10.09 -12.86 -25.61
CA ARG H 39 10.20 -11.82 -24.60
C ARG H 39 9.77 -10.51 -25.27
N LYS H 40 10.53 -10.11 -26.28
CA LYS H 40 10.21 -8.90 -27.03
C LYS H 40 8.74 -8.87 -27.39
N LEU H 41 8.23 -9.99 -27.91
CA LEU H 41 6.82 -10.10 -28.24
C LEU H 41 5.94 -9.69 -27.05
N ASP H 42 6.22 -10.27 -25.89
CA ASP H 42 5.47 -9.91 -24.69
C ASP H 42 5.64 -8.43 -24.39
N SER H 43 6.85 -7.93 -24.53
CA SER H 43 7.12 -6.53 -24.27
C SER H 43 6.12 -5.64 -25.01
N LEU H 44 6.00 -5.84 -26.31
CA LEU H 44 5.13 -5.02 -27.15
C LEU H 44 3.67 -5.10 -26.74
N ASP H 45 3.24 -6.24 -26.23
CA ASP H 45 1.84 -6.40 -25.83
C ASP H 45 1.48 -5.38 -24.75
N LYS H 46 2.44 -5.11 -23.86
CA LYS H 46 2.21 -4.24 -22.72
C LYS H 46 2.37 -2.77 -23.07
N GLU H 47 3.29 -2.46 -23.99
CA GLU H 47 3.44 -1.09 -24.46
C GLU H 47 2.19 -0.64 -25.19
N ILE H 48 1.53 -1.59 -25.83
CA ILE H 48 0.30 -1.29 -26.55
C ILE H 48 -0.81 -0.82 -25.62
N ASN H 49 -1.20 -1.67 -24.68
CA ASN H 49 -2.31 -1.32 -23.79
C ASN H 49 -2.14 0.00 -23.08
N ASN H 50 -0.92 0.32 -22.69
CA ASN H 50 -0.64 1.64 -22.15
C ASN H 50 -1.12 2.69 -23.15
N LEU H 51 -0.86 2.44 -24.43
CA LEU H 51 -1.35 3.28 -25.51
C LEU H 51 -2.87 3.23 -25.56
N LYS H 52 -3.38 2.09 -25.98
CA LYS H 52 -4.81 1.88 -26.11
C LYS H 52 -5.61 2.66 -25.07
N ASP H 53 -5.24 2.50 -23.80
CA ASP H 53 -5.97 3.13 -22.69
C ASP H 53 -5.93 4.66 -22.73
N GLU H 54 -4.82 5.23 -23.17
CA GLU H 54 -4.75 6.67 -23.39
C GLU H 54 -5.85 7.03 -24.39
N ILE H 55 -5.72 6.45 -25.58
CA ILE H 55 -6.70 6.63 -26.65
C ILE H 55 -8.14 6.42 -26.18
N GLN H 56 -8.31 5.67 -25.11
CA GLN H 56 -9.64 5.37 -24.57
C GLN H 56 -10.35 6.66 -24.12
N SER H 57 -9.60 7.74 -23.97
CA SER H 57 -10.15 9.00 -23.49
C SER H 57 -10.62 9.89 -24.64
ZN ZN I . 14.24 15.53 8.88
ZN ZN J . 24.61 -44.66 -21.00
#